data_4DFE
#
_entry.id   4DFE
#
_cell.length_a   57.990
_cell.length_b   67.030
_cell.length_c   89.200
_cell.angle_alpha   113.720
_cell.angle_beta   89.980
_cell.angle_gamma   100.250
#
_symmetry.space_group_name_H-M   'P 1'
#
loop_
_entity.id
_entity.type
_entity.pdbx_description
1 polymer '3-oxoacyl-[acyl-carrier-protein] synthase 3'
2 non-polymer 1,2-ETHANEDIOL
3 water water
#
_entity_poly.entity_id   1
_entity_poly.type   'polypeptide(L)'
_entity_poly.pdbx_seq_one_letter_code
;GPGSMAQSTIYSRVLGTGSYLPPNRVTNQDLAKRLAEQGIETSDEWIVARTGIHARYFAEPDVTTSDLAFIASQRAIEAA
DIDPQSIDLIIVATSTPDFVFPSTACLLQNKLGIRNHGAAFDVQAV(CSO)SGFAYAVATADSFIRSGQHRTALVIGAET
FSRILDFKDRTTCVLFGDGAGAVILQASDEPGVLASALHADGSHSNILCTPGNVNGGVVSGSAFLHMDGQAVFKLAVNVL
EKVAVEALEKANLSAEQIDWLIPHQANIRIMQSTCRKLGLPQERMIVTVGEHGNTSAASIPLALDVAVRDGRIKRGQNVL
IEGVGGGFTWGASVIRY
;
_entity_poly.pdbx_strand_id   A,B,C,D
#
loop_
_chem_comp.id
_chem_comp.type
_chem_comp.name
_chem_comp.formula
EDO non-polymer 1,2-ETHANEDIOL 'C2 H6 O2'
#
# COMPACT_ATOMS: atom_id res chain seq x y z
N THR A 9 16.45 10.96 3.41
CA THR A 9 15.90 11.05 2.00
C THR A 9 14.50 10.42 1.88
N ILE A 10 14.01 9.86 2.96
CA ILE A 10 12.60 9.48 3.06
C ILE A 10 11.84 10.58 3.81
N TYR A 11 10.71 10.98 3.25
CA TYR A 11 9.82 11.97 3.87
C TYR A 11 8.41 11.39 4.05
N SER A 12 7.59 12.08 4.83
CA SER A 12 6.20 11.66 5.06
C SER A 12 5.26 12.57 4.30
N ARG A 13 4.55 12.02 3.32
CA ARG A 13 3.59 12.81 2.54
C ARG A 13 2.15 12.45 2.91
N VAL A 14 1.28 13.46 2.96
CA VAL A 14 -0.15 13.28 3.28
C VAL A 14 -0.89 12.67 2.08
N LEU A 15 -1.27 11.41 2.18
CA LEU A 15 -2.00 10.78 1.09
C LEU A 15 -3.48 11.12 1.12
N GLY A 16 -4.00 11.34 2.32
CA GLY A 16 -5.44 11.61 2.46
C GLY A 16 -5.81 12.13 3.82
N THR A 17 -6.94 12.83 3.88
CA THR A 17 -7.47 13.34 5.12
C THR A 17 -8.91 12.87 5.30
N GLY A 18 -9.35 12.81 6.55
CA GLY A 18 -10.75 12.51 6.86
C GLY A 18 -11.13 13.01 8.23
N SER A 19 -12.42 13.26 8.41
CA SER A 19 -12.91 13.72 9.70
C SER A 19 -14.34 13.31 9.97
N TYR A 20 -14.77 13.52 11.21
CA TYR A 20 -16.14 13.21 11.60
C TYR A 20 -16.58 13.96 12.84
N LEU A 21 -17.80 14.46 12.77
CA LEU A 21 -18.48 15.05 13.91
C LEU A 21 -19.71 14.21 14.21
N PRO A 22 -19.98 13.94 15.50
CA PRO A 22 -21.20 13.18 15.79
C PRO A 22 -22.43 14.02 15.42
N PRO A 23 -23.60 13.37 15.26
CA PRO A 23 -24.76 14.04 14.68
C PRO A 23 -25.43 15.13 15.52
N ASN A 24 -25.31 15.10 16.84
CA ASN A 24 -25.98 16.13 17.68
C ASN A 24 -25.21 17.46 17.68
N ARG A 25 -25.64 18.36 16.81
CA ARG A 25 -25.14 19.73 16.79
C ARG A 25 -25.79 20.49 17.91
N VAL A 26 -24.96 21.02 18.81
CA VAL A 26 -25.42 21.73 19.98
C VAL A 26 -25.07 23.20 19.82
N THR A 27 -26.10 24.01 19.56
CA THR A 27 -25.93 25.45 19.38
C THR A 27 -25.70 26.14 20.73
N ASN A 28 -25.27 27.39 20.68
CA ASN A 28 -25.11 28.18 21.90
C ASN A 28 -26.43 28.33 22.63
N GLN A 29 -27.52 28.50 21.90
CA GLN A 29 -28.82 28.63 22.51
C GLN A 29 -29.19 27.33 23.21
N ASP A 30 -28.95 26.19 22.54
CA ASP A 30 -29.22 24.88 23.14
C ASP A 30 -28.54 24.81 24.51
N LEU A 31 -27.28 25.24 24.56
CA LEU A 31 -26.47 25.11 25.79
C LEU A 31 -26.92 26.08 26.87
N ALA A 32 -27.11 27.34 26.49
CA ALA A 32 -27.60 28.36 27.43
C ALA A 32 -28.94 27.96 28.10
N LYS A 33 -29.90 27.49 27.29
CA LYS A 33 -31.14 26.93 27.83
C LYS A 33 -30.86 25.78 28.80
N ARG A 34 -29.97 24.86 28.41
CA ARG A 34 -29.67 23.67 29.23
C ARG A 34 -29.27 24.05 30.64
N LEU A 35 -28.25 24.89 30.76
CA LEU A 35 -27.84 25.35 32.07
C LEU A 35 -29.03 26.03 32.80
N ALA A 36 -29.77 26.85 32.07
CA ALA A 36 -30.82 27.66 32.67
C ALA A 36 -31.75 26.82 33.55
N ILE A 40 -27.47 28.07 36.51
CA ILE A 40 -26.30 28.74 35.91
C ILE A 40 -26.69 29.55 34.67
N GLU A 41 -26.07 30.73 34.52
CA GLU A 41 -26.51 31.77 33.57
C GLU A 41 -25.47 32.11 32.48
N THR A 42 -25.88 31.97 31.22
CA THR A 42 -25.02 32.34 30.11
C THR A 42 -25.87 32.71 28.90
N SER A 43 -25.24 33.07 27.78
CA SER A 43 -26.00 33.40 26.56
C SER A 43 -25.17 33.30 25.28
N ASP A 44 -25.87 33.24 24.15
CA ASP A 44 -25.22 33.18 22.83
C ASP A 44 -24.24 34.35 22.68
N GLU A 45 -24.70 35.55 22.98
CA GLU A 45 -23.84 36.74 22.91
C GLU A 45 -22.58 36.59 23.80
N TRP A 46 -22.75 36.10 25.01
CA TRP A 46 -21.64 35.99 25.94
C TRP A 46 -20.59 35.00 25.48
N ILE A 47 -21.05 33.90 24.89
CA ILE A 47 -20.18 32.82 24.44
C ILE A 47 -19.39 33.25 23.20
N VAL A 48 -20.05 33.92 22.27
CA VAL A 48 -19.40 34.44 21.05
C VAL A 48 -18.37 35.51 21.42
N ALA A 49 -18.74 36.41 22.33
CA ALA A 49 -17.83 37.47 22.75
C ALA A 49 -16.59 36.85 23.36
N ARG A 50 -16.78 35.87 24.23
CA ARG A 50 -15.68 35.25 24.94
C ARG A 50 -14.79 34.39 24.02
N THR A 51 -15.40 33.63 23.12
CA THR A 51 -14.73 32.49 22.48
C THR A 51 -14.74 32.44 20.95
N GLY A 52 -15.74 33.07 20.34
CA GLY A 52 -15.97 32.97 18.88
C GLY A 52 -16.73 31.72 18.47
N ILE A 53 -17.25 30.99 19.44
CA ILE A 53 -17.99 29.74 19.19
C ILE A 53 -19.49 29.96 19.03
N HIS A 54 -20.09 29.35 18.02
CA HIS A 54 -21.55 29.39 17.82
C HIS A 54 -22.17 28.04 18.05
N ALA A 55 -21.45 26.98 17.69
CA ALA A 55 -21.92 25.60 17.86
C ALA A 55 -20.77 24.66 18.22
N ARG A 56 -21.13 23.48 18.71
CA ARG A 56 -20.18 22.37 18.84
C ARG A 56 -20.97 21.09 18.77
N TYR A 57 -20.28 19.96 18.75
CA TYR A 57 -20.93 18.68 18.60
C TYR A 57 -20.63 17.76 19.78
N PHE A 58 -21.69 17.15 20.33
CA PHE A 58 -21.56 16.18 21.41
C PHE A 58 -21.95 14.78 20.95
N ALA A 59 -21.07 13.82 21.23
CA ALA A 59 -21.40 12.41 21.12
C ALA A 59 -22.51 12.04 22.12
N GLU A 60 -23.36 11.07 21.78
CA GLU A 60 -24.14 10.40 22.78
C GLU A 60 -23.19 9.75 23.79
N PRO A 61 -23.58 9.70 25.08
CA PRO A 61 -22.64 9.20 26.09
C PRO A 61 -22.27 7.69 25.89
N ASP A 62 -23.05 7.05 25.02
CA ASP A 62 -23.01 5.70 24.48
C ASP A 62 -21.93 5.51 23.37
N VAL A 63 -21.45 6.61 22.83
CA VAL A 63 -20.57 6.63 21.68
C VAL A 63 -19.17 7.11 22.11
N THR A 64 -18.13 6.35 21.73
CA THR A 64 -16.78 6.52 22.29
C THR A 64 -15.86 7.21 21.28
N THR A 65 -14.66 7.55 21.76
CA THR A 65 -13.64 8.16 20.93
C THR A 65 -13.23 7.28 19.72
N SER A 66 -13.20 5.98 19.92
CA SER A 66 -12.81 5.08 18.84
C SER A 66 -13.93 4.98 17.77
N ASP A 67 -15.19 5.09 18.19
CA ASP A 67 -16.32 5.21 17.25
C ASP A 67 -16.11 6.41 16.32
N LEU A 68 -15.82 7.57 16.91
CA LEU A 68 -15.57 8.76 16.11
C LEU A 68 -14.35 8.53 15.23
N ALA A 69 -13.31 7.95 15.81
CA ALA A 69 -12.04 7.68 15.11
C ALA A 69 -12.22 6.78 13.88
N PHE A 70 -13.00 5.72 14.04
CA PHE A 70 -13.35 4.80 12.96
C PHE A 70 -13.89 5.49 11.70
N ILE A 71 -14.84 6.41 11.86
CA ILE A 71 -15.47 7.05 10.70
C ILE A 71 -14.46 8.02 10.02
N ALA A 72 -13.71 8.79 10.80
CA ALA A 72 -12.72 9.73 10.28
C ALA A 72 -11.65 8.96 9.51
N SER A 73 -11.25 7.82 10.05
CA SER A 73 -10.25 6.96 9.42
C SER A 73 -10.76 6.39 8.12
N GLN A 74 -11.97 5.85 8.14
CA GLN A 74 -12.58 5.35 6.90
C GLN A 74 -12.49 6.42 5.80
N ARG A 75 -12.85 7.64 6.15
CA ARG A 75 -12.85 8.71 5.16
C ARG A 75 -11.43 9.08 4.67
N ALA A 76 -10.44 8.96 5.55
CA ALA A 76 -9.06 9.18 5.15
C ALA A 76 -8.61 8.08 4.22
N ILE A 77 -8.96 6.85 4.58
CA ILE A 77 -8.61 5.71 3.78
C ILE A 77 -9.19 5.87 2.37
N GLU A 78 -10.45 6.30 2.29
CA GLU A 78 -11.10 6.58 0.99
C GLU A 78 -10.34 7.65 0.19
N ALA A 79 -10.00 8.78 0.82
CA ALA A 79 -9.25 9.85 0.12
C ALA A 79 -7.87 9.36 -0.36
N ALA A 80 -7.19 8.62 0.50
CA ALA A 80 -5.89 8.06 0.15
C ALA A 80 -5.99 7.02 -0.98
N ASP A 81 -7.16 6.38 -1.07
CA ASP A 81 -7.38 5.32 -2.05
C ASP A 81 -6.44 4.12 -1.82
N ILE A 82 -6.20 3.75 -0.58
CA ILE A 82 -5.30 2.63 -0.29
C ILE A 82 -6.05 1.43 0.27
N ASP A 83 -5.39 0.30 0.20
CA ASP A 83 -5.85 -0.89 0.86
C ASP A 83 -5.69 -0.68 2.38
N PRO A 84 -6.76 -0.86 3.16
CA PRO A 84 -6.57 -0.76 4.60
C PRO A 84 -5.43 -1.62 5.15
N GLN A 85 -5.17 -2.76 4.54
CA GLN A 85 -4.11 -3.67 5.00
C GLN A 85 -2.70 -3.13 4.79
N SER A 86 -2.57 -2.01 4.11
CA SER A 86 -1.25 -1.42 3.86
C SER A 86 -0.85 -0.41 4.94
N ILE A 87 -1.77 -0.11 5.85
CA ILE A 87 -1.46 0.77 6.98
C ILE A 87 -0.70 -0.03 8.03
N ASP A 88 0.57 0.32 8.28
CA ASP A 88 1.42 -0.49 9.20
C ASP A 88 1.74 0.26 10.47
N LEU A 89 1.06 1.37 10.69
CA LEU A 89 1.22 2.11 11.93
C LEU A 89 -0.03 2.92 12.19
N ILE A 90 -0.54 2.85 13.41
CA ILE A 90 -1.64 3.69 13.84
C ILE A 90 -1.26 4.40 15.13
N ILE A 91 -1.26 5.73 15.12
CA ILE A 91 -1.09 6.51 16.35
C ILE A 91 -2.32 7.39 16.57
N VAL A 92 -2.96 7.19 17.73
CA VAL A 92 -4.09 8.06 18.17
C VAL A 92 -3.70 9.02 19.30
N ALA A 93 -3.84 10.32 19.04
CA ALA A 93 -3.75 11.33 20.09
C ALA A 93 -5.16 11.54 20.67
N THR A 94 -5.30 11.22 21.96
CA THR A 94 -6.54 11.45 22.70
C THR A 94 -6.27 11.56 24.20
N SER A 95 -7.16 12.24 24.89
CA SER A 95 -7.15 12.29 26.32
C SER A 95 -8.49 11.75 26.89
N THR A 96 -9.30 11.14 26.02
CA THR A 96 -10.57 10.51 26.40
C THR A 96 -10.68 9.12 25.70
N PRO A 97 -9.69 8.24 25.94
CA PRO A 97 -9.73 6.92 25.32
C PRO A 97 -10.93 6.11 25.81
N ASP A 98 -11.43 5.19 24.96
CA ASP A 98 -12.61 4.35 25.33
C ASP A 98 -12.39 3.73 26.70
N PHE A 99 -11.21 3.16 26.92
CA PHE A 99 -10.95 2.35 28.12
C PHE A 99 -9.63 2.73 28.79
N VAL A 100 -9.52 2.39 30.08
CA VAL A 100 -8.28 2.57 30.79
C VAL A 100 -7.17 1.89 30.02
N PHE A 101 -7.46 0.67 29.60
CA PHE A 101 -6.75 0.01 28.52
C PHE A 101 -7.65 -1.14 28.02
N PRO A 102 -7.39 -1.68 26.81
CA PRO A 102 -6.31 -1.28 25.90
C PRO A 102 -6.54 0.05 25.18
N SER A 103 -5.53 0.43 24.39
CA SER A 103 -5.51 1.71 23.67
C SER A 103 -6.60 1.83 22.64
N THR A 104 -7.00 3.09 22.41
CA THR A 104 -7.91 3.45 21.34
C THR A 104 -7.36 3.00 19.96
N ALA A 105 -6.07 3.10 19.77
CA ALA A 105 -5.51 2.74 18.49
C ALA A 105 -5.78 1.25 18.20
N CYS A 106 -5.64 0.43 19.23
CA CYS A 106 -5.86 -1.00 19.08
C CYS A 106 -7.28 -1.30 18.72
N LEU A 107 -8.22 -0.60 19.36
CA LEU A 107 -9.66 -0.77 19.05
C LEU A 107 -9.93 -0.31 17.64
N LEU A 108 -9.32 0.81 17.25
CA LEU A 108 -9.48 1.34 15.90
C LEU A 108 -8.94 0.37 14.83
N GLN A 109 -7.79 -0.24 15.10
CA GLN A 109 -7.20 -1.27 14.23
C GLN A 109 -8.20 -2.36 13.92
N ASN A 110 -8.85 -2.87 14.96
CA ASN A 110 -9.78 -3.96 14.79
C ASN A 110 -11.05 -3.49 14.07
N LYS A 111 -11.52 -2.29 14.41
CA LYS A 111 -12.70 -1.74 13.75
C LYS A 111 -12.49 -1.60 12.25
N LEU A 112 -11.27 -1.23 11.85
CA LEU A 112 -10.91 -1.18 10.44
C LEU A 112 -10.63 -2.55 9.83
N GLY A 113 -10.64 -3.61 10.63
CA GLY A 113 -10.37 -4.95 10.09
C GLY A 113 -8.95 -5.16 9.59
N ILE A 114 -7.99 -4.49 10.24
CA ILE A 114 -6.59 -4.57 9.82
C ILE A 114 -5.96 -5.76 10.50
N ARG A 115 -5.40 -6.66 9.70
CA ARG A 115 -4.94 -7.97 10.16
C ARG A 115 -3.43 -8.14 10.06
N ASN A 116 -2.70 -7.05 9.81
CA ASN A 116 -1.24 -7.14 9.53
C ASN A 116 -0.34 -7.04 10.78
N HIS A 117 -0.94 -6.97 11.94
CA HIS A 117 -0.21 -6.89 13.21
C HIS A 117 0.64 -5.64 13.40
N GLY A 118 0.36 -4.59 12.64
CA GLY A 118 1.17 -3.37 12.72
C GLY A 118 1.06 -2.72 14.08
N ALA A 119 2.05 -1.91 14.42
CA ALA A 119 2.06 -1.24 15.72
C ALA A 119 0.87 -0.28 15.86
N ALA A 120 0.28 -0.25 17.03
CA ALA A 120 -0.82 0.67 17.32
C ALA A 120 -0.72 1.15 18.79
N PHE A 121 -0.68 2.46 18.98
CA PHE A 121 -0.65 3.06 20.34
C PHE A 121 -1.25 4.47 20.43
N ASP A 122 -1.56 4.88 21.65
CA ASP A 122 -2.01 6.21 21.93
C ASP A 122 -0.87 7.05 22.55
N VAL A 123 -0.90 8.35 22.28
CA VAL A 123 -0.04 9.32 22.92
C VAL A 123 -0.89 10.37 23.64
N GLN A 124 -0.38 10.86 24.77
CA GLN A 124 -1.05 11.88 25.59
C GLN A 124 -0.25 13.22 25.68
N ALA A 125 -0.68 14.22 24.92
CA ALA A 125 -0.19 15.58 25.09
C ALA A 125 -1.37 16.56 24.99
N VAL A 126 -2.58 16.03 25.25
CA VAL A 126 -3.83 16.79 25.34
C VAL A 126 -4.03 17.58 24.05
N CSO A 127 -4.36 18.88 24.14
CA CSO A 127 -4.69 19.62 22.91
CB CSO A 127 -5.26 20.99 23.24
SG CSO A 127 -6.70 20.97 24.37
C CSO A 127 -3.47 19.73 21.93
O CSO A 127 -3.69 20.09 20.77
N SER A 128 -2.24 19.44 22.37
CA SER A 128 -1.08 19.38 21.48
C SER A 128 -0.86 17.97 20.92
N GLY A 129 -1.77 17.06 21.25
CA GLY A 129 -1.66 15.65 20.92
C GLY A 129 -1.38 15.34 19.45
N PHE A 130 -2.08 16.01 18.54
CA PHE A 130 -1.93 15.73 17.11
C PHE A 130 -0.53 16.10 16.61
N ALA A 131 0.01 17.23 17.06
CA ALA A 131 1.40 17.63 16.74
C ALA A 131 2.37 16.55 17.21
N TYR A 132 2.12 16.06 18.42
CA TYR A 132 2.96 15.02 18.99
C TYR A 132 2.88 13.74 18.15
N ALA A 133 1.66 13.38 17.76
CA ALA A 133 1.39 12.18 16.96
C ALA A 133 1.99 12.28 15.56
N VAL A 134 1.81 13.42 14.90
CA VAL A 134 2.43 13.70 13.60
C VAL A 134 3.93 13.62 13.65
N ALA A 135 4.53 14.20 14.67
CA ALA A 135 5.99 14.24 14.74
C ALA A 135 6.49 12.81 14.97
N THR A 136 5.75 12.00 15.71
CA THR A 136 6.18 10.63 16.01
C THR A 136 6.11 9.72 14.76
N ALA A 137 4.95 9.71 14.11
CA ALA A 137 4.79 9.01 12.87
C ALA A 137 5.88 9.43 11.89
N ASP A 138 6.04 10.74 11.69
CA ASP A 138 7.03 11.25 10.76
C ASP A 138 8.36 10.59 11.07
N SER A 139 8.72 10.53 12.33
CA SER A 139 10.03 9.97 12.71
C SER A 139 10.13 8.47 12.32
N PHE A 140 9.07 7.74 12.52
CA PHE A 140 9.02 6.34 12.14
C PHE A 140 9.12 6.13 10.65
N ILE A 141 8.46 6.98 9.86
CA ILE A 141 8.48 6.85 8.41
C ILE A 141 9.85 7.27 7.84
N ARG A 142 10.37 8.40 8.29
CA ARG A 142 11.67 8.92 7.79
C ARG A 142 12.83 7.92 7.97
N SER A 143 12.81 7.17 9.05
CA SER A 143 13.86 6.17 9.34
C SER A 143 13.77 4.90 8.54
N GLY A 144 12.64 4.66 7.89
CA GLY A 144 12.42 3.43 7.13
C GLY A 144 11.61 2.36 7.86
N GLN A 145 11.27 2.59 9.13
CA GLN A 145 10.70 1.52 9.95
C GLN A 145 9.23 1.27 9.68
N HIS A 146 8.52 2.31 9.27
CA HIS A 146 7.15 2.17 8.87
C HIS A 146 6.97 2.89 7.58
N ARG A 147 5.93 2.53 6.86
CA ARG A 147 5.77 2.99 5.48
C ARG A 147 4.52 3.84 5.34
N THR A 148 3.40 3.37 5.91
CA THR A 148 2.11 4.06 5.83
C THR A 148 1.48 4.15 7.21
N ALA A 149 1.36 5.38 7.76
CA ALA A 149 0.80 5.61 9.11
C ALA A 149 -0.55 6.30 9.01
N LEU A 150 -1.48 5.84 9.84
CA LEU A 150 -2.74 6.52 10.13
C LEU A 150 -2.58 7.27 11.43
N VAL A 151 -2.74 8.60 11.33
CA VAL A 151 -2.52 9.47 12.47
C VAL A 151 -3.81 10.18 12.82
N ILE A 152 -4.26 10.01 14.05
CA ILE A 152 -5.59 10.41 14.49
C ILE A 152 -5.52 11.37 15.66
N GLY A 153 -6.37 12.38 15.60
CA GLY A 153 -6.75 13.13 16.79
C GLY A 153 -8.21 12.86 16.99
N ALA A 154 -8.58 12.38 18.18
CA ALA A 154 -9.96 12.05 18.46
C ALA A 154 -10.33 12.34 19.94
N GLU A 155 -11.48 12.99 20.19
CA GLU A 155 -11.96 13.21 21.57
C GLU A 155 -13.48 13.09 21.74
N THR A 156 -13.87 12.58 22.91
CA THR A 156 -15.22 12.75 23.43
C THR A 156 -15.15 13.60 24.70
N PHE A 157 -14.71 14.86 24.57
CA PHE A 157 -14.50 15.75 25.71
C PHE A 157 -15.77 16.10 26.47
N SER A 158 -16.91 15.86 25.89
CA SER A 158 -18.15 16.00 26.65
C SER A 158 -18.18 15.08 27.90
N ARG A 159 -17.40 14.00 27.91
CA ARG A 159 -17.38 13.07 29.05
C ARG A 159 -16.67 13.61 30.29
N ILE A 160 -15.89 14.67 30.12
CA ILE A 160 -15.10 15.21 31.21
C ILE A 160 -15.45 16.67 31.46
N LEU A 161 -16.59 17.13 30.94
CA LEU A 161 -17.03 18.50 31.15
C LEU A 161 -17.92 18.59 32.37
N ASP A 162 -17.66 19.56 33.22
CA ASP A 162 -18.63 19.94 34.26
C ASP A 162 -19.65 20.96 33.71
N PHE A 163 -20.89 20.54 33.50
CA PHE A 163 -21.91 21.46 33.00
C PHE A 163 -22.45 22.49 34.04
N LYS A 164 -21.92 22.46 35.28
CA LYS A 164 -22.15 23.55 36.26
C LYS A 164 -21.07 24.66 36.14
N ASP A 165 -20.09 24.48 35.23
CA ASP A 165 -19.02 25.48 35.03
C ASP A 165 -19.09 26.14 33.64
N ARG A 166 -19.62 27.34 33.57
CA ARG A 166 -19.74 28.05 32.29
C ARG A 166 -18.38 28.48 31.68
N THR A 167 -17.33 28.53 32.51
CA THR A 167 -15.97 28.88 32.09
C THR A 167 -15.46 27.91 31.00
N THR A 168 -15.82 26.63 31.15
CA THR A 168 -15.25 25.59 30.33
C THR A 168 -16.28 24.78 29.52
N CYS A 169 -17.52 24.68 29.98
CA CYS A 169 -18.47 23.70 29.42
C CYS A 169 -19.10 24.18 28.11
N VAL A 170 -18.89 25.45 27.78
CA VAL A 170 -19.36 26.06 26.56
C VAL A 170 -18.23 26.09 25.50
N LEU A 171 -17.08 25.54 25.87
CA LEU A 171 -15.83 25.72 25.15
C LEU A 171 -15.44 24.47 24.35
N PHE A 172 -15.60 23.29 24.94
CA PHE A 172 -15.09 22.08 24.35
C PHE A 172 -16.18 21.30 23.60
N GLY A 173 -15.75 20.56 22.58
CA GLY A 173 -16.63 19.68 21.80
C GLY A 173 -16.00 18.33 21.51
N ASP A 174 -16.71 17.50 20.76
CA ASP A 174 -16.28 16.18 20.41
C ASP A 174 -15.99 16.11 18.92
N GLY A 175 -15.21 15.09 18.53
CA GLY A 175 -14.95 14.85 17.14
C GLY A 175 -13.68 14.09 16.89
N ALA A 176 -13.43 13.84 15.60
CA ALA A 176 -12.26 13.09 15.20
C ALA A 176 -11.78 13.56 13.83
N GLY A 177 -10.46 13.57 13.69
CA GLY A 177 -9.80 13.83 12.40
C GLY A 177 -8.64 12.88 12.20
N ALA A 178 -8.32 12.63 10.92
CA ALA A 178 -7.35 11.61 10.57
C ALA A 178 -6.59 11.97 9.32
N VAL A 179 -5.32 11.58 9.31
CA VAL A 179 -4.45 11.78 8.16
C VAL A 179 -3.70 10.49 7.94
N ILE A 180 -3.53 10.13 6.66
CA ILE A 180 -2.67 9.01 6.23
C ILE A 180 -1.37 9.60 5.69
N LEU A 181 -0.25 9.25 6.33
CA LEU A 181 1.08 9.69 5.94
C LEU A 181 1.79 8.50 5.31
N GLN A 182 2.54 8.74 4.22
CA GLN A 182 3.29 7.71 3.52
C GLN A 182 4.68 8.15 3.05
N ALA A 183 5.63 7.24 3.18
CA ALA A 183 6.98 7.41 2.68
C ALA A 183 6.94 8.00 1.30
N SER A 184 7.80 8.97 1.04
CA SER A 184 7.81 9.73 -0.21
C SER A 184 9.21 10.26 -0.46
N ASP A 185 9.55 10.45 -1.73
CA ASP A 185 10.86 11.02 -2.05
C ASP A 185 10.79 12.55 -1.92
N GLU A 186 9.59 13.08 -1.77
CA GLU A 186 9.39 14.51 -1.72
C GLU A 186 8.65 14.88 -0.46
N PRO A 187 9.08 15.97 0.16
CA PRO A 187 8.55 16.39 1.42
C PRO A 187 7.14 16.88 1.34
N GLY A 188 6.32 16.26 2.18
CA GLY A 188 5.30 16.93 2.93
C GLY A 188 5.90 17.44 4.23
N VAL A 189 5.97 16.60 5.28
CA VAL A 189 6.38 17.10 6.61
C VAL A 189 7.84 17.53 6.60
N LEU A 190 8.06 18.85 6.72
CA LEU A 190 9.41 19.42 6.65
C LEU A 190 10.09 19.44 8.02
N ALA A 191 9.33 19.76 9.07
CA ALA A 191 9.89 19.96 10.42
C ALA A 191 8.79 20.00 11.48
N SER A 192 9.17 19.64 12.70
CA SER A 192 8.30 19.71 13.85
C SER A 192 9.12 20.15 15.10
N ALA A 193 8.47 20.87 16.01
CA ALA A 193 9.08 21.25 17.30
C ALA A 193 8.07 20.99 18.39
N LEU A 194 8.47 20.23 19.40
CA LEU A 194 7.58 19.87 20.49
C LEU A 194 8.18 20.35 21.81
N HIS A 195 7.32 20.74 22.76
CA HIS A 195 7.81 21.27 24.06
C HIS A 195 6.81 20.96 25.16
N ALA A 196 7.26 21.05 26.40
CA ALA A 196 6.39 20.85 27.57
C ALA A 196 6.93 21.64 28.76
N ASP A 197 6.03 22.12 29.61
CA ASP A 197 6.43 22.73 30.88
C ASP A 197 5.45 22.34 31.99
N GLY A 198 5.83 21.31 32.73
CA GLY A 198 4.97 20.76 33.75
C GLY A 198 4.77 21.63 34.98
N SER A 199 5.55 22.69 35.11
CA SER A 199 5.29 23.66 36.16
C SER A 199 3.91 24.34 36.04
N HIS A 200 3.30 24.29 34.87
CA HIS A 200 2.00 24.92 34.65
C HIS A 200 0.87 23.91 34.55
N SER A 201 1.07 22.72 35.15
CA SER A 201 0.04 21.65 35.10
C SER A 201 -1.26 22.03 35.81
N ASN A 202 -1.14 22.88 36.84
CA ASN A 202 -2.29 23.20 37.69
C ASN A 202 -3.34 24.10 37.04
N ILE A 203 -2.95 24.84 35.99
CA ILE A 203 -3.86 25.85 35.36
C ILE A 203 -4.73 25.27 34.24
N LEU A 204 -4.49 24.03 33.84
CA LEU A 204 -5.36 23.35 32.87
C LEU A 204 -5.23 21.83 33.05
N CYS A 205 -6.25 21.22 33.63
CA CYS A 205 -6.17 19.85 34.11
C CYS A 205 -7.54 19.24 34.33
N THR A 206 -7.60 17.92 34.18
CA THR A 206 -8.75 17.14 34.64
C THR A 206 -8.24 16.19 35.75
N PRO A 207 -8.16 16.72 37.00
CA PRO A 207 -7.29 16.15 38.01
C PRO A 207 -7.93 14.98 38.76
N GLY A 208 -8.19 13.89 38.03
CA GLY A 208 -8.60 12.65 38.67
C GLY A 208 -8.39 11.45 37.76
N ASN A 209 -8.70 10.27 38.29
CA ASN A 209 -8.65 9.01 37.55
C ASN A 209 -9.34 7.93 38.39
N VAL A 210 -9.43 6.74 37.84
CA VAL A 210 -10.12 5.67 38.56
C VAL A 210 -9.20 5.00 39.55
N ASN A 211 -9.79 4.59 40.66
CA ASN A 211 -9.07 3.98 41.75
C ASN A 211 -10.03 3.06 42.52
N GLY A 212 -9.77 1.74 42.46
CA GLY A 212 -10.59 0.79 43.16
C GLY A 212 -12.04 0.90 42.80
N GLY A 213 -12.30 1.06 41.50
CA GLY A 213 -13.68 1.06 40.99
C GLY A 213 -14.37 2.41 40.97
N VAL A 214 -13.99 3.30 41.88
CA VAL A 214 -14.60 4.63 41.97
C VAL A 214 -13.65 5.72 41.39
N VAL A 215 -14.22 6.86 40.98
CA VAL A 215 -13.40 8.02 40.62
C VAL A 215 -12.79 8.60 41.89
N SER A 216 -11.49 8.86 41.90
CA SER A 216 -10.87 9.71 42.92
C SER A 216 -10.38 11.04 42.30
N GLY A 217 -10.26 12.08 43.12
CA GLY A 217 -10.01 13.43 42.60
C GLY A 217 -11.24 13.98 41.90
N SER A 218 -11.06 14.80 40.88
CA SER A 218 -12.18 15.24 40.03
C SER A 218 -11.91 14.82 38.61
N ALA A 219 -12.88 14.12 38.04
CA ALA A 219 -12.80 13.72 36.65
C ALA A 219 -13.52 14.74 35.74
N PHE A 220 -13.39 16.03 36.10
CA PHE A 220 -13.94 17.14 35.32
C PHE A 220 -12.83 18.13 34.99
N LEU A 221 -12.90 18.69 33.80
CA LEU A 221 -11.89 19.63 33.33
C LEU A 221 -12.03 20.98 34.05
N HIS A 222 -10.90 21.49 34.55
CA HIS A 222 -10.84 22.80 35.18
C HIS A 222 -9.72 23.61 34.55
N MET A 223 -9.84 24.93 34.58
CA MET A 223 -8.99 25.79 33.76
C MET A 223 -8.97 27.20 34.32
N ASP A 224 -7.79 27.81 34.34
CA ASP A 224 -7.65 29.24 34.59
C ASP A 224 -7.44 29.90 33.23
N GLY A 225 -8.56 30.39 32.65
CA GLY A 225 -8.57 30.89 31.28
C GLY A 225 -7.58 32.01 31.05
N GLN A 226 -7.42 32.88 32.05
CA GLN A 226 -6.60 34.05 31.88
C GLN A 226 -5.12 33.62 31.80
N ALA A 227 -4.71 32.71 32.69
CA ALA A 227 -3.33 32.21 32.69
C ALA A 227 -3.04 31.43 31.41
N VAL A 228 -4.00 30.64 30.96
CA VAL A 228 -3.81 29.81 29.77
C VAL A 228 -3.58 30.68 28.53
N PHE A 229 -4.37 31.72 28.42
CA PHE A 229 -4.26 32.67 27.30
C PHE A 229 -2.88 33.32 27.19
N LYS A 230 -2.40 33.90 28.29
CA LYS A 230 -1.11 34.57 28.30
C LYS A 230 0.02 33.59 27.97
N LEU A 231 -0.03 32.40 28.55
CA LEU A 231 0.95 31.37 28.25
C LEU A 231 0.88 30.98 26.79
N ALA A 232 -0.35 30.79 26.32
CA ALA A 232 -0.58 30.37 24.99
C ALA A 232 0.11 31.32 24.02
N VAL A 233 -0.28 32.59 24.04
CA VAL A 233 0.26 33.55 23.05
C VAL A 233 1.76 33.65 23.18
N ASN A 234 2.25 33.49 24.39
CA ASN A 234 3.66 33.61 24.62
C ASN A 234 4.45 32.51 23.91
N VAL A 235 4.05 31.24 24.06
CA VAL A 235 4.79 30.15 23.45
C VAL A 235 4.49 29.93 21.97
N LEU A 236 3.27 30.21 21.52
CA LEU A 236 2.87 29.89 20.14
C LEU A 236 3.71 30.63 19.13
N GLU A 237 4.02 31.89 19.43
CA GLU A 237 4.89 32.71 18.59
C GLU A 237 6.25 32.04 18.44
N LYS A 238 6.86 31.69 19.57
CA LYS A 238 8.22 31.11 19.60
C LYS A 238 8.31 29.77 18.86
N VAL A 239 7.38 28.85 19.14
CA VAL A 239 7.47 27.54 18.55
C VAL A 239 7.25 27.58 17.02
N ALA A 240 6.35 28.46 16.57
CA ALA A 240 6.13 28.64 15.13
C ALA A 240 7.44 29.07 14.47
N VAL A 241 8.13 30.03 15.07
CA VAL A 241 9.40 30.51 14.52
C VAL A 241 10.42 29.37 14.48
N GLU A 242 10.54 28.63 15.60
CA GLU A 242 11.51 27.51 15.70
C GLU A 242 11.23 26.49 14.61
N ALA A 243 9.96 26.13 14.44
CA ALA A 243 9.59 25.18 13.42
C ALA A 243 9.91 25.69 12.03
N LEU A 244 9.56 26.94 11.78
CA LEU A 244 9.82 27.55 10.48
C LEU A 244 11.32 27.57 10.20
N GLU A 245 12.13 27.92 11.20
CA GLU A 245 13.59 27.87 11.05
C GLU A 245 14.08 26.46 10.73
N LYS A 246 13.56 25.46 11.46
CA LYS A 246 13.94 24.06 11.26
C LYS A 246 13.59 23.54 9.88
N ALA A 247 12.55 24.12 9.25
CA ALA A 247 12.11 23.74 7.90
C ALA A 247 12.76 24.63 6.84
N ASN A 248 13.73 25.44 7.26
CA ASN A 248 14.38 26.41 6.37
C ASN A 248 13.36 27.23 5.62
N LEU A 249 12.35 27.72 6.33
CA LEU A 249 11.31 28.57 5.71
C LEU A 249 11.09 29.85 6.50
N SER A 250 10.49 30.83 5.85
CA SER A 250 10.13 32.07 6.53
C SER A 250 8.63 32.12 6.68
N ALA A 251 8.17 32.97 7.59
CA ALA A 251 6.75 33.16 7.81
C ALA A 251 6.02 33.52 6.53
N GLU A 252 6.65 34.31 5.67
CA GLU A 252 5.99 34.77 4.43
C GLU A 252 5.75 33.63 3.46
N GLN A 253 6.38 32.50 3.72
CA GLN A 253 6.23 31.38 2.82
C GLN A 253 5.11 30.48 3.25
N ILE A 254 4.48 30.78 4.38
CA ILE A 254 3.34 29.99 4.82
C ILE A 254 2.13 30.41 4.04
N ASP A 255 1.52 29.42 3.37
CA ASP A 255 0.30 29.64 2.58
C ASP A 255 -0.94 29.48 3.46
N TRP A 256 -0.86 28.62 4.48
CA TRP A 256 -1.99 28.38 5.39
C TRP A 256 -1.54 28.11 6.82
N LEU A 257 -2.19 28.77 7.77
CA LEU A 257 -1.97 28.57 9.19
C LEU A 257 -3.18 27.85 9.75
N ILE A 258 -2.95 26.72 10.46
CA ILE A 258 -4.02 25.93 11.10
C ILE A 258 -3.69 25.74 12.58
N PRO A 259 -4.16 26.69 13.42
CA PRO A 259 -3.92 26.52 14.84
C PRO A 259 -4.91 25.56 15.45
N HIS A 260 -4.53 25.00 16.58
CA HIS A 260 -5.48 24.41 17.47
C HIS A 260 -6.59 25.41 17.68
N GLN A 261 -7.83 24.95 17.51
CA GLN A 261 -9.03 25.83 17.54
C GLN A 261 -9.51 26.04 18.99
N ALA A 262 -8.77 26.87 19.71
CA ALA A 262 -8.99 27.06 21.16
C ALA A 262 -10.00 28.16 21.38
N ASN A 263 -9.77 29.29 20.73
CA ASN A 263 -10.74 30.38 20.71
C ASN A 263 -10.25 31.45 19.75
N ILE A 264 -11.16 32.22 19.21
CA ILE A 264 -10.82 33.08 18.08
C ILE A 264 -9.71 34.06 18.42
N ARG A 265 -9.70 34.59 19.64
CA ARG A 265 -8.78 35.67 19.98
C ARG A 265 -7.32 35.18 20.13
N ILE A 266 -7.11 33.99 20.70
CA ILE A 266 -5.75 33.40 20.74
C ILE A 266 -5.28 33.13 19.32
N MET A 267 -6.22 32.73 18.44
CA MET A 267 -5.92 32.41 17.05
C MET A 267 -5.54 33.64 16.25
N GLN A 268 -6.32 34.71 16.41
CA GLN A 268 -6.04 35.97 15.72
C GLN A 268 -4.75 36.61 16.20
N SER A 269 -4.53 36.63 17.52
CA SER A 269 -3.26 37.07 18.08
C SER A 269 -2.06 36.37 17.44
N THR A 270 -2.04 35.05 17.49
CA THR A 270 -0.91 34.30 16.95
C THR A 270 -0.68 34.66 15.50
N CYS A 271 -1.73 34.61 14.70
CA CYS A 271 -1.63 34.88 13.29
C CYS A 271 -1.02 36.25 13.03
N ARG A 272 -1.46 37.25 13.80
CA ARG A 272 -0.99 38.63 13.64
C ARG A 272 0.48 38.72 14.03
N LYS A 273 0.85 38.12 15.17
CA LYS A 273 2.24 38.13 15.64
C LYS A 273 3.19 37.47 14.63
N LEU A 274 2.67 36.55 13.82
CA LEU A 274 3.49 35.92 12.75
C LEU A 274 3.62 36.82 11.58
N GLY A 275 2.81 37.88 11.56
CA GLY A 275 2.80 38.81 10.44
C GLY A 275 2.03 38.31 9.24
N LEU A 276 1.19 37.28 9.41
CA LEU A 276 0.34 36.78 8.31
C LEU A 276 -0.99 37.51 8.27
N PRO A 277 -1.59 37.63 7.08
CA PRO A 277 -2.94 38.17 7.04
C PRO A 277 -3.94 37.14 7.54
N GLN A 278 -5.02 37.60 8.16
CA GLN A 278 -5.99 36.72 8.80
C GLN A 278 -6.62 35.73 7.79
N GLU A 279 -6.64 36.12 6.51
CA GLU A 279 -7.28 35.31 5.44
C GLU A 279 -6.48 34.04 5.13
N ARG A 280 -5.25 33.97 5.66
CA ARG A 280 -4.40 32.79 5.51
C ARG A 280 -4.55 31.74 6.64
N MET A 281 -5.55 31.92 7.52
CA MET A 281 -5.68 31.08 8.71
C MET A 281 -6.98 30.32 8.61
N ILE A 282 -6.95 29.00 8.78
CA ILE A 282 -8.17 28.19 8.74
C ILE A 282 -8.86 28.28 10.08
N VAL A 283 -10.15 28.60 10.04
CA VAL A 283 -10.92 28.85 11.24
C VAL A 283 -12.18 28.00 11.21
N THR A 284 -12.25 27.07 12.15
CA THR A 284 -13.38 26.18 12.33
C THR A 284 -13.97 26.27 13.74
N VAL A 285 -13.30 26.98 14.64
CA VAL A 285 -13.71 27.04 16.03
C VAL A 285 -15.17 27.45 16.15
N GLY A 286 -15.63 28.33 15.26
CA GLY A 286 -17.00 28.81 15.28
C GLY A 286 -18.05 27.72 15.19
N GLU A 287 -17.75 26.68 14.42
CA GLU A 287 -18.68 25.58 14.23
C GLU A 287 -18.27 24.30 15.00
N HIS A 288 -16.98 24.13 15.29
CA HIS A 288 -16.47 22.89 15.91
C HIS A 288 -16.26 23.00 17.39
N GLY A 289 -16.04 24.22 17.86
CA GLY A 289 -15.54 24.40 19.19
C GLY A 289 -14.12 23.89 19.35
N ASN A 290 -13.69 23.74 20.59
CA ASN A 290 -12.38 23.20 20.91
C ASN A 290 -12.49 21.70 21.17
N THR A 291 -12.07 20.90 20.17
CA THR A 291 -12.08 19.45 20.24
C THR A 291 -10.68 18.88 20.56
N SER A 292 -9.89 19.62 21.32
CA SER A 292 -8.58 19.16 21.81
C SER A 292 -7.83 18.54 20.66
N ALA A 293 -7.34 17.31 20.81
CA ALA A 293 -6.45 16.71 19.82
C ALA A 293 -7.08 16.61 18.42
N ALA A 294 -8.40 16.60 18.35
CA ALA A 294 -9.12 16.46 17.07
C ALA A 294 -9.10 17.75 16.27
N SER A 295 -8.69 18.81 16.91
CA SER A 295 -8.99 20.12 16.40
C SER A 295 -8.34 20.38 15.07
N ILE A 296 -7.04 20.23 15.04
CA ILE A 296 -6.24 20.54 13.88
C ILE A 296 -6.61 19.66 12.66
N PRO A 297 -6.74 18.33 12.87
CA PRO A 297 -7.00 17.47 11.68
C PRO A 297 -8.43 17.61 11.14
N LEU A 298 -9.35 18.02 12.00
CA LEU A 298 -10.68 18.44 11.53
C LEU A 298 -10.53 19.62 10.58
N ALA A 299 -9.82 20.65 11.02
CA ALA A 299 -9.64 21.85 10.19
C ALA A 299 -8.87 21.52 8.94
N LEU A 300 -7.82 20.69 9.08
CA LEU A 300 -7.07 20.27 7.91
C LEU A 300 -8.01 19.64 6.85
N ASP A 301 -8.88 18.74 7.30
CA ASP A 301 -9.74 18.00 6.40
C ASP A 301 -10.71 18.91 5.69
N VAL A 302 -11.33 19.80 6.45
CA VAL A 302 -12.30 20.75 5.91
C VAL A 302 -11.64 21.57 4.80
N ALA A 303 -10.43 22.06 5.07
CA ALA A 303 -9.79 23.03 4.17
C ALA A 303 -9.16 22.33 2.97
N VAL A 304 -8.73 21.06 3.14
CA VAL A 304 -8.30 20.29 2.00
C VAL A 304 -9.50 20.02 1.10
N ARG A 305 -10.59 19.54 1.69
CA ARG A 305 -11.72 19.09 0.90
C ARG A 305 -12.51 20.24 0.29
N ASP A 306 -12.43 21.45 0.83
CA ASP A 306 -13.12 22.57 0.20
C ASP A 306 -12.21 23.34 -0.75
N GLY A 307 -11.03 22.79 -1.01
CA GLY A 307 -10.13 23.27 -2.05
C GLY A 307 -9.25 24.46 -1.67
N ARG A 308 -9.22 24.86 -0.40
CA ARG A 308 -8.33 25.95 0.03
C ARG A 308 -6.89 25.53 0.05
N ILE A 309 -6.62 24.34 0.57
CA ILE A 309 -5.25 23.86 0.71
C ILE A 309 -4.90 23.03 -0.53
N LYS A 310 -3.90 23.48 -1.28
CA LYS A 310 -3.57 22.85 -2.57
C LYS A 310 -2.18 22.21 -2.54
N ARG A 311 -1.99 21.17 -3.35
CA ARG A 311 -0.71 20.47 -3.39
C ARG A 311 0.43 21.49 -3.62
N GLY A 312 1.52 21.31 -2.89
CA GLY A 312 2.68 22.18 -3.02
C GLY A 312 2.67 23.31 -2.01
N GLN A 313 1.52 23.57 -1.39
CA GLN A 313 1.45 24.67 -0.44
C GLN A 313 2.02 24.30 0.95
N ASN A 314 2.56 25.31 1.62
CA ASN A 314 3.14 25.14 2.94
C ASN A 314 2.11 25.43 4.03
N VAL A 315 1.90 24.47 4.93
CA VAL A 315 0.95 24.59 5.99
C VAL A 315 1.67 24.59 7.33
N LEU A 316 1.31 25.54 8.22
CA LEU A 316 1.80 25.55 9.60
C LEU A 316 0.67 25.13 10.53
N ILE A 317 0.86 24.03 11.23
CA ILE A 317 -0.03 23.64 12.32
C ILE A 317 0.69 23.93 13.65
N GLU A 318 -0.05 24.41 14.63
CA GLU A 318 0.53 24.65 15.98
C GLU A 318 -0.56 24.75 17.03
N GLY A 319 -0.23 24.32 18.23
CA GLY A 319 -1.16 24.49 19.33
C GLY A 319 -0.51 24.30 20.67
N VAL A 320 -1.28 24.62 21.71
CA VAL A 320 -0.88 24.41 23.08
C VAL A 320 -1.94 23.56 23.74
N GLY A 321 -1.61 22.97 24.88
CA GLY A 321 -2.59 22.17 25.61
C GLY A 321 -2.15 21.90 27.02
N GLY A 322 -2.94 21.09 27.74
CA GLY A 322 -2.65 20.74 29.12
C GLY A 322 -1.28 20.12 29.26
N GLY A 323 -0.60 20.45 30.36
CA GLY A 323 0.75 19.94 30.55
C GLY A 323 1.55 20.82 31.44
N PHE A 324 1.93 22.02 31.00
CA PHE A 324 1.57 22.60 29.69
C PHE A 324 2.36 21.90 28.61
N THR A 325 1.74 21.70 27.44
CA THR A 325 2.45 21.21 26.28
C THR A 325 2.22 22.20 25.16
N TRP A 326 3.12 22.20 24.19
CA TRP A 326 2.85 22.88 22.91
C TRP A 326 3.71 22.30 21.82
N GLY A 327 3.32 22.50 20.57
CA GLY A 327 4.11 21.98 19.48
C GLY A 327 3.65 22.52 18.14
N ALA A 328 4.50 22.37 17.11
CA ALA A 328 4.19 22.89 15.79
C ALA A 328 4.77 22.01 14.69
N SER A 329 4.10 22.01 13.52
CA SER A 329 4.64 21.33 12.34
C SER A 329 4.48 22.16 11.07
N VAL A 330 5.49 22.10 10.21
CA VAL A 330 5.46 22.70 8.88
C VAL A 330 5.33 21.53 7.90
N ILE A 331 4.24 21.55 7.14
CA ILE A 331 3.91 20.47 6.20
C ILE A 331 3.67 21.04 4.79
N ARG A 332 4.44 20.56 3.81
CA ARG A 332 4.14 20.86 2.41
C ARG A 332 3.11 19.85 2.01
N TYR A 333 1.90 20.29 1.74
CA TYR A 333 0.80 19.36 1.43
C TYR A 333 1.06 18.60 0.14
N THR B 9 20.84 5.50 -34.71
CA THR B 9 21.10 5.12 -36.12
C THR B 9 19.86 4.51 -36.86
N ILE B 10 19.12 3.61 -36.21
CA ILE B 10 17.97 2.92 -36.85
C ILE B 10 16.63 3.52 -36.39
N TYR B 11 15.75 3.82 -37.36
CA TYR B 11 14.41 4.40 -37.10
C TYR B 11 13.33 3.52 -37.70
N SER B 12 12.08 3.73 -37.31
CA SER B 12 10.94 3.00 -37.87
C SER B 12 10.18 3.88 -38.84
N ARG B 13 10.15 3.54 -40.13
CA ARG B 13 9.38 4.32 -41.12
C ARG B 13 8.12 3.58 -41.53
N VAL B 14 7.06 4.34 -41.76
CA VAL B 14 5.77 3.79 -42.21
C VAL B 14 5.82 3.46 -43.70
N LEU B 15 5.87 2.17 -44.03
CA LEU B 15 5.90 1.78 -45.43
C LEU B 15 4.52 1.80 -46.03
N GLY B 16 3.50 1.53 -45.22
CA GLY B 16 2.15 1.43 -45.77
C GLY B 16 1.08 1.40 -44.72
N THR B 17 -0.14 1.81 -45.09
CA THR B 17 -1.29 1.80 -44.18
C THR B 17 -2.43 1.03 -44.81
N GLY B 18 -3.28 0.45 -43.98
CA GLY B 18 -4.48 -0.20 -44.44
C GLY B 18 -5.56 -0.26 -43.39
N SER B 19 -6.80 -0.39 -43.81
CA SER B 19 -7.90 -0.46 -42.86
C SER B 19 -9.11 -1.21 -43.40
N TYR B 20 -10.06 -1.48 -42.52
CA TYR B 20 -11.26 -2.18 -42.91
C TYR B 20 -12.40 -1.98 -41.93
N LEU B 21 -13.57 -1.76 -42.48
CA LEU B 21 -14.80 -1.75 -41.73
C LEU B 21 -15.68 -2.89 -42.25
N PRO B 22 -16.36 -3.60 -41.32
CA PRO B 22 -17.29 -4.62 -41.81
C PRO B 22 -18.46 -3.97 -42.55
N PRO B 23 -19.18 -4.74 -43.36
CA PRO B 23 -20.14 -4.15 -44.30
C PRO B 23 -21.41 -3.53 -43.69
N ASN B 24 -21.84 -3.98 -42.51
CA ASN B 24 -23.09 -3.46 -41.93
C ASN B 24 -22.90 -2.07 -41.30
N ARG B 25 -23.21 -1.04 -42.09
CA ARG B 25 -23.24 0.31 -41.62
C ARG B 25 -24.52 0.51 -40.83
N VAL B 26 -24.37 0.86 -39.56
CA VAL B 26 -25.49 1.02 -38.65
C VAL B 26 -25.63 2.50 -38.32
N THR B 27 -26.65 3.14 -38.92
CA THR B 27 -26.93 4.56 -38.70
C THR B 27 -27.55 4.76 -37.32
N ASN B 28 -27.63 6.02 -36.90
CA ASN B 28 -28.25 6.36 -35.62
C ASN B 28 -29.73 5.95 -35.61
N GLN B 29 -30.41 6.13 -36.73
CA GLN B 29 -31.83 5.73 -36.84
C GLN B 29 -31.96 4.19 -36.76
N ASP B 30 -31.08 3.46 -37.44
CA ASP B 30 -31.08 1.99 -37.34
C ASP B 30 -31.01 1.55 -35.88
N LEU B 31 -30.10 2.18 -35.12
CA LEU B 31 -29.83 1.79 -33.75
C LEU B 31 -30.99 2.22 -32.85
N ALA B 32 -31.48 3.45 -33.03
CA ALA B 32 -32.65 3.96 -32.28
C ALA B 32 -33.85 3.03 -32.42
N LYS B 33 -34.18 2.69 -33.67
CA LYS B 33 -35.25 1.73 -33.96
C LYS B 33 -34.99 0.42 -33.22
N ARG B 34 -33.76 -0.08 -33.26
CA ARG B 34 -33.43 -1.33 -32.58
C ARG B 34 -33.81 -1.29 -31.09
N LEU B 35 -33.26 -0.31 -30.37
CA LEU B 35 -33.55 -0.11 -28.94
C LEU B 35 -34.99 0.23 -28.60
N ALA B 36 -35.76 0.70 -29.60
CA ALA B 36 -37.22 0.89 -29.47
C ALA B 36 -37.98 -0.44 -29.24
N GLU B 37 -37.35 -1.55 -29.61
CA GLU B 37 -37.74 -2.86 -29.09
C GLU B 37 -36.98 -3.09 -27.76
N GLN B 38 -37.54 -2.57 -26.67
CA GLN B 38 -37.08 -2.83 -25.29
C GLN B 38 -37.51 -1.69 -24.37
N ILE B 40 -36.34 2.18 -23.73
CA ILE B 40 -35.44 1.98 -24.86
C ILE B 40 -35.40 3.21 -25.80
N GLU B 41 -35.30 4.39 -25.20
CA GLU B 41 -35.53 5.63 -25.92
C GLU B 41 -34.21 6.38 -26.12
N THR B 42 -33.83 6.54 -27.39
CA THR B 42 -32.84 7.55 -27.71
C THR B 42 -33.22 8.08 -29.08
N SER B 43 -32.36 8.93 -29.66
CA SER B 43 -32.62 9.44 -31.00
C SER B 43 -31.35 9.91 -31.71
N ASP B 44 -31.46 10.06 -33.02
CA ASP B 44 -30.40 10.58 -33.85
C ASP B 44 -29.91 11.94 -33.29
N GLU B 45 -30.84 12.84 -33.00
CA GLU B 45 -30.52 14.15 -32.42
C GLU B 45 -29.74 14.05 -31.10
N TRP B 46 -30.20 13.20 -30.20
CA TRP B 46 -29.55 13.04 -28.88
C TRP B 46 -28.14 12.52 -28.99
N ILE B 47 -27.93 11.61 -29.93
CA ILE B 47 -26.61 11.00 -30.13
C ILE B 47 -25.61 11.97 -30.79
N VAL B 48 -26.05 12.71 -31.79
CA VAL B 48 -25.20 13.72 -32.44
C VAL B 48 -24.84 14.83 -31.45
N ALA B 49 -25.82 15.26 -30.67
CA ALA B 49 -25.61 16.33 -29.72
C ALA B 49 -24.56 15.93 -28.72
N ARG B 50 -24.67 14.71 -28.20
CA ARG B 50 -23.76 14.19 -27.22
CA ARG B 50 -23.72 14.30 -27.18
C ARG B 50 -22.34 13.94 -27.74
N THR B 51 -22.26 13.34 -28.95
CA THR B 51 -21.03 12.65 -29.35
C THR B 51 -20.42 13.06 -30.69
N GLY B 52 -21.26 13.60 -31.59
CA GLY B 52 -20.82 13.89 -32.95
C GLY B 52 -20.94 12.68 -33.88
N ILE B 53 -21.51 11.57 -33.39
CA ILE B 53 -21.59 10.28 -34.14
C ILE B 53 -22.89 10.17 -34.93
N HIS B 54 -22.77 9.80 -36.19
CA HIS B 54 -23.96 9.57 -37.08
C HIS B 54 -24.12 8.14 -37.45
N ALA B 55 -22.99 7.44 -37.59
CA ALA B 55 -22.98 6.01 -37.92
C ALA B 55 -21.85 5.28 -37.21
N ARG B 56 -21.96 3.96 -37.21
CA ARG B 56 -20.83 3.08 -36.88
C ARG B 56 -21.04 1.75 -37.57
N TYR B 57 -20.03 0.88 -37.52
CA TYR B 57 -20.08 -0.38 -38.22
C TYR B 57 -20.00 -1.55 -37.26
N PHE B 58 -20.93 -2.52 -37.43
CA PHE B 58 -20.95 -3.76 -36.64
C PHE B 58 -20.62 -5.00 -37.47
N ALA B 59 -19.66 -5.78 -37.00
CA ALA B 59 -19.39 -7.10 -37.53
C ALA B 59 -20.56 -8.04 -37.26
N GLU B 60 -20.78 -8.99 -38.17
CA GLU B 60 -21.66 -10.12 -37.85
C GLU B 60 -21.09 -10.83 -36.64
N PRO B 61 -21.96 -11.40 -35.78
CA PRO B 61 -21.47 -11.99 -34.53
C PRO B 61 -20.53 -13.20 -34.74
N ASP B 62 -20.51 -13.75 -35.96
CA ASP B 62 -19.59 -14.84 -36.31
C ASP B 62 -18.27 -14.31 -36.93
N VAL B 63 -18.12 -12.99 -37.09
CA VAL B 63 -16.93 -12.38 -37.70
C VAL B 63 -16.08 -11.78 -36.57
N THR B 64 -14.81 -12.10 -36.55
CA THR B 64 -13.98 -11.87 -35.39
C THR B 64 -13.01 -10.72 -35.65
N THR B 65 -12.30 -10.34 -34.60
CA THR B 65 -11.30 -9.31 -34.70
C THR B 65 -10.20 -9.65 -35.69
N SER B 66 -9.79 -10.91 -35.72
CA SER B 66 -8.69 -11.31 -36.59
C SER B 66 -9.16 -11.30 -38.05
N ASP B 67 -10.45 -11.57 -38.28
CA ASP B 67 -11.06 -11.44 -39.64
C ASP B 67 -10.92 -10.01 -40.15
N LEU B 68 -11.28 -9.05 -39.28
CA LEU B 68 -11.15 -7.65 -39.64
C LEU B 68 -9.69 -7.31 -39.84
N ALA B 69 -8.84 -7.81 -38.94
CA ALA B 69 -7.42 -7.50 -38.94
C ALA B 69 -6.77 -7.99 -40.24
N PHE B 70 -7.15 -9.18 -40.68
CA PHE B 70 -6.65 -9.78 -41.93
C PHE B 70 -6.78 -8.81 -43.14
N ILE B 71 -7.95 -8.21 -43.28
CA ILE B 71 -8.20 -7.39 -44.46
C ILE B 71 -7.39 -6.12 -44.38
N ALA B 72 -7.34 -5.52 -43.20
CA ALA B 72 -6.58 -4.28 -43.00
C ALA B 72 -5.13 -4.51 -43.28
N SER B 73 -4.63 -5.66 -42.83
CA SER B 73 -3.23 -6.04 -43.03
C SER B 73 -2.92 -6.24 -44.49
N GLN B 74 -3.76 -7.00 -45.18
CA GLN B 74 -3.59 -7.21 -46.64
C GLN B 74 -3.43 -5.87 -47.33
N ARG B 75 -4.31 -4.93 -46.99
CA ARG B 75 -4.27 -3.62 -47.61
C ARG B 75 -3.00 -2.79 -47.24
N ALA B 76 -2.50 -2.94 -46.03
CA ALA B 76 -1.22 -2.33 -45.68
C ALA B 76 -0.06 -3.02 -46.44
N ILE B 77 -0.08 -4.36 -46.53
CA ILE B 77 0.93 -5.10 -47.27
C ILE B 77 0.98 -4.63 -48.73
N GLU B 78 -0.21 -4.45 -49.32
CA GLU B 78 -0.34 -3.92 -50.70
C GLU B 78 0.27 -2.52 -50.84
N ALA B 79 -0.09 -1.63 -49.93
CA ALA B 79 0.48 -0.28 -49.93
C ALA B 79 2.00 -0.29 -49.77
N ALA B 80 2.48 -1.08 -48.83
CA ALA B 80 3.92 -1.24 -48.59
C ALA B 80 4.66 -1.80 -49.80
N ASP B 81 3.95 -2.63 -50.58
CA ASP B 81 4.52 -3.27 -51.77
C ASP B 81 5.68 -4.20 -51.36
N ILE B 82 5.52 -4.92 -50.26
CA ILE B 82 6.57 -5.84 -49.79
C ILE B 82 6.16 -7.30 -49.90
N ASP B 83 7.14 -8.19 -49.81
CA ASP B 83 6.88 -9.61 -49.70
C ASP B 83 6.29 -9.90 -48.30
N PRO B 84 5.12 -10.55 -48.22
CA PRO B 84 4.59 -10.89 -46.88
C PRO B 84 5.58 -11.66 -45.99
N GLN B 85 6.44 -12.47 -46.60
CA GLN B 85 7.42 -13.25 -45.83
C GLN B 85 8.52 -12.40 -45.18
N SER B 86 8.58 -11.10 -45.49
CA SER B 86 9.60 -10.21 -44.93
C SER B 86 9.15 -9.58 -43.62
N ILE B 87 7.87 -9.75 -43.27
CA ILE B 87 7.33 -9.22 -42.00
C ILE B 87 7.79 -10.14 -40.85
N ASP B 88 8.71 -9.67 -40.00
CA ASP B 88 9.25 -10.50 -38.93
C ASP B 88 8.73 -10.14 -37.53
N LEU B 89 7.68 -9.31 -37.49
CA LEU B 89 7.04 -8.99 -36.22
C LEU B 89 5.59 -8.58 -36.46
N ILE B 90 4.68 -9.13 -35.66
CA ILE B 90 3.28 -8.76 -35.71
C ILE B 90 2.80 -8.43 -34.31
N ILE B 91 2.38 -7.19 -34.09
CA ILE B 91 1.78 -6.80 -32.82
C ILE B 91 0.34 -6.34 -33.07
N VAL B 92 -0.61 -7.00 -32.42
CA VAL B 92 -1.98 -6.59 -32.44
C VAL B 92 -2.45 -5.96 -31.10
N ALA B 93 -2.88 -4.70 -31.14
CA ALA B 93 -3.62 -4.08 -30.05
C ALA B 93 -5.11 -4.41 -30.22
N THR B 94 -5.67 -5.15 -29.26
CA THR B 94 -7.09 -5.42 -29.20
C THR B 94 -7.51 -5.74 -27.76
N SER B 95 -8.77 -5.49 -27.47
CA SER B 95 -9.36 -5.89 -26.20
C SER B 95 -10.57 -6.83 -26.49
N THR B 96 -10.69 -7.27 -27.73
CA THR B 96 -11.70 -8.25 -28.13
C THR B 96 -11.06 -9.33 -29.01
N PRO B 97 -10.01 -9.99 -28.50
CA PRO B 97 -9.38 -11.06 -29.29
C PRO B 97 -10.36 -12.18 -29.64
N ASP B 98 -10.16 -12.85 -30.78
CA ASP B 98 -11.04 -14.02 -31.19
C ASP B 98 -11.21 -15.02 -30.04
N PHE B 99 -10.11 -15.39 -29.41
CA PHE B 99 -10.08 -16.43 -28.42
C PHE B 99 -9.39 -16.00 -27.13
N VAL B 100 -9.72 -16.68 -26.04
CA VAL B 100 -8.97 -16.51 -24.79
C VAL B 100 -7.48 -16.67 -25.11
N PHE B 101 -7.16 -17.76 -25.80
CA PHE B 101 -5.90 -17.94 -26.48
C PHE B 101 -6.06 -18.99 -27.54
N PRO B 102 -5.14 -19.03 -28.50
CA PRO B 102 -3.99 -18.15 -28.67
C PRO B 102 -4.32 -16.73 -29.15
N SER B 103 -3.27 -15.91 -29.26
CA SER B 103 -3.38 -14.51 -29.61
C SER B 103 -3.94 -14.29 -31.00
N THR B 104 -4.61 -13.15 -31.15
CA THR B 104 -5.04 -12.65 -32.43
C THR B 104 -3.87 -12.51 -33.44
N ALA B 105 -2.69 -12.14 -32.94
CA ALA B 105 -1.55 -11.92 -33.83
C ALA B 105 -1.20 -13.24 -34.49
N CYS B 106 -1.28 -14.32 -33.71
CA CYS B 106 -0.92 -15.65 -34.18
C CYS B 106 -1.90 -16.15 -35.23
N LEU B 107 -3.19 -15.86 -35.02
CA LEU B 107 -4.22 -16.18 -36.01
C LEU B 107 -3.98 -15.37 -37.29
N LEU B 108 -3.66 -14.10 -37.11
CA LEU B 108 -3.45 -13.19 -38.23
C LEU B 108 -2.24 -13.66 -39.05
N GLN B 109 -1.18 -14.09 -38.36
CA GLN B 109 0.01 -14.62 -39.01
C GLN B 109 -0.32 -15.72 -39.98
N ASN B 110 -1.15 -16.66 -39.53
CA ASN B 110 -1.51 -17.81 -40.32
C ASN B 110 -2.42 -17.42 -41.45
N LYS B 111 -3.38 -16.53 -41.17
CA LYS B 111 -4.27 -16.05 -42.21
C LYS B 111 -3.48 -15.40 -43.35
N LEU B 112 -2.42 -14.67 -43.00
CA LEU B 112 -1.57 -14.04 -44.02
C LEU B 112 -0.58 -15.04 -44.66
N GLY B 113 -0.53 -16.27 -44.17
CA GLY B 113 0.34 -17.29 -44.76
C GLY B 113 1.82 -17.00 -44.54
N ILE B 114 2.14 -16.38 -43.40
CA ILE B 114 3.53 -16.03 -43.11
C ILE B 114 4.21 -17.20 -42.39
N ARG B 115 5.29 -17.70 -43.00
CA ARG B 115 5.88 -18.98 -42.65
C ARG B 115 7.31 -18.79 -42.06
N ASN B 116 7.68 -17.55 -41.69
CA ASN B 116 9.07 -17.22 -41.24
C ASN B 116 9.31 -17.30 -39.73
N HIS B 117 8.30 -17.76 -39.01
CA HIS B 117 8.43 -17.97 -37.58
C HIS B 117 8.65 -16.71 -36.78
N GLY B 118 8.33 -15.56 -37.36
CA GLY B 118 8.48 -14.31 -36.64
C GLY B 118 7.57 -14.20 -35.41
N ALA B 119 7.98 -13.36 -34.48
CA ALA B 119 7.26 -13.19 -33.24
C ALA B 119 5.89 -12.54 -33.51
N ALA B 120 4.87 -13.03 -32.80
CA ALA B 120 3.54 -12.52 -32.89
C ALA B 120 2.90 -12.48 -31.50
N PHE B 121 2.45 -11.31 -31.06
CA PHE B 121 1.69 -11.16 -29.80
C PHE B 121 0.70 -9.99 -29.73
N ASP B 122 -0.22 -10.08 -28.77
CA ASP B 122 -1.19 -9.03 -28.52
C ASP B 122 -0.76 -8.21 -27.30
N VAL B 123 -1.11 -6.93 -27.33
CA VAL B 123 -0.95 -6.04 -26.21
C VAL B 123 -2.29 -5.49 -25.81
N GLN B 124 -2.45 -5.24 -24.51
CA GLN B 124 -3.70 -4.72 -23.96
C GLN B 124 -3.47 -3.35 -23.30
N ALA B 125 -3.90 -2.28 -23.98
CA ALA B 125 -4.04 -0.95 -23.32
C ALA B 125 -5.33 -0.27 -23.77
N VAL B 126 -6.27 -1.10 -24.22
CA VAL B 126 -7.61 -0.69 -24.61
C VAL B 126 -7.53 0.42 -25.67
N CSO B 127 -8.28 1.52 -25.53
CA CSO B 127 -8.32 2.55 -26.55
CB CSO B 127 -9.47 3.60 -26.32
SG CSO B 127 -11.08 2.89 -26.08
C CSO B 127 -6.94 3.20 -26.81
O CSO B 127 -6.78 3.84 -27.85
OD CSO B 127 -11.08 2.58 -24.59
N SER B 128 -5.96 3.04 -25.89
CA SER B 128 -4.56 3.51 -26.10
C SER B 128 -3.70 2.43 -26.72
N GLY B 129 -4.31 1.30 -27.03
CA GLY B 129 -3.59 0.15 -27.55
C GLY B 129 -2.64 0.39 -28.70
N PHE B 130 -3.09 1.15 -29.71
CA PHE B 130 -2.29 1.34 -30.92
C PHE B 130 -1.02 2.14 -30.61
N ALA B 131 -1.11 3.16 -29.77
CA ALA B 131 0.08 3.90 -29.31
C ALA B 131 1.05 2.97 -28.58
N TYR B 132 0.51 2.11 -27.73
CA TYR B 132 1.31 1.14 -27.03
C TYR B 132 2.01 0.20 -28.00
N ALA B 133 1.27 -0.29 -29.03
CA ALA B 133 1.78 -1.24 -30.04
C ALA B 133 2.85 -0.58 -30.94
N VAL B 134 2.55 0.63 -31.42
CA VAL B 134 3.54 1.45 -32.14
C VAL B 134 4.85 1.70 -31.35
N ALA B 135 4.75 2.05 -30.08
CA ALA B 135 5.94 2.33 -29.30
C ALA B 135 6.76 1.06 -29.09
N THR B 136 6.07 -0.09 -28.91
CA THR B 136 6.75 -1.37 -28.69
C THR B 136 7.50 -1.84 -29.94
N ALA B 137 6.79 -1.90 -31.06
CA ALA B 137 7.41 -2.18 -32.33
C ALA B 137 8.58 -1.25 -32.59
N ASP B 138 8.35 0.05 -32.46
CA ASP B 138 9.43 1.02 -32.70
C ASP B 138 10.64 0.61 -31.89
N SER B 139 10.43 0.26 -30.61
CA SER B 139 11.58 -0.08 -29.75
C SER B 139 12.34 -1.33 -30.27
N PHE B 140 11.61 -2.30 -30.77
CA PHE B 140 12.21 -3.49 -31.36
C PHE B 140 12.98 -3.23 -32.63
N ILE B 141 12.45 -2.35 -33.51
CA ILE B 141 13.12 -2.01 -34.78
C ILE B 141 14.37 -1.14 -34.52
N ARG B 142 14.22 -0.11 -33.69
CA ARG B 142 15.36 0.78 -33.41
C ARG B 142 16.62 0.01 -32.90
N SER B 143 16.41 -0.98 -32.05
CA SER B 143 17.50 -1.75 -31.42
C SER B 143 18.19 -2.73 -32.37
N GLY B 144 17.57 -3.01 -33.51
CA GLY B 144 18.12 -3.97 -34.48
C GLY B 144 17.48 -5.36 -34.43
N GLN B 145 16.58 -5.59 -33.48
CA GLN B 145 16.09 -6.95 -33.24
C GLN B 145 15.07 -7.41 -34.24
N HIS B 146 14.31 -6.48 -34.76
CA HIS B 146 13.33 -6.78 -35.82
C HIS B 146 13.47 -5.74 -36.87
N ARG B 147 12.98 -6.05 -38.06
CA ARG B 147 13.24 -5.24 -39.20
C ARG B 147 11.96 -4.68 -39.77
N THR B 148 10.96 -5.54 -39.95
CA THR B 148 9.70 -5.15 -40.58
C THR B 148 8.54 -5.65 -39.70
N ALA B 149 7.77 -4.71 -39.16
CA ALA B 149 6.70 -5.02 -38.21
C ALA B 149 5.35 -4.60 -38.79
N LEU B 150 4.36 -5.52 -38.66
CA LEU B 150 2.95 -5.22 -38.89
C LEU B 150 2.33 -4.85 -37.58
N VAL B 151 1.79 -3.64 -37.47
CA VAL B 151 1.21 -3.17 -36.25
C VAL B 151 -0.28 -2.89 -36.46
N ILE B 152 -1.12 -3.56 -35.65
CA ILE B 152 -2.56 -3.56 -35.83
C ILE B 152 -3.31 -3.00 -34.62
N GLY B 153 -4.33 -2.19 -34.88
CA GLY B 153 -5.42 -1.96 -33.94
C GLY B 153 -6.69 -2.57 -34.55
N ALA B 154 -7.33 -3.48 -33.83
CA ALA B 154 -8.50 -4.17 -34.33
C ALA B 154 -9.49 -4.49 -33.20
N GLU B 155 -10.78 -4.20 -33.42
CA GLU B 155 -11.85 -4.52 -32.41
C GLU B 155 -13.17 -4.97 -33.04
N THR B 156 -13.81 -5.92 -32.34
CA THR B 156 -15.22 -6.23 -32.51
C THR B 156 -15.94 -5.85 -31.22
N PHE B 157 -15.91 -4.55 -30.89
CA PHE B 157 -16.50 -4.04 -29.63
C PHE B 157 -18.02 -4.25 -29.52
N SER B 158 -18.67 -4.55 -30.62
CA SER B 158 -20.06 -4.94 -30.53
C SER B 158 -20.28 -6.17 -29.67
N ARG B 159 -19.27 -7.00 -29.49
CA ARG B 159 -19.40 -8.21 -28.62
C ARG B 159 -19.49 -7.94 -27.12
N ILE B 160 -19.12 -6.74 -26.72
CA ILE B 160 -19.08 -6.38 -25.31
C ILE B 160 -19.92 -5.15 -25.01
N LEU B 161 -20.83 -4.81 -25.93
CA LEU B 161 -21.76 -3.72 -25.71
C LEU B 161 -23.05 -4.24 -25.04
N ASP B 162 -23.50 -3.55 -24.01
CA ASP B 162 -24.88 -3.75 -23.51
C ASP B 162 -25.89 -2.87 -24.26
N PHE B 163 -26.71 -3.46 -25.12
CA PHE B 163 -27.70 -2.67 -25.88
C PHE B 163 -28.97 -2.22 -25.10
N LYS B 164 -29.06 -2.56 -23.83
CA LYS B 164 -29.99 -1.87 -22.94
C LYS B 164 -29.39 -0.56 -22.31
N ASP B 165 -28.10 -0.25 -22.56
CA ASP B 165 -27.44 0.96 -21.97
C ASP B 165 -27.13 2.01 -23.02
N ARG B 166 -27.98 3.03 -23.11
CA ARG B 166 -27.83 4.05 -24.15
C ARG B 166 -26.61 4.96 -23.95
N THR B 167 -26.04 4.96 -22.75
CA THR B 167 -24.87 5.73 -22.46
C THR B 167 -23.67 5.29 -23.31
N THR B 168 -23.54 3.99 -23.55
CA THR B 168 -22.34 3.42 -24.15
C THR B 168 -22.60 2.70 -25.46
N CYS B 169 -23.81 2.20 -25.68
CA CYS B 169 -24.05 1.29 -26.81
C CYS B 169 -24.23 2.01 -28.16
N VAL B 170 -24.32 3.34 -28.10
CA VAL B 170 -24.39 4.22 -29.27
C VAL B 170 -23.04 4.80 -29.65
N LEU B 171 -22.04 4.43 -28.84
CA LEU B 171 -20.73 5.10 -28.83
C LEU B 171 -19.66 4.25 -29.58
N PHE B 172 -19.67 2.94 -29.39
CA PHE B 172 -18.58 2.10 -29.88
C PHE B 172 -18.94 1.38 -31.15
N GLY B 173 -17.92 1.10 -31.94
CA GLY B 173 -18.08 0.36 -33.21
C GLY B 173 -16.97 -0.67 -33.41
N ASP B 174 -17.00 -1.32 -34.58
CA ASP B 174 -16.04 -2.33 -34.95
C ASP B 174 -15.17 -1.85 -36.10
N GLY B 175 -14.03 -2.50 -36.24
CA GLY B 175 -13.12 -2.20 -37.32
C GLY B 175 -11.67 -2.59 -37.05
N ALA B 176 -10.84 -2.35 -38.06
CA ALA B 176 -9.41 -2.62 -37.97
C ALA B 176 -8.61 -1.65 -38.83
N GLY B 177 -7.43 -1.32 -38.33
CA GLY B 177 -6.46 -0.53 -39.03
C GLY B 177 -5.05 -1.10 -38.80
N ALA B 178 -4.17 -0.87 -39.77
CA ALA B 178 -2.85 -1.51 -39.78
C ALA B 178 -1.82 -0.63 -40.40
N VAL B 179 -0.61 -0.72 -39.88
CA VAL B 179 0.55 -0.08 -40.45
C VAL B 179 1.66 -1.06 -40.53
N ILE B 180 2.47 -0.92 -41.59
CA ILE B 180 3.76 -1.60 -41.70
C ILE B 180 4.87 -0.61 -41.37
N LEU B 181 5.70 -0.96 -40.39
CA LEU B 181 6.89 -0.20 -39.99
C LEU B 181 8.14 -0.96 -40.41
N GLN B 182 9.14 -0.24 -40.90
CA GLN B 182 10.40 -0.82 -41.30
C GLN B 182 11.61 0.03 -40.91
N ALA B 183 12.69 -0.66 -40.52
CA ALA B 183 13.99 -0.06 -40.27
C ALA B 183 14.36 0.92 -41.37
N SER B 184 14.92 2.05 -40.99
CA SER B 184 15.25 3.10 -41.96
C SER B 184 16.34 3.99 -41.41
N ASP B 185 17.07 4.64 -42.29
CA ASP B 185 18.09 5.59 -41.86
C ASP B 185 17.44 6.92 -41.53
N GLU B 186 16.19 7.11 -41.94
CA GLU B 186 15.52 8.39 -41.75
C GLU B 186 14.24 8.19 -40.93
N PRO B 187 14.03 9.06 -39.91
CA PRO B 187 12.88 8.97 -39.05
C PRO B 187 11.54 9.16 -39.73
N GLY B 188 10.71 8.16 -39.53
CA GLY B 188 9.33 8.36 -39.23
C GLY B 188 9.15 8.55 -37.71
N VAL B 189 9.08 7.48 -36.92
CA VAL B 189 8.71 7.60 -35.50
C VAL B 189 9.77 8.28 -34.71
N LEU B 190 9.48 9.49 -34.26
CA LEU B 190 10.44 10.33 -33.58
C LEU B 190 10.41 10.03 -32.07
N ALA B 191 9.22 9.78 -31.52
CA ALA B 191 9.09 9.52 -30.10
C ALA B 191 7.70 9.09 -29.70
N SER B 192 7.64 8.50 -28.51
CA SER B 192 6.40 8.08 -27.92
C SER B 192 6.46 8.32 -26.41
N ALA B 193 5.31 8.58 -25.80
CA ALA B 193 5.18 8.63 -24.35
C ALA B 193 3.94 7.87 -23.94
N LEU B 194 4.07 6.95 -23.00
CA LEU B 194 3.01 6.07 -22.59
C LEU B 194 2.79 6.21 -21.09
N HIS B 195 1.56 6.10 -20.64
CA HIS B 195 1.22 6.28 -19.23
C HIS B 195 0.05 5.45 -18.84
N ALA B 196 -0.12 5.24 -17.54
CA ALA B 196 -1.25 4.49 -17.00
C ALA B 196 -1.55 4.95 -15.57
N ASP B 197 -2.83 4.94 -15.21
CA ASP B 197 -3.22 5.18 -13.81
C ASP B 197 -4.35 4.27 -13.42
N GLY B 198 -4.01 3.17 -12.77
CA GLY B 198 -4.95 2.13 -12.45
C GLY B 198 -5.95 2.52 -11.38
N SER B 199 -5.71 3.62 -10.67
CA SER B 199 -6.70 4.12 -9.70
C SER B 199 -8.04 4.52 -10.38
N HIS B 200 -8.02 4.72 -11.70
CA HIS B 200 -9.23 5.06 -12.41
C HIS B 200 -9.79 3.91 -13.25
N SER B 201 -9.48 2.67 -12.87
CA SER B 201 -9.96 1.49 -13.58
C SER B 201 -11.48 1.36 -13.56
N ASN B 202 -12.11 1.84 -12.50
CA ASN B 202 -13.53 1.55 -12.27
C ASN B 202 -14.48 2.37 -13.18
N ILE B 203 -13.96 3.46 -13.76
CA ILE B 203 -14.77 4.39 -14.49
C ILE B 203 -14.87 4.02 -15.95
N LEU B 204 -14.05 3.10 -16.41
CA LEU B 204 -14.17 2.64 -17.78
C LEU B 204 -13.65 1.24 -17.82
N CYS B 205 -14.55 0.27 -17.92
CA CYS B 205 -14.20 -1.16 -17.75
C CYS B 205 -15.22 -2.08 -18.30
N THR B 206 -14.77 -3.26 -18.69
CA THR B 206 -15.67 -4.35 -18.98
C THR B 206 -15.36 -5.45 -17.95
N PRO B 207 -15.96 -5.31 -16.76
CA PRO B 207 -15.46 -6.02 -15.58
C PRO B 207 -15.95 -7.47 -15.46
N GLY B 208 -15.55 -8.33 -16.39
CA GLY B 208 -15.80 -9.76 -16.25
C GLY B 208 -14.90 -10.55 -17.17
N ASN B 209 -15.03 -11.87 -17.10
CA ASN B 209 -14.24 -12.78 -17.91
C ASN B 209 -14.78 -14.19 -17.72
N VAL B 210 -14.22 -15.14 -18.44
CA VAL B 210 -14.72 -16.49 -18.35
C VAL B 210 -14.11 -17.25 -17.18
N ASN B 211 -14.92 -18.12 -16.60
CA ASN B 211 -14.58 -18.84 -15.43
C ASN B 211 -15.43 -20.14 -15.42
N GLY B 212 -14.78 -21.28 -15.54
CA GLY B 212 -15.47 -22.57 -15.53
C GLY B 212 -16.55 -22.65 -16.58
N GLY B 213 -16.25 -22.16 -17.78
CA GLY B 213 -17.17 -22.23 -18.91
C GLY B 213 -18.15 -21.08 -19.07
N VAL B 214 -18.54 -20.45 -17.97
CA VAL B 214 -19.54 -19.37 -17.99
C VAL B 214 -18.87 -18.02 -17.74
N VAL B 215 -19.58 -16.95 -18.03
CA VAL B 215 -19.13 -15.61 -17.69
C VAL B 215 -19.33 -15.33 -16.22
N SER B 216 -18.31 -14.80 -15.54
CA SER B 216 -18.50 -14.25 -14.20
C SER B 216 -18.26 -12.74 -14.27
N GLY B 217 -18.83 -11.99 -13.32
CA GLY B 217 -18.84 -10.51 -13.39
C GLY B 217 -19.80 -10.02 -14.48
N SER B 218 -19.48 -8.90 -15.11
CA SER B 218 -20.22 -8.46 -16.31
C SER B 218 -19.30 -8.35 -17.49
N ALA B 219 -19.69 -9.02 -18.57
CA ALA B 219 -18.94 -9.00 -19.82
C ALA B 219 -19.43 -7.88 -20.73
N PHE B 220 -19.82 -6.77 -20.13
CA PHE B 220 -20.37 -5.62 -20.86
C PHE B 220 -19.64 -4.38 -20.44
N LEU B 221 -19.40 -3.51 -21.40
CA LEU B 221 -18.65 -2.30 -21.16
C LEU B 221 -19.49 -1.31 -20.35
N HIS B 222 -18.90 -0.73 -19.32
CA HIS B 222 -19.53 0.33 -18.53
C HIS B 222 -18.62 1.52 -18.47
N MET B 223 -19.20 2.68 -18.25
CA MET B 223 -18.45 3.89 -18.36
C MET B 223 -19.12 5.01 -17.58
N ASP B 224 -18.31 5.80 -16.87
CA ASP B 224 -18.72 7.08 -16.31
C ASP B 224 -18.20 8.15 -17.26
N GLY B 225 -19.08 8.59 -18.19
CA GLY B 225 -18.70 9.52 -19.25
C GLY B 225 -18.15 10.82 -18.75
N GLN B 226 -18.67 11.31 -17.62
CA GLN B 226 -18.26 12.57 -17.08
C GLN B 226 -16.84 12.49 -16.61
N ALA B 227 -16.54 11.45 -15.85
CA ALA B 227 -15.22 11.29 -15.26
C ALA B 227 -14.20 11.05 -16.36
N VAL B 228 -14.57 10.24 -17.37
CA VAL B 228 -13.67 9.92 -18.45
C VAL B 228 -13.28 11.19 -19.23
N PHE B 229 -14.27 12.06 -19.50
CA PHE B 229 -14.03 13.31 -20.21
C PHE B 229 -13.00 14.22 -19.52
N LYS B 230 -13.22 14.49 -18.24
CA LYS B 230 -12.37 15.39 -17.45
C LYS B 230 -10.97 14.85 -17.42
N LEU B 231 -10.84 13.56 -17.18
CA LEU B 231 -9.55 12.93 -17.18
C LEU B 231 -8.91 13.05 -18.55
N ALA B 232 -9.70 12.78 -19.60
CA ALA B 232 -9.20 12.73 -20.95
C ALA B 232 -8.57 14.06 -21.26
N VAL B 233 -9.33 15.15 -21.13
CA VAL B 233 -8.83 16.46 -21.50
C VAL B 233 -7.62 16.85 -20.65
N ASN B 234 -7.61 16.41 -19.41
CA ASN B 234 -6.49 16.75 -18.51
C ASN B 234 -5.18 16.18 -19.02
N VAL B 235 -5.17 14.89 -19.33
CA VAL B 235 -3.94 14.22 -19.66
C VAL B 235 -3.51 14.34 -21.12
N LEU B 236 -4.47 14.49 -22.04
CA LEU B 236 -4.13 14.52 -23.47
C LEU B 236 -3.21 15.70 -23.79
N GLU B 237 -3.48 16.85 -23.20
CA GLU B 237 -2.63 18.02 -23.38
C GLU B 237 -1.21 17.69 -22.98
N LYS B 238 -1.08 17.17 -21.77
CA LYS B 238 0.24 16.91 -21.17
C LYS B 238 1.06 15.87 -21.98
N VAL B 239 0.44 14.74 -22.32
CA VAL B 239 1.20 13.69 -22.99
C VAL B 239 1.65 14.12 -24.42
N ALA B 240 0.81 14.88 -25.11
CA ALA B 240 1.18 15.49 -26.39
C ALA B 240 2.44 16.30 -26.28
N VAL B 241 2.47 17.17 -25.28
CA VAL B 241 3.62 18.04 -25.06
C VAL B 241 4.83 17.18 -24.77
N GLU B 242 4.69 16.21 -23.84
CA GLU B 242 5.79 15.35 -23.47
C GLU B 242 6.36 14.65 -24.72
N ALA B 243 5.48 14.09 -25.55
CA ALA B 243 5.91 13.38 -26.76
C ALA B 243 6.63 14.33 -27.73
N LEU B 244 6.09 15.52 -27.88
CA LEU B 244 6.67 16.51 -28.75
C LEU B 244 8.03 16.96 -28.26
N GLU B 245 8.16 17.19 -26.95
CA GLU B 245 9.49 17.50 -26.36
C GLU B 245 10.49 16.36 -26.59
N LYS B 246 10.05 15.12 -26.40
CA LYS B 246 10.94 13.93 -26.58
C LYS B 246 11.39 13.77 -28.03
N ALA B 247 10.59 14.26 -28.96
CA ALA B 247 10.89 14.25 -30.38
C ALA B 247 11.65 15.50 -30.83
N ASN B 248 12.02 16.35 -29.87
CA ASN B 248 12.62 17.66 -30.17
C ASN B 248 11.81 18.47 -31.16
N LEU B 249 10.51 18.52 -30.92
CA LEU B 249 9.60 19.37 -31.67
C LEU B 249 8.71 20.17 -30.74
N SER B 250 7.99 21.10 -31.35
CA SER B 250 6.93 21.85 -30.65
C SER B 250 5.58 21.57 -31.29
N ALA B 251 4.52 21.92 -30.55
CA ALA B 251 3.15 21.82 -31.10
C ALA B 251 2.99 22.58 -32.40
N GLU B 252 3.68 23.70 -32.56
CA GLU B 252 3.57 24.54 -33.76
C GLU B 252 4.24 23.87 -35.01
N GLN B 253 4.92 22.75 -34.80
CA GLN B 253 5.49 21.96 -35.90
C GLN B 253 4.63 20.75 -36.32
N ILE B 254 3.49 20.56 -35.68
CA ILE B 254 2.58 19.49 -36.09
C ILE B 254 1.83 19.89 -37.36
N ASP B 255 1.83 19.01 -38.37
CA ASP B 255 1.03 19.21 -39.60
C ASP B 255 -0.33 18.55 -39.49
N TRP B 256 -0.41 17.44 -38.76
CA TRP B 256 -1.67 16.75 -38.57
C TRP B 256 -1.79 16.13 -37.23
N LEU B 257 -2.96 16.33 -36.61
CA LEU B 257 -3.31 15.72 -35.32
C LEU B 257 -4.34 14.62 -35.54
N ILE B 258 -4.05 13.41 -35.05
CA ILE B 258 -4.96 12.27 -35.14
C ILE B 258 -5.22 11.71 -33.76
N PRO B 259 -6.28 12.18 -33.13
CA PRO B 259 -6.62 11.58 -31.87
C PRO B 259 -7.38 10.30 -32.00
N HIS B 260 -7.33 9.51 -30.95
CA HIS B 260 -8.35 8.52 -30.72
C HIS B 260 -9.72 9.13 -30.87
N GLN B 261 -10.59 8.47 -31.62
CA GLN B 261 -11.91 9.04 -32.01
C GLN B 261 -12.99 8.67 -30.99
N ALA B 262 -12.98 9.39 -29.89
CA ALA B 262 -13.90 9.09 -28.76
C ALA B 262 -15.20 9.85 -28.97
N ASN B 263 -15.07 11.16 -29.11
CA ASN B 263 -16.20 12.02 -29.38
C ASN B 263 -15.69 13.40 -29.77
N ILE B 264 -16.49 14.10 -30.54
CA ILE B 264 -15.98 15.29 -31.21
C ILE B 264 -15.47 16.35 -30.21
N ARG B 265 -16.13 16.48 -29.05
CA ARG B 265 -15.79 17.55 -28.12
C ARG B 265 -14.48 17.34 -27.36
N ILE B 266 -14.16 16.09 -26.97
CA ILE B 266 -12.83 15.83 -26.41
C ILE B 266 -11.76 16.16 -27.46
N MET B 267 -12.10 15.88 -28.72
CA MET B 267 -11.14 16.04 -29.82
C MET B 267 -10.87 17.49 -30.09
N GLN B 268 -11.94 18.28 -30.13
CA GLN B 268 -11.85 19.71 -30.38
C GLN B 268 -11.13 20.43 -29.25
N SER B 269 -11.48 20.09 -28.01
CA SER B 269 -10.76 20.57 -26.85
C SER B 269 -9.25 20.36 -27.01
N THR B 270 -8.84 19.10 -27.20
CA THR B 270 -7.43 18.83 -27.24
C THR B 270 -6.75 19.67 -28.30
N CYS B 271 -7.31 19.66 -29.49
CA CYS B 271 -6.77 20.36 -30.61
C CYS B 271 -6.58 21.87 -30.31
N ARG B 272 -7.57 22.46 -29.66
CA ARG B 272 -7.48 23.88 -29.25
C ARG B 272 -6.36 24.07 -28.21
N LYS B 273 -6.34 23.22 -27.18
CA LYS B 273 -5.34 23.33 -26.12
C LYS B 273 -3.88 23.18 -26.69
N LEU B 274 -3.71 22.52 -27.85
CA LEU B 274 -2.39 22.46 -28.53
C LEU B 274 -2.12 23.73 -29.29
N GLY B 275 -3.14 24.56 -29.44
CA GLY B 275 -3.01 25.79 -30.21
C GLY B 275 -3.10 25.59 -31.72
N LEU B 276 -3.59 24.44 -32.17
CA LEU B 276 -3.76 24.19 -33.60
C LEU B 276 -5.13 24.60 -34.10
N PRO B 277 -5.23 24.96 -35.37
CA PRO B 277 -6.57 25.13 -35.94
C PRO B 277 -7.27 23.78 -36.15
N GLN B 278 -8.60 23.77 -36.06
CA GLN B 278 -9.38 22.55 -36.17
C GLN B 278 -9.17 21.81 -37.50
N GLU B 279 -8.79 22.54 -38.54
CA GLU B 279 -8.60 21.95 -39.89
C GLU B 279 -7.35 21.07 -40.00
N ARG B 280 -6.50 21.12 -38.95
CA ARG B 280 -5.30 20.30 -38.87
C ARG B 280 -5.53 18.97 -38.12
N MET B 281 -6.79 18.65 -37.84
CA MET B 281 -7.12 17.45 -37.09
C MET B 281 -7.91 16.52 -37.99
N ILE B 282 -7.51 15.26 -38.08
CA ILE B 282 -8.28 14.26 -38.84
C ILE B 282 -9.46 13.79 -37.97
N VAL B 283 -10.66 13.83 -38.52
CA VAL B 283 -11.86 13.47 -37.82
C VAL B 283 -12.61 12.41 -38.60
N THR B 284 -12.82 11.28 -37.95
CA THR B 284 -13.59 10.16 -38.49
C THR B 284 -14.67 9.66 -37.53
N VAL B 285 -14.71 10.19 -36.31
CA VAL B 285 -15.67 9.70 -35.31
C VAL B 285 -17.12 9.71 -35.80
N GLY B 286 -17.46 10.70 -36.62
CA GLY B 286 -18.81 10.83 -37.13
C GLY B 286 -19.29 9.62 -37.89
N GLU B 287 -18.39 9.00 -38.62
CA GLU B 287 -18.72 7.89 -39.46
C GLU B 287 -18.25 6.53 -38.87
N HIS B 288 -17.20 6.54 -38.04
CA HIS B 288 -16.60 5.28 -37.53
C HIS B 288 -17.06 4.94 -36.15
N GLY B 289 -17.46 5.96 -35.41
CA GLY B 289 -17.65 5.80 -34.02
C GLY B 289 -16.34 5.52 -33.32
N ASN B 290 -16.44 5.08 -32.08
CA ASN B 290 -15.26 4.81 -31.29
C ASN B 290 -14.97 3.32 -31.43
N THR B 291 -13.95 3.00 -32.23
CA THR B 291 -13.50 1.65 -32.46
C THR B 291 -12.20 1.31 -31.62
N SER B 292 -12.07 1.93 -30.46
CA SER B 292 -11.01 1.61 -29.47
C SER B 292 -9.69 1.58 -30.19
N ALA B 293 -8.93 0.50 -30.06
CA ALA B 293 -7.57 0.45 -30.57
C ALA B 293 -7.48 0.62 -32.10
N ALA B 294 -8.58 0.31 -32.82
CA ALA B 294 -8.62 0.45 -34.27
C ALA B 294 -8.77 1.92 -34.71
N SER B 295 -9.10 2.78 -33.77
CA SER B 295 -9.55 4.11 -34.11
C SER B 295 -8.54 4.89 -34.89
N ILE B 296 -7.35 5.04 -34.30
CA ILE B 296 -6.31 5.89 -34.85
C ILE B 296 -5.80 5.40 -36.21
N PRO B 297 -5.54 4.09 -36.34
CA PRO B 297 -5.01 3.63 -37.63
C PRO B 297 -6.06 3.61 -38.76
N LEU B 298 -7.33 3.52 -38.39
CA LEU B 298 -8.41 3.80 -39.37
C LEU B 298 -8.30 5.25 -39.93
N ALA B 299 -8.26 6.20 -39.02
CA ALA B 299 -8.16 7.61 -39.39
C ALA B 299 -6.84 7.89 -40.12
N LEU B 300 -5.75 7.30 -39.65
CA LEU B 300 -4.48 7.42 -40.38
C LEU B 300 -4.66 6.98 -41.87
N ASP B 301 -5.29 5.83 -42.08
CA ASP B 301 -5.37 5.23 -43.40
C ASP B 301 -6.19 6.08 -44.34
N VAL B 302 -7.34 6.54 -43.84
CA VAL B 302 -8.24 7.39 -44.58
C VAL B 302 -7.49 8.64 -45.04
N ALA B 303 -6.76 9.26 -44.12
CA ALA B 303 -6.11 10.57 -44.40
C ALA B 303 -4.83 10.42 -45.26
N VAL B 304 -4.14 9.30 -45.13
CA VAL B 304 -3.06 9.01 -46.04
C VAL B 304 -3.60 8.79 -47.45
N ARG B 305 -4.59 7.93 -47.56
CA ARG B 305 -5.07 7.52 -48.87
C ARG B 305 -5.90 8.60 -49.56
N ASP B 306 -6.45 9.58 -48.83
CA ASP B 306 -7.16 10.69 -49.52
C ASP B 306 -6.23 11.90 -49.73
N GLY B 307 -4.95 11.70 -49.44
CA GLY B 307 -3.92 12.65 -49.83
C GLY B 307 -3.71 13.81 -48.86
N ARG B 308 -4.35 13.79 -47.71
CA ARG B 308 -4.11 14.84 -46.75
C ARG B 308 -2.72 14.76 -46.12
N ILE B 309 -2.33 13.54 -45.75
CA ILE B 309 -1.08 13.34 -45.02
C ILE B 309 0.00 13.02 -46.07
N LYS B 310 1.00 13.88 -46.17
CA LYS B 310 2.02 13.74 -47.21
C LYS B 310 3.40 13.39 -46.60
N ARG B 311 4.23 12.71 -47.39
CA ARG B 311 5.58 12.37 -46.97
C ARG B 311 6.32 13.63 -46.44
N GLY B 312 7.02 13.46 -45.32
CA GLY B 312 7.77 14.55 -44.70
C GLY B 312 6.96 15.28 -43.65
N GLN B 313 5.64 15.07 -43.61
CA GLN B 313 4.82 15.77 -42.60
C GLN B 313 4.86 15.13 -41.21
N ASN B 314 4.72 15.96 -40.18
CA ASN B 314 4.72 15.49 -38.81
C ASN B 314 3.32 15.19 -38.33
N VAL B 315 3.10 13.97 -37.84
CA VAL B 315 1.80 13.53 -37.39
C VAL B 315 1.84 13.28 -35.90
N LEU B 316 0.89 13.85 -35.15
CA LEU B 316 0.73 13.52 -33.73
C LEU B 316 -0.51 12.59 -33.56
N ILE B 317 -0.28 11.37 -33.09
CA ILE B 317 -1.36 10.48 -32.67
C ILE B 317 -1.39 10.45 -31.12
N GLU B 318 -2.57 10.47 -30.54
CA GLU B 318 -2.71 10.44 -29.07
C GLU B 318 -4.10 9.99 -28.67
N GLY B 319 -4.18 9.32 -27.54
CA GLY B 319 -5.46 8.89 -27.05
C GLY B 319 -5.39 8.38 -25.63
N VAL B 320 -6.57 8.23 -25.04
CA VAL B 320 -6.74 7.69 -23.73
C VAL B 320 -7.65 6.46 -23.85
N GLY B 321 -7.64 5.62 -22.83
CA GLY B 321 -8.52 4.44 -22.81
C GLY B 321 -8.63 3.84 -21.43
N GLY B 322 -9.30 2.69 -21.35
CA GLY B 322 -9.47 1.96 -20.11
C GLY B 322 -8.14 1.64 -19.45
N GLY B 323 -8.12 1.74 -18.14
CA GLY B 323 -6.88 1.53 -17.42
C GLY B 323 -6.86 2.21 -16.08
N PHE B 324 -6.80 3.53 -16.05
CA PHE B 324 -6.78 4.41 -17.22
C PHE B 324 -5.44 4.31 -17.90
N THR B 325 -5.43 4.39 -19.24
CA THR B 325 -4.19 4.46 -19.98
C THR B 325 -4.25 5.65 -20.89
N TRP B 326 -3.07 6.13 -21.29
CA TRP B 326 -2.98 7.09 -22.36
C TRP B 326 -1.62 7.07 -22.96
N GLY B 327 -1.49 7.58 -24.16
CA GLY B 327 -0.17 7.66 -24.80
C GLY B 327 -0.19 8.48 -26.05
N ALA B 328 0.98 8.89 -26.52
CA ALA B 328 1.07 9.66 -27.79
C ALA B 328 2.26 9.24 -28.58
N SER B 329 2.18 9.47 -29.89
CA SER B 329 3.36 9.32 -30.74
C SER B 329 3.48 10.46 -31.73
N VAL B 330 4.73 10.87 -31.97
CA VAL B 330 5.06 11.82 -33.02
C VAL B 330 5.78 11.06 -34.15
N ILE B 331 5.17 11.09 -35.34
CA ILE B 331 5.62 10.33 -36.49
C ILE B 331 5.81 11.29 -37.69
N ARG B 332 7.01 11.29 -38.26
CA ARG B 332 7.23 11.92 -39.54
C ARG B 332 6.85 10.91 -40.57
N TYR B 333 5.78 11.16 -41.31
CA TYR B 333 5.30 10.20 -42.29
C TYR B 333 6.29 9.96 -43.41
N THR C 9 24.99 -0.40 -23.99
CA THR C 9 25.59 0.45 -22.91
C THR C 9 24.70 0.56 -21.66
N ILE C 10 23.38 0.66 -21.85
CA ILE C 10 22.43 0.40 -20.76
C ILE C 10 21.95 -1.03 -20.85
N TYR C 11 21.97 -1.74 -19.73
CA TYR C 11 21.49 -3.13 -19.63
C TYR C 11 20.42 -3.26 -18.55
N SER C 12 19.67 -4.36 -18.58
CA SER C 12 18.60 -4.61 -17.59
C SER C 12 19.07 -5.64 -16.57
N ARG C 13 19.23 -5.23 -15.33
CA ARG C 13 19.69 -6.12 -14.26
C ARG C 13 18.54 -6.48 -13.32
N VAL C 14 18.50 -7.75 -12.90
CA VAL C 14 17.49 -8.23 -11.96
C VAL C 14 17.77 -7.73 -10.54
N LEU C 15 16.97 -6.79 -10.05
CA LEU C 15 17.13 -6.29 -8.68
C LEU C 15 16.51 -7.24 -7.68
N GLY C 16 15.44 -7.94 -8.08
CA GLY C 16 14.74 -8.78 -7.14
C GLY C 16 13.77 -9.70 -7.79
N THR C 17 13.43 -10.76 -7.06
CA THR C 17 12.45 -11.71 -7.52
C THR C 17 11.41 -11.93 -6.46
N GLY C 18 10.21 -12.32 -6.89
CA GLY C 18 9.16 -12.73 -5.95
C GLY C 18 8.16 -13.64 -6.61
N SER C 19 7.46 -14.43 -5.80
CA SER C 19 6.45 -15.34 -6.32
C SER C 19 5.35 -15.64 -5.31
N TYR C 20 4.28 -16.27 -5.79
CA TYR C 20 3.17 -16.66 -4.94
C TYR C 20 2.33 -17.77 -5.50
N LEU C 21 1.96 -18.69 -4.63
CA LEU C 21 1.03 -19.75 -4.94
C LEU C 21 -0.18 -19.56 -4.02
N PRO C 22 -1.38 -19.72 -4.56
CA PRO C 22 -2.53 -19.63 -3.66
C PRO C 22 -2.52 -20.81 -2.67
N PRO C 23 -3.27 -20.70 -1.56
CA PRO C 23 -3.11 -21.64 -0.46
C PRO C 23 -3.62 -23.08 -0.70
N ASN C 24 -4.58 -23.30 -1.59
CA ASN C 24 -5.12 -24.67 -1.79
C ASN C 24 -4.18 -25.54 -2.65
N ARG C 25 -3.37 -26.32 -1.97
CA ARG C 25 -2.51 -27.31 -2.62
C ARG C 25 -3.38 -28.52 -2.98
N VAL C 26 -3.43 -28.85 -4.27
CA VAL C 26 -4.26 -29.94 -4.78
C VAL C 26 -3.34 -31.07 -5.25
N THR C 27 -3.31 -32.16 -4.48
CA THR C 27 -2.46 -33.31 -4.80
C THR C 27 -3.09 -34.12 -5.93
N ASN C 28 -2.31 -35.04 -6.50
CA ASN C 28 -2.82 -35.93 -7.53
C ASN C 28 -3.98 -36.80 -7.03
N GLN C 29 -3.89 -37.27 -5.78
CA GLN C 29 -4.98 -38.06 -5.18
C GLN C 29 -6.23 -37.19 -5.03
N ASP C 30 -6.07 -35.94 -4.57
CA ASP C 30 -7.21 -35.02 -4.46
C ASP C 30 -7.95 -34.96 -5.79
N LEU C 31 -7.17 -34.81 -6.86
CA LEU C 31 -7.75 -34.57 -8.18
C LEU C 31 -8.38 -35.85 -8.75
N ALA C 32 -7.67 -36.97 -8.63
CA ALA C 32 -8.20 -38.29 -9.05
C ALA C 32 -9.53 -38.62 -8.36
N LYS C 33 -9.60 -38.43 -7.04
CA LYS C 33 -10.84 -38.61 -6.29
C LYS C 33 -11.94 -37.73 -6.88
N ARG C 34 -11.60 -36.46 -7.15
CA ARG C 34 -12.58 -35.49 -7.65
C ARG C 34 -13.32 -36.02 -8.86
N LEU C 35 -12.58 -36.35 -9.92
CA LEU C 35 -13.23 -36.79 -11.15
C LEU C 35 -13.74 -38.26 -11.11
N ALA C 36 -13.32 -39.03 -10.09
CA ALA C 36 -13.90 -40.32 -9.82
C ALA C 36 -15.40 -40.18 -9.46
N ILE C 40 -15.17 -40.18 -14.59
CA ILE C 40 -13.89 -40.08 -15.31
C ILE C 40 -12.76 -40.60 -14.45
N GLU C 41 -11.80 -41.27 -15.08
CA GLU C 41 -10.84 -42.13 -14.37
C GLU C 41 -9.37 -41.75 -14.54
N THR C 42 -8.66 -41.53 -13.44
CA THR C 42 -7.24 -41.30 -13.49
C THR C 42 -6.57 -41.72 -12.17
N SER C 43 -5.26 -41.55 -12.06
CA SER C 43 -4.56 -41.89 -10.81
C SER C 43 -3.24 -41.17 -10.63
N ASP C 44 -2.74 -41.17 -9.40
CA ASP C 44 -1.45 -40.56 -9.06
C ASP C 44 -0.35 -41.14 -9.95
N GLU C 45 -0.31 -42.46 -10.03
CA GLU C 45 0.68 -43.12 -10.88
C GLU C 45 0.58 -42.68 -12.37
N TRP C 46 -0.64 -42.57 -12.89
CA TRP C 46 -0.83 -42.20 -14.30
C TRP C 46 -0.36 -40.81 -14.58
N ILE C 47 -0.60 -39.90 -13.65
CA ILE C 47 -0.27 -38.50 -13.81
C ILE C 47 1.24 -38.28 -13.72
N VAL C 48 1.89 -38.96 -12.77
CA VAL C 48 3.36 -38.89 -12.61
C VAL C 48 4.07 -39.48 -13.84
N ALA C 49 3.59 -40.62 -14.31
CA ALA C 49 4.18 -41.24 -15.48
C ALA C 49 4.04 -40.31 -16.68
N ARG C 50 2.86 -39.72 -16.85
CA ARG C 50 2.60 -38.86 -18.01
C ARG C 50 3.37 -37.54 -17.95
N THR C 51 3.43 -36.92 -16.77
CA THR C 51 3.79 -35.51 -16.66
C THR C 51 4.92 -35.14 -15.68
N GLY C 52 5.15 -35.98 -14.67
CA GLY C 52 6.09 -35.67 -13.59
C GLY C 52 5.49 -34.81 -12.49
N ILE C 53 4.17 -34.58 -12.55
CA ILE C 53 3.46 -33.71 -11.61
C ILE C 53 2.89 -34.51 -10.42
N HIS C 54 3.09 -33.99 -9.21
CA HIS C 54 2.55 -34.58 -7.98
C HIS C 54 1.51 -33.72 -7.35
N ALA C 55 1.70 -32.40 -7.45
CA ALA C 55 0.74 -31.41 -6.93
C ALA C 55 0.63 -30.19 -7.87
N ARG C 56 -0.42 -29.41 -7.66
CA ARG C 56 -0.49 -28.05 -8.21
C ARG C 56 -1.38 -27.24 -7.29
N TYR C 57 -1.48 -25.94 -7.56
CA TYR C 57 -2.23 -25.04 -6.70
C TYR C 57 -3.34 -24.36 -7.47
N PHE C 58 -4.54 -24.37 -6.89
CA PHE C 58 -5.71 -23.70 -7.44
C PHE C 58 -6.15 -22.50 -6.58
N ALA C 59 -6.31 -21.34 -7.22
CA ALA C 59 -6.97 -20.18 -6.60
C ALA C 59 -8.46 -20.50 -6.29
N GLU C 60 -9.01 -19.91 -5.23
CA GLU C 60 -10.46 -19.85 -5.09
C GLU C 60 -11.04 -19.11 -6.31
N PRO C 61 -12.23 -19.51 -6.77
CA PRO C 61 -12.74 -18.96 -8.04
C PRO C 61 -13.04 -17.45 -7.96
N ASP C 62 -13.08 -16.90 -6.74
CA ASP C 62 -13.19 -15.43 -6.55
C ASP C 62 -11.85 -14.72 -6.39
N VAL C 63 -10.75 -15.45 -6.52
CA VAL C 63 -9.39 -14.87 -6.46
C VAL C 63 -8.83 -14.84 -7.87
N THR C 64 -8.34 -13.66 -8.28
CA THR C 64 -8.00 -13.38 -9.68
C THR C 64 -6.49 -13.39 -9.91
N THR C 65 -6.10 -13.26 -11.18
CA THR C 65 -4.69 -13.23 -11.58
C THR C 65 -3.95 -12.03 -10.98
N SER C 66 -4.65 -10.89 -10.85
CA SER C 66 -4.03 -9.71 -10.31
C SER C 66 -3.84 -9.85 -8.79
N ASP C 67 -4.72 -10.61 -8.13
CA ASP C 67 -4.54 -10.92 -6.69
C ASP C 67 -3.23 -11.69 -6.49
N LEU C 68 -3.02 -12.71 -7.32
CA LEU C 68 -1.80 -13.47 -7.26
C LEU C 68 -0.62 -12.58 -7.59
N ALA C 69 -0.79 -11.73 -8.62
CA ALA C 69 0.28 -10.85 -9.12
C ALA C 69 0.73 -9.83 -8.06
N PHE C 70 -0.23 -9.28 -7.35
CA PHE C 70 0.03 -8.39 -6.21
C PHE C 70 1.01 -8.94 -5.16
N ILE C 71 0.81 -10.18 -4.72
CA ILE C 71 1.66 -10.73 -3.66
C ILE C 71 3.07 -11.01 -4.19
N ALA C 72 3.18 -11.53 -5.40
CA ALA C 72 4.46 -11.81 -6.00
C ALA C 72 5.24 -10.50 -6.11
N SER C 73 4.56 -9.45 -6.53
CA SER C 73 5.16 -8.16 -6.78
C SER C 73 5.64 -7.55 -5.49
N GLN C 74 4.80 -7.57 -4.48
CA GLN C 74 5.22 -7.14 -3.12
C GLN C 74 6.54 -7.82 -2.73
N ARG C 75 6.59 -9.14 -2.90
CA ARG C 75 7.79 -9.89 -2.51
C ARG C 75 9.02 -9.53 -3.35
N ALA C 76 8.82 -9.25 -4.64
CA ALA C 76 9.92 -8.79 -5.47
C ALA C 76 10.39 -7.39 -4.99
N ILE C 77 9.43 -6.52 -4.68
CA ILE C 77 9.74 -5.19 -4.23
C ILE C 77 10.58 -5.27 -2.98
N GLU C 78 10.17 -6.15 -2.05
CA GLU C 78 10.93 -6.38 -0.79
C GLU C 78 12.37 -6.86 -1.08
N ALA C 79 12.53 -7.86 -1.95
CA ALA C 79 13.89 -8.35 -2.31
C ALA C 79 14.74 -7.26 -3.01
N ALA C 80 14.11 -6.52 -3.92
CA ALA C 80 14.77 -5.38 -4.57
C ALA C 80 15.15 -4.25 -3.58
N ASP C 81 14.38 -4.13 -2.49
CA ASP C 81 14.60 -3.06 -1.48
C ASP C 81 14.38 -1.64 -2.05
N ILE C 82 13.36 -1.45 -2.89
CA ILE C 82 13.12 -0.15 -3.50
C ILE C 82 11.79 0.49 -3.09
N ASP C 83 11.70 1.79 -3.31
CA ASP C 83 10.44 2.50 -3.18
C ASP C 83 9.49 2.06 -4.35
N PRO C 84 8.28 1.61 -4.02
CA PRO C 84 7.36 1.24 -5.09
C PRO C 84 7.15 2.36 -6.16
N GLN C 85 7.24 3.61 -5.74
CA GLN C 85 7.07 4.75 -6.64
C GLN C 85 8.18 4.87 -7.67
N SER C 86 9.22 4.06 -7.55
CA SER C 86 10.35 4.08 -8.50
C SER C 86 10.12 3.19 -9.71
N ILE C 87 9.11 2.33 -9.63
CA ILE C 87 8.81 1.43 -10.74
C ILE C 87 8.06 2.21 -11.83
N ASP C 88 8.69 2.43 -12.98
CA ASP C 88 8.07 3.26 -14.04
C ASP C 88 7.56 2.43 -15.23
N LEU C 89 7.52 1.11 -15.06
CA LEU C 89 6.96 0.24 -16.10
C LEU C 89 6.48 -1.04 -15.46
N ILE C 90 5.28 -1.47 -15.83
CA ILE C 90 4.74 -2.75 -15.42
C ILE C 90 4.22 -3.53 -16.62
N ILE C 91 4.76 -4.72 -16.85
CA ILE C 91 4.28 -5.59 -17.94
C ILE C 91 3.87 -6.91 -17.33
N VAL C 92 2.60 -7.29 -17.55
CA VAL C 92 2.08 -8.57 -17.14
C VAL C 92 1.83 -9.51 -18.32
N ALA C 93 2.50 -10.66 -18.32
CA ALA C 93 2.14 -11.74 -19.23
C ALA C 93 1.10 -12.60 -18.52
N THR C 94 -0.09 -12.68 -19.14
CA THR C 94 -1.14 -13.56 -18.71
C THR C 94 -2.10 -13.87 -19.87
N SER C 95 -2.77 -15.01 -19.76
CA SER C 95 -3.82 -15.37 -20.64
C SER C 95 -5.12 -15.60 -19.87
N THR C 96 -5.12 -15.21 -18.58
CA THR C 96 -6.31 -15.23 -17.72
C THR C 96 -6.43 -13.90 -16.94
N PRO C 97 -6.48 -12.76 -17.65
CA PRO C 97 -6.62 -11.48 -16.98
C PRO C 97 -7.91 -11.38 -16.19
N ASP C 98 -7.91 -10.59 -15.11
CA ASP C 98 -9.13 -10.41 -14.28
C ASP C 98 -10.34 -10.07 -15.15
N PHE C 99 -10.15 -9.10 -16.04
CA PHE C 99 -11.28 -8.54 -16.80
C PHE C 99 -10.98 -8.50 -18.28
N VAL C 100 -12.02 -8.42 -19.08
CA VAL C 100 -11.87 -8.22 -20.52
C VAL C 100 -11.02 -7.00 -20.73
N PHE C 101 -11.37 -5.94 -20.01
CA PHE C 101 -10.48 -4.82 -19.76
C PHE C 101 -11.02 -4.07 -18.55
N PRO C 102 -10.18 -3.23 -17.93
CA PRO C 102 -8.77 -2.93 -18.26
C PRO C 102 -7.80 -4.04 -17.89
N SER C 103 -6.55 -3.81 -18.24
CA SER C 103 -5.47 -4.76 -18.10
C SER C 103 -5.17 -5.10 -16.65
N THR C 104 -4.65 -6.32 -16.47
CA THR C 104 -4.15 -6.81 -15.21
C THR C 104 -3.00 -5.90 -14.67
N ALA C 105 -2.20 -5.35 -15.57
CA ALA C 105 -1.09 -4.51 -15.17
C ALA C 105 -1.61 -3.26 -14.48
N CYS C 106 -2.69 -2.69 -15.04
CA CYS C 106 -3.30 -1.50 -14.47
C CYS C 106 -3.89 -1.75 -13.10
N LEU C 107 -4.55 -2.88 -12.93
CA LEU C 107 -5.07 -3.29 -11.64
C LEU C 107 -3.94 -3.48 -10.63
N LEU C 108 -2.88 -4.13 -11.09
CA LEU C 108 -1.73 -4.39 -10.24
C LEU C 108 -1.10 -3.06 -9.80
N GLN C 109 -0.99 -2.10 -10.73
CA GLN C 109 -0.46 -0.76 -10.41
C GLN C 109 -1.17 -0.12 -9.23
N ASN C 110 -2.49 -0.17 -9.25
CA ASN C 110 -3.31 0.46 -8.21
C ASN C 110 -3.20 -0.33 -6.91
N LYS C 111 -3.19 -1.66 -7.00
CA LYS C 111 -3.04 -2.50 -5.82
C LYS C 111 -1.73 -2.19 -5.12
N LEU C 112 -0.68 -1.91 -5.88
CA LEU C 112 0.62 -1.52 -5.33
C LEU C 112 0.68 -0.08 -4.91
N GLY C 113 -0.36 0.70 -5.19
CA GLY C 113 -0.37 2.11 -4.75
C GLY C 113 0.63 2.98 -5.49
N ILE C 114 0.89 2.64 -6.76
CA ILE C 114 1.86 3.40 -7.55
C ILE C 114 1.17 4.56 -8.24
N ARG C 115 1.67 5.77 -8.00
CA ARG C 115 0.97 7.01 -8.33
C ARG C 115 1.70 7.81 -9.41
N ASN C 116 2.74 7.23 -10.00
CA ASN C 116 3.61 7.98 -10.91
C ASN C 116 3.15 7.97 -12.38
N HIS C 117 2.03 7.33 -12.66
CA HIS C 117 1.47 7.30 -13.99
C HIS C 117 2.31 6.55 -14.99
N GLY C 118 3.19 5.67 -14.53
CA GLY C 118 4.02 4.90 -15.44
C GLY C 118 3.20 3.97 -16.32
N ALA C 119 3.77 3.60 -17.46
CA ALA C 119 3.12 2.75 -18.42
C ALA C 119 2.85 1.33 -17.83
N ALA C 120 1.66 0.81 -18.08
CA ALA C 120 1.28 -0.48 -17.56
C ALA C 120 0.41 -1.20 -18.61
N PHE C 121 0.84 -2.38 -19.05
CA PHE C 121 0.06 -3.22 -20.01
C PHE C 121 0.28 -4.73 -19.91
N ASP C 122 -0.63 -5.49 -20.52
CA ASP C 122 -0.50 -6.92 -20.64
C ASP C 122 -0.05 -7.33 -22.07
N VAL C 123 0.71 -8.43 -22.13
CA VAL C 123 1.05 -9.07 -23.38
C VAL C 123 0.49 -10.50 -23.38
N GLN C 124 0.11 -10.98 -24.57
CA GLN C 124 -0.41 -12.34 -24.76
C GLN C 124 0.50 -13.21 -25.67
N ALA C 125 1.26 -14.10 -25.07
CA ALA C 125 1.96 -15.17 -25.81
C ALA C 125 1.83 -16.51 -25.08
N VAL C 126 0.80 -16.60 -24.24
CA VAL C 126 0.43 -17.80 -23.49
C VAL C 126 1.66 -18.31 -22.67
N CSO C 127 2.00 -19.60 -22.74
CA CSO C 127 3.12 -20.16 -21.92
CB CSO C 127 3.15 -21.71 -21.91
SG CSO C 127 1.64 -22.48 -21.47
C CSO C 127 4.47 -19.54 -22.25
O CSO C 127 5.36 -19.64 -21.44
OD CSO C 127 0.86 -22.53 -22.81
N SER C 128 4.60 -18.86 -23.39
CA SER C 128 5.83 -18.08 -23.70
C SER C 128 5.76 -16.63 -23.23
N GLY C 129 4.66 -16.29 -22.57
CA GLY C 129 4.39 -14.91 -22.17
C GLY C 129 5.53 -14.21 -21.44
N PHE C 130 6.17 -14.89 -20.48
CA PHE C 130 7.19 -14.24 -19.64
C PHE C 130 8.43 -13.88 -20.44
N ALA C 131 8.85 -14.77 -21.33
CA ALA C 131 9.97 -14.47 -22.27
C ALA C 131 9.63 -13.24 -23.10
N TYR C 132 8.40 -13.19 -23.59
CA TYR C 132 7.96 -12.04 -24.40
C TYR C 132 8.01 -10.76 -23.58
N ALA C 133 7.51 -10.84 -22.34
CA ALA C 133 7.46 -9.71 -21.42
C ALA C 133 8.87 -9.23 -21.03
N VAL C 134 9.74 -10.16 -20.67
CA VAL C 134 11.13 -9.86 -20.36
C VAL C 134 11.84 -9.17 -21.52
N ALA C 135 11.62 -9.68 -22.72
CA ALA C 135 12.30 -9.14 -23.86
C ALA C 135 11.79 -7.71 -24.14
N THR C 136 10.50 -7.46 -23.95
CA THR C 136 9.92 -6.15 -24.17
C THR C 136 10.44 -5.10 -23.13
N ALA C 137 10.39 -5.45 -21.84
CA ALA C 137 10.94 -4.58 -20.77
C ALA C 137 12.42 -4.28 -21.07
N ASP C 138 13.18 -5.34 -21.32
CA ASP C 138 14.58 -5.17 -21.63
C ASP C 138 14.73 -4.13 -22.71
N SER C 139 13.95 -4.23 -23.76
CA SER C 139 14.09 -3.28 -24.89
C SER C 139 13.83 -1.83 -24.44
N PHE C 140 12.84 -1.65 -23.59
CA PHE C 140 12.49 -0.34 -23.07
C PHE C 140 13.56 0.24 -22.16
N ILE C 141 14.19 -0.61 -21.35
CA ILE C 141 15.25 -0.15 -20.43
C ILE C 141 16.56 0.16 -21.19
N ARG C 142 16.95 -0.74 -22.11
CA ARG C 142 18.18 -0.53 -22.87
C ARG C 142 18.21 0.78 -23.63
N SER C 143 17.09 1.19 -24.16
CA SER C 143 16.98 2.41 -24.96
C SER C 143 17.00 3.68 -24.16
N GLY C 144 16.80 3.58 -22.84
CA GLY C 144 16.73 4.74 -21.97
C GLY C 144 15.32 5.20 -21.63
N GLN C 145 14.30 4.57 -22.21
CA GLN C 145 12.92 5.08 -22.09
C GLN C 145 12.30 4.79 -20.75
N HIS C 146 12.72 3.69 -20.14
CA HIS C 146 12.26 3.34 -18.81
C HIS C 146 13.43 2.90 -18.02
N ARG C 147 13.30 2.93 -16.71
CA ARG C 147 14.46 2.75 -15.84
C ARG C 147 14.31 1.53 -14.94
N THR C 148 13.15 1.40 -14.31
CA THR C 148 12.85 0.30 -13.39
C THR C 148 11.51 -0.37 -13.74
N ALA C 149 11.57 -1.63 -14.17
CA ALA C 149 10.38 -2.36 -14.66
C ALA C 149 10.05 -3.51 -13.74
N LEU C 150 8.75 -3.69 -13.47
CA LEU C 150 8.17 -4.89 -12.85
C LEU C 150 7.61 -5.77 -13.94
N VAL C 151 8.14 -6.99 -14.06
CA VAL C 151 7.75 -7.91 -15.10
C VAL C 151 7.15 -9.15 -14.44
N ILE C 152 5.91 -9.46 -14.83
CA ILE C 152 5.09 -10.49 -14.15
C ILE C 152 4.63 -11.56 -15.13
N GLY C 153 4.68 -12.78 -14.66
CA GLY C 153 3.91 -13.86 -15.24
C GLY C 153 2.94 -14.30 -14.20
N ALA C 154 1.66 -14.33 -14.56
CA ALA C 154 0.62 -14.62 -13.60
C ALA C 154 -0.59 -15.33 -14.30
N GLU C 155 -1.08 -16.42 -13.70
CA GLU C 155 -2.25 -17.14 -14.26
C GLU C 155 -3.18 -17.74 -13.19
N THR C 156 -4.48 -17.71 -13.52
CA THR C 156 -5.47 -18.51 -12.83
C THR C 156 -6.05 -19.50 -13.84
N PHE C 157 -5.21 -20.39 -14.34
CA PHE C 157 -5.59 -21.33 -15.40
C PHE C 157 -6.65 -22.32 -14.98
N SER C 158 -6.88 -22.45 -13.70
CA SER C 158 -8.02 -23.26 -13.26
C SER C 158 -9.36 -22.74 -13.82
N ARG C 159 -9.43 -21.46 -14.21
CA ARG C 159 -10.70 -20.88 -14.74
C ARG C 159 -11.04 -21.34 -16.15
N ILE C 160 -10.07 -21.91 -16.84
CA ILE C 160 -10.28 -22.31 -18.23
C ILE C 160 -10.02 -23.81 -18.42
N LEU C 161 -9.99 -24.56 -17.33
CA LEU C 161 -9.79 -26.01 -17.40
C LEU C 161 -11.14 -26.73 -17.50
N ASP C 162 -11.24 -27.67 -18.43
CA ASP C 162 -12.36 -28.64 -18.43
C ASP C 162 -12.03 -29.85 -17.52
N PHE C 163 -12.68 -29.93 -16.36
CA PHE C 163 -12.44 -31.05 -15.45
C PHE C 163 -13.07 -32.41 -15.88
N LYS C 164 -13.74 -32.45 -17.04
CA LYS C 164 -14.14 -33.71 -17.69
C LYS C 164 -13.04 -34.26 -18.63
N ASP C 165 -11.95 -33.49 -18.81
CA ASP C 165 -10.86 -33.89 -19.72
C ASP C 165 -9.56 -34.19 -18.97
N ARG C 166 -9.27 -35.46 -18.75
CA ARG C 166 -8.08 -35.83 -17.99
C ARG C 166 -6.75 -35.49 -18.70
N THR C 167 -6.82 -35.29 -20.03
CA THR C 167 -5.65 -34.97 -20.84
C THR C 167 -4.99 -33.68 -20.36
N THR C 168 -5.80 -32.72 -19.93
CA THR C 168 -5.34 -31.39 -19.67
C THR C 168 -5.62 -30.89 -18.25
N CYS C 169 -6.65 -31.41 -17.60
CA CYS C 169 -7.09 -30.81 -16.33
C CYS C 169 -6.22 -31.21 -15.12
N VAL C 170 -5.33 -32.19 -15.32
CA VAL C 170 -4.37 -32.65 -14.32
C VAL C 170 -3.00 -31.96 -14.50
N LEU C 171 -2.93 -31.09 -15.50
CA LEU C 171 -1.67 -30.58 -16.03
C LEU C 171 -1.39 -29.15 -15.58
N PHE C 172 -2.41 -28.31 -15.59
CA PHE C 172 -2.20 -26.87 -15.37
C PHE C 172 -2.52 -26.45 -13.94
N GLY C 173 -1.84 -25.40 -13.49
CA GLY C 173 -2.06 -24.83 -12.16
C GLY C 173 -2.08 -23.32 -12.17
N ASP C 174 -2.22 -22.72 -10.99
CA ASP C 174 -2.29 -21.29 -10.83
C ASP C 174 -1.05 -20.77 -10.10
N GLY C 175 -0.79 -19.48 -10.27
CA GLY C 175 0.29 -18.85 -9.56
C GLY C 175 0.80 -17.59 -10.21
N ALA C 176 1.78 -16.98 -9.55
CA ALA C 176 2.39 -15.77 -10.05
C ALA C 176 3.86 -15.72 -9.70
N GLY C 177 4.62 -15.13 -10.59
CA GLY C 177 6.01 -14.78 -10.33
C GLY C 177 6.33 -13.42 -10.89
N ALA C 178 7.37 -12.79 -10.31
CA ALA C 178 7.70 -11.41 -10.67
C ALA C 178 9.19 -11.11 -10.55
N VAL C 179 9.66 -10.25 -11.46
CA VAL C 179 11.02 -9.80 -11.48
C VAL C 179 11.02 -8.29 -11.65
N ILE C 180 11.91 -7.63 -10.89
CA ILE C 180 12.20 -6.21 -11.05
C ILE C 180 13.51 -6.08 -11.81
N LEU C 181 13.45 -5.41 -12.95
CA LEU C 181 14.60 -5.13 -13.80
C LEU C 181 14.93 -3.67 -13.70
N GLN C 182 16.22 -3.35 -13.69
CA GLN C 182 16.67 -1.96 -13.62
C GLN C 182 17.92 -1.69 -14.49
N ALA C 183 17.90 -0.52 -15.13
CA ALA C 183 19.03 0.00 -15.86
C ALA C 183 20.31 -0.23 -15.08
N SER C 184 21.35 -0.69 -15.78
CA SER C 184 22.61 -1.08 -15.16
C SER C 184 23.74 -0.92 -16.17
N ASP C 185 24.95 -0.62 -15.69
CA ASP C 185 26.09 -0.53 -16.60
C ASP C 185 26.62 -1.93 -16.89
N GLU C 186 26.14 -2.93 -16.14
CA GLU C 186 26.59 -4.31 -16.33
C GLU C 186 25.41 -5.23 -16.63
N PRO C 187 25.60 -6.13 -17.60
CA PRO C 187 24.55 -7.00 -18.06
C PRO C 187 24.11 -8.00 -17.05
N GLY C 188 22.81 -7.99 -16.82
CA GLY C 188 22.04 -9.16 -16.65
C GLY C 188 21.57 -9.66 -18.01
N VAL C 189 20.46 -9.11 -18.53
CA VAL C 189 19.87 -9.68 -19.76
C VAL C 189 20.77 -9.46 -20.97
N LEU C 190 21.35 -10.56 -21.47
CA LEU C 190 22.31 -10.50 -22.57
C LEU C 190 21.61 -10.55 -23.93
N ALA C 191 20.58 -11.38 -24.05
CA ALA C 191 19.89 -11.60 -25.33
C ALA C 191 18.58 -12.32 -25.17
N SER C 192 17.69 -12.12 -26.13
CA SER C 192 16.41 -12.80 -26.20
C SER C 192 16.06 -13.14 -27.67
N ALA C 193 15.34 -14.23 -27.87
CA ALA C 193 14.87 -14.60 -29.20
C ALA C 193 13.43 -15.08 -29.06
N LEU C 194 12.53 -14.46 -29.81
CA LEU C 194 11.10 -14.74 -29.71
C LEU C 194 10.61 -15.20 -31.09
N HIS C 195 9.63 -16.10 -31.12
CA HIS C 195 9.11 -16.66 -32.39
C HIS C 195 7.67 -17.02 -32.25
N ALA C 196 6.99 -17.21 -33.40
CA ALA C 196 5.60 -17.65 -33.43
C ALA C 196 5.28 -18.40 -34.74
N ASP C 197 4.40 -19.39 -34.67
CA ASP C 197 3.87 -20.05 -35.87
C ASP C 197 2.38 -20.34 -35.72
N GLY C 198 1.57 -19.44 -36.27
CA GLY C 198 0.13 -19.53 -36.15
C GLY C 198 -0.52 -20.68 -36.91
N SER C 199 0.22 -21.34 -37.81
CA SER C 199 -0.31 -22.53 -38.47
C SER C 199 -0.59 -23.68 -37.49
N HIS C 200 -0.02 -23.62 -36.28
CA HIS C 200 -0.27 -24.64 -35.27
C HIS C 200 -1.19 -24.15 -34.15
N SER C 201 -2.05 -23.17 -34.45
CA SER C 201 -3.02 -22.62 -33.48
C SER C 201 -4.05 -23.68 -32.99
N ASN C 202 -4.39 -24.62 -33.85
CA ASN C 202 -5.46 -25.57 -33.57
C ASN C 202 -5.12 -26.64 -32.53
N ILE C 203 -3.82 -26.91 -32.34
CA ILE C 203 -3.37 -28.05 -31.48
C ILE C 203 -3.23 -27.66 -30.01
N LEU C 204 -3.31 -26.36 -29.69
CA LEU C 204 -3.29 -25.91 -28.30
C LEU C 204 -3.99 -24.55 -28.22
N CYS C 205 -5.21 -24.55 -27.69
CA CYS C 205 -6.09 -23.40 -27.76
C CYS C 205 -7.21 -23.46 -26.74
N THR C 206 -7.68 -22.29 -26.34
CA THR C 206 -8.92 -22.17 -25.58
C THR C 206 -9.88 -21.37 -26.47
N PRO C 207 -10.57 -22.07 -27.39
CA PRO C 207 -11.16 -21.43 -28.53
C PRO C 207 -12.54 -20.83 -28.25
N GLY C 208 -12.59 -19.82 -27.39
CA GLY C 208 -13.81 -19.04 -27.20
C GLY C 208 -13.55 -17.72 -26.53
N ASN C 209 -14.60 -16.92 -26.38
CA ASN C 209 -14.52 -15.59 -25.69
C ASN C 209 -15.95 -15.08 -25.47
N VAL C 210 -16.08 -13.93 -24.86
CA VAL C 210 -17.42 -13.46 -24.53
C VAL C 210 -18.00 -12.72 -25.69
N ASN C 211 -19.30 -12.81 -25.82
CA ASN C 211 -20.02 -12.22 -26.92
C ASN C 211 -21.47 -11.96 -26.47
N GLY C 212 -21.85 -10.68 -26.37
CA GLY C 212 -23.20 -10.31 -25.96
C GLY C 212 -23.56 -10.89 -24.61
N GLY C 213 -22.63 -10.83 -23.66
CA GLY C 213 -22.88 -11.30 -22.29
C GLY C 213 -22.64 -12.79 -22.04
N VAL C 214 -22.82 -13.64 -23.04
CA VAL C 214 -22.62 -15.11 -22.87
C VAL C 214 -21.30 -15.58 -23.50
N VAL C 215 -20.82 -16.75 -23.09
CA VAL C 215 -19.62 -17.36 -23.73
C VAL C 215 -20.03 -17.94 -25.09
N SER C 216 -19.28 -17.62 -26.15
CA SER C 216 -19.41 -18.33 -27.42
C SER C 216 -18.14 -19.15 -27.71
N GLY C 217 -18.27 -20.20 -28.53
CA GLY C 217 -17.17 -21.18 -28.72
C GLY C 217 -17.02 -22.04 -27.49
N SER C 218 -15.80 -22.45 -27.16
CA SER C 218 -15.51 -23.12 -25.88
C SER C 218 -14.47 -22.31 -25.11
N ALA C 219 -14.83 -21.99 -23.88
CA ALA C 219 -13.94 -21.27 -22.98
C ALA C 219 -13.17 -22.27 -22.10
N PHE C 220 -12.80 -23.41 -22.69
CA PHE C 220 -12.01 -24.43 -22.03
C PHE C 220 -10.79 -24.76 -22.87
N LEU C 221 -9.68 -25.02 -22.20
CA LEU C 221 -8.42 -25.36 -22.86
C LEU C 221 -8.46 -26.76 -23.46
N HIS C 222 -8.07 -26.87 -24.73
CA HIS C 222 -8.00 -28.15 -25.43
C HIS C 222 -6.62 -28.29 -26.07
N MET C 223 -6.17 -29.52 -26.24
CA MET C 223 -4.76 -29.76 -26.56
C MET C 223 -4.59 -31.12 -27.19
N ASP C 224 -3.76 -31.17 -28.23
CA ASP C 224 -3.27 -32.43 -28.78
C ASP C 224 -1.86 -32.61 -28.22
N GLY C 225 -1.77 -33.37 -27.12
CA GLY C 225 -0.51 -33.53 -26.38
C GLY C 225 0.62 -34.06 -27.24
N GLN C 226 0.30 -34.96 -28.16
CA GLN C 226 1.33 -35.62 -28.95
C GLN C 226 1.94 -34.60 -29.90
N ALA C 227 1.10 -33.81 -30.57
CA ALA C 227 1.59 -32.80 -31.49
C ALA C 227 2.38 -31.72 -30.76
N VAL C 228 1.89 -31.33 -29.59
CA VAL C 228 2.54 -30.27 -28.83
C VAL C 228 3.96 -30.70 -28.44
N PHE C 229 4.10 -31.93 -28.00
CA PHE C 229 5.38 -32.49 -27.58
C PHE C 229 6.43 -32.44 -28.71
N LYS C 230 6.08 -33.00 -29.87
CA LYS C 230 6.98 -33.05 -30.99
C LYS C 230 7.39 -31.66 -31.45
N LEU C 231 6.42 -30.74 -31.51
CA LEU C 231 6.72 -29.35 -31.84
C LEU C 231 7.62 -28.72 -30.79
N ALA C 232 7.29 -28.96 -29.52
CA ALA C 232 8.03 -28.40 -28.43
C ALA C 232 9.50 -28.74 -28.56
N VAL C 233 9.82 -30.04 -28.54
CA VAL C 233 11.23 -30.47 -28.52
C VAL C 233 11.94 -30.00 -29.78
N ASN C 234 11.19 -29.90 -30.87
CA ASN C 234 11.75 -29.45 -32.11
C ASN C 234 12.24 -27.97 -32.02
N VAL C 235 11.40 -27.07 -31.55
CA VAL C 235 11.76 -25.65 -31.52
C VAL C 235 12.65 -25.26 -30.34
N LEU C 236 12.48 -25.93 -29.21
CA LEU C 236 13.20 -25.51 -28.00
C LEU C 236 14.70 -25.59 -28.16
N GLU C 237 15.15 -26.64 -28.84
CA GLU C 237 16.57 -26.80 -29.14
C GLU C 237 17.07 -25.60 -29.92
N LYS C 238 16.38 -25.31 -31.03
CA LYS C 238 16.79 -24.25 -31.96
C LYS C 238 16.85 -22.85 -31.28
N VAL C 239 15.80 -22.48 -30.53
CA VAL C 239 15.74 -21.16 -29.98
C VAL C 239 16.78 -20.94 -28.88
N ALA C 240 17.04 -21.97 -28.07
CA ALA C 240 18.11 -21.87 -27.08
C ALA C 240 19.44 -21.57 -27.78
N VAL C 241 19.71 -22.27 -28.87
CA VAL C 241 20.98 -22.09 -29.58
C VAL C 241 21.07 -20.65 -30.15
N GLU C 242 19.98 -20.21 -30.80
CA GLU C 242 19.92 -18.83 -31.34
C GLU C 242 20.17 -17.80 -30.24
N ALA C 243 19.51 -17.96 -29.10
CA ALA C 243 19.68 -17.03 -27.98
C ALA C 243 21.12 -17.03 -27.44
N LEU C 244 21.70 -18.23 -27.32
CA LEU C 244 23.06 -18.39 -26.86
C LEU C 244 24.04 -17.72 -27.83
N GLU C 245 23.83 -17.91 -29.13
CA GLU C 245 24.64 -17.21 -30.15
C GLU C 245 24.50 -15.70 -30.02
N LYS C 246 23.27 -15.20 -29.88
CA LYS C 246 23.01 -13.76 -29.75
C LYS C 246 23.65 -13.12 -28.51
N ALA C 247 23.85 -13.93 -27.48
CA ALA C 247 24.49 -13.49 -26.24
C ALA C 247 26.00 -13.71 -26.25
N ASN C 248 26.52 -14.14 -27.41
CA ASN C 248 27.92 -14.51 -27.55
C ASN C 248 28.34 -15.49 -26.46
N LEU C 249 27.51 -16.52 -26.24
CA LEU C 249 27.83 -17.59 -25.26
C LEU C 249 27.67 -18.98 -25.85
N SER C 250 28.27 -19.97 -25.19
CA SER C 250 28.15 -21.35 -25.58
C SER C 250 27.29 -22.06 -24.53
N ALA C 251 26.72 -23.19 -24.91
CA ALA C 251 25.89 -23.97 -23.98
C ALA C 251 26.65 -24.34 -22.70
N GLU C 252 27.93 -24.64 -22.82
CA GLU C 252 28.71 -25.08 -21.67
C GLU C 252 28.95 -23.90 -20.70
N GLN C 253 28.57 -22.68 -21.10
CA GLN C 253 28.72 -21.54 -20.21
C GLN C 253 27.44 -21.27 -19.44
N ILE C 254 26.39 -22.05 -19.70
CA ILE C 254 25.17 -21.90 -18.91
C ILE C 254 25.33 -22.60 -17.57
N ASP C 255 25.07 -21.84 -16.51
CA ASP C 255 25.16 -22.35 -15.12
C ASP C 255 23.83 -22.92 -14.69
N TRP C 256 22.73 -22.35 -15.20
CA TRP C 256 21.38 -22.82 -14.85
C TRP C 256 20.42 -22.71 -15.99
N LEU C 257 19.67 -23.79 -16.22
CA LEU C 257 18.62 -23.85 -17.22
C LEU C 257 17.28 -23.84 -16.50
N ILE C 258 16.40 -22.92 -16.90
CA ILE C 258 15.04 -22.81 -16.35
C ILE C 258 14.01 -22.84 -17.48
N PRO C 259 13.52 -24.03 -17.81
CA PRO C 259 12.49 -24.09 -18.82
C PRO C 259 11.12 -23.78 -18.25
N HIS C 260 10.22 -23.36 -19.13
CA HIS C 260 8.82 -23.46 -18.84
C HIS C 260 8.52 -24.83 -18.34
N GLN C 261 7.82 -24.90 -17.21
CA GLN C 261 7.59 -26.19 -16.52
C GLN C 261 6.34 -26.87 -17.10
N ALA C 262 6.52 -27.45 -18.30
CA ALA C 262 5.40 -28.07 -19.04
C ALA C 262 5.21 -29.52 -18.60
N ASN C 263 6.29 -30.28 -18.68
CA ASN C 263 6.29 -31.65 -18.17
C ASN C 263 7.70 -32.18 -18.17
N ILE C 264 7.99 -33.11 -17.28
CA ILE C 264 9.36 -33.46 -16.99
C ILE C 264 10.11 -33.96 -18.23
N ARG C 265 9.43 -34.71 -19.09
CA ARG C 265 10.09 -35.33 -20.23
C ARG C 265 10.49 -34.34 -21.34
N ILE C 266 9.66 -33.32 -21.60
CA ILE C 266 10.07 -32.24 -22.53
C ILE C 266 11.27 -31.50 -21.93
N MET C 267 11.29 -31.35 -20.60
CA MET C 267 12.34 -30.61 -19.90
C MET C 267 13.64 -31.36 -19.92
N GLN C 268 13.60 -32.65 -19.64
CA GLN C 268 14.80 -33.49 -19.68
C GLN C 268 15.38 -33.63 -21.09
N SER C 269 14.50 -33.83 -22.08
CA SER C 269 14.90 -33.83 -23.48
C SER C 269 15.69 -32.55 -23.84
N THR C 270 15.08 -31.40 -23.61
CA THR C 270 15.71 -30.15 -23.98
C THR C 270 17.06 -30.05 -23.33
N CYS C 271 17.11 -30.28 -22.03
CA CYS C 271 18.35 -30.14 -21.27
C CYS C 271 19.45 -31.01 -21.86
N ARG C 272 19.09 -32.24 -22.22
CA ARG C 272 20.05 -33.20 -22.78
C ARG C 272 20.52 -32.73 -24.16
N LYS C 273 19.59 -32.32 -25.01
CA LYS C 273 19.93 -31.79 -26.34
C LYS C 273 20.91 -30.60 -26.30
N LEU C 274 20.83 -29.82 -25.23
CA LEU C 274 21.74 -28.68 -25.06
C LEU C 274 23.09 -29.15 -24.63
N GLY C 275 23.18 -30.41 -24.24
CA GLY C 275 24.42 -30.95 -23.72
C GLY C 275 24.75 -30.40 -22.34
N LEU C 276 23.73 -30.05 -21.55
CA LEU C 276 23.90 -29.76 -20.12
C LEU C 276 23.60 -31.00 -19.27
N PRO C 277 24.28 -31.14 -18.11
CA PRO C 277 23.85 -32.17 -17.17
C PRO C 277 22.52 -31.81 -16.52
N GLN C 278 21.71 -32.82 -16.18
CA GLN C 278 20.38 -32.61 -15.63
C GLN C 278 20.39 -31.80 -14.33
N GLU C 279 21.51 -31.85 -13.61
CA GLU C 279 21.62 -31.17 -12.30
C GLU C 279 21.72 -29.65 -12.44
N ARG C 280 21.91 -29.18 -13.68
CA ARG C 280 21.97 -27.74 -13.97
C ARG C 280 20.59 -27.15 -14.36
N MET C 281 19.52 -27.93 -14.20
CA MET C 281 18.19 -27.51 -14.62
C MET C 281 17.33 -27.32 -13.39
N ILE C 282 16.66 -26.20 -13.25
CA ILE C 282 15.72 -25.99 -12.15
C ILE C 282 14.40 -26.68 -12.48
N VAL C 283 13.91 -27.49 -11.55
CA VAL C 283 12.72 -28.31 -11.78
C VAL C 283 11.72 -28.06 -10.69
N THR C 284 10.60 -27.45 -11.03
CA THR C 284 9.48 -27.16 -10.10
C THR C 284 8.15 -27.78 -10.57
N VAL C 285 8.12 -28.33 -11.77
CA VAL C 285 6.87 -28.87 -12.32
C VAL C 285 6.21 -29.85 -11.36
N GLY C 286 7.01 -30.63 -10.63
CA GLY C 286 6.49 -31.64 -9.73
C GLY C 286 5.56 -31.09 -8.67
N GLU C 287 5.86 -29.88 -8.21
CA GLU C 287 5.11 -29.25 -7.16
C GLU C 287 4.19 -28.12 -7.66
N HIS C 288 4.55 -27.48 -8.78
CA HIS C 288 3.78 -26.31 -9.28
C HIS C 288 2.80 -26.65 -10.36
N GLY C 289 3.09 -27.72 -11.07
CA GLY C 289 2.44 -27.98 -12.34
C GLY C 289 2.82 -26.97 -13.41
N ASN C 290 2.05 -26.95 -14.47
CA ASN C 290 2.25 -26.01 -15.54
C ASN C 290 1.37 -24.78 -15.29
N THR C 291 2.00 -23.69 -14.85
CA THR C 291 1.32 -22.44 -14.56
C THR C 291 1.52 -21.42 -15.72
N SER C 292 1.64 -21.92 -16.95
CA SER C 292 1.76 -21.08 -18.15
C SER C 292 2.77 -19.94 -17.88
N ALA C 293 2.37 -18.70 -18.12
CA ALA C 293 3.31 -17.59 -18.09
C ALA C 293 3.96 -17.40 -16.71
N ALA C 294 3.34 -17.93 -15.65
CA ALA C 294 3.91 -17.83 -14.28
C ALA C 294 5.08 -18.79 -14.05
N SER C 295 5.24 -19.73 -14.96
CA SER C 295 6.03 -20.89 -14.69
C SER C 295 7.48 -20.56 -14.41
N ILE C 296 8.09 -19.86 -15.36
CA ILE C 296 9.50 -19.54 -15.29
C ILE C 296 9.86 -18.64 -14.12
N PRO C 297 9.08 -17.56 -13.88
CA PRO C 297 9.50 -16.66 -12.78
C PRO C 297 9.25 -17.25 -11.38
N LEU C 298 8.30 -18.19 -11.28
CA LEU C 298 8.18 -19.02 -10.07
C LEU C 298 9.50 -19.79 -9.82
N ALA C 299 9.96 -20.52 -10.85
CA ALA C 299 11.20 -21.29 -10.71
C ALA C 299 12.39 -20.38 -10.46
N LEU C 300 12.47 -19.28 -11.21
CA LEU C 300 13.52 -18.31 -10.96
C LEU C 300 13.60 -17.88 -9.47
N ASP C 301 12.44 -17.57 -8.88
CA ASP C 301 12.38 -17.08 -7.52
C ASP C 301 12.83 -18.12 -6.51
N VAL C 302 12.36 -19.35 -6.69
CA VAL C 302 12.70 -20.47 -5.81
C VAL C 302 14.19 -20.68 -5.80
N ALA C 303 14.80 -20.66 -6.99
CA ALA C 303 16.22 -20.97 -7.13
C ALA C 303 17.12 -19.80 -6.69
N VAL C 304 16.65 -18.56 -6.86
CA VAL C 304 17.40 -17.42 -6.35
C VAL C 304 17.36 -17.43 -4.82
N ARG C 305 16.16 -17.62 -4.27
CA ARG C 305 16.00 -17.53 -2.83
C ARG C 305 16.55 -18.73 -2.07
N ASP C 306 16.72 -19.90 -2.70
CA ASP C 306 17.36 -21.02 -1.99
C ASP C 306 18.88 -21.07 -2.26
N GLY C 307 19.40 -20.03 -2.91
CA GLY C 307 20.82 -19.81 -3.05
C GLY C 307 21.50 -20.56 -4.19
N ARG C 308 20.74 -21.24 -5.04
CA ARG C 308 21.34 -21.94 -6.19
C ARG C 308 21.86 -20.97 -7.21
N ILE C 309 21.07 -19.94 -7.52
CA ILE C 309 21.44 -18.99 -8.56
C ILE C 309 22.19 -17.84 -7.91
N LYS C 310 23.46 -17.66 -8.29
CA LYS C 310 24.33 -16.68 -7.64
C LYS C 310 24.73 -15.57 -8.62
N ARG C 311 24.97 -14.38 -8.08
CA ARG C 311 25.34 -13.25 -8.91
C ARG C 311 26.51 -13.62 -9.83
N GLY C 312 26.41 -13.20 -11.08
CA GLY C 312 27.45 -13.48 -12.05
C GLY C 312 27.17 -14.72 -12.88
N GLN C 313 26.24 -15.55 -12.43
CA GLN C 313 25.95 -16.77 -13.18
C GLN C 313 25.02 -16.54 -14.38
N ASN C 314 25.18 -17.37 -15.39
CA ASN C 314 24.40 -17.29 -16.60
C ASN C 314 23.18 -18.21 -16.54
N VAL C 315 22.01 -17.64 -16.77
CA VAL C 315 20.77 -18.40 -16.72
C VAL C 315 20.13 -18.42 -18.10
N LEU C 316 19.68 -19.58 -18.53
CA LEU C 316 18.90 -19.71 -19.77
C LEU C 316 17.46 -20.04 -19.42
N ILE C 317 16.55 -19.14 -19.78
CA ILE C 317 15.13 -19.42 -19.69
C ILE C 317 14.60 -19.67 -21.09
N GLU C 318 13.69 -20.61 -21.23
CA GLU C 318 13.06 -20.89 -22.53
C GLU C 318 11.75 -21.66 -22.40
N GLY C 319 10.83 -21.40 -23.29
CA GLY C 319 9.58 -22.12 -23.29
C GLY C 319 8.80 -21.98 -24.57
N VAL C 320 7.78 -22.82 -24.69
CA VAL C 320 6.85 -22.78 -25.83
C VAL C 320 5.46 -22.58 -25.25
N GLY C 321 4.52 -22.17 -26.09
CA GLY C 321 3.12 -22.07 -25.64
C GLY C 321 2.16 -22.01 -26.80
N GLY C 322 0.88 -21.82 -26.48
CA GLY C 322 -0.17 -21.68 -27.50
C GLY C 322 0.14 -20.57 -28.49
N GLY C 323 -0.24 -20.80 -29.75
CA GLY C 323 0.09 -19.84 -30.79
C GLY C 323 0.19 -20.47 -32.15
N PHE C 324 1.22 -21.28 -32.40
CA PHE C 324 2.27 -21.64 -31.43
C PHE C 324 3.23 -20.48 -31.21
N THR C 325 3.73 -20.32 -29.98
CA THR C 325 4.77 -19.34 -29.70
C THR C 325 5.89 -20.04 -29.02
N TRP C 326 7.08 -19.46 -29.09
CA TRP C 326 8.19 -19.88 -28.25
C TRP C 326 9.20 -18.77 -28.11
N GLY C 327 10.05 -18.85 -27.09
CA GLY C 327 11.06 -17.80 -26.89
C GLY C 327 12.08 -18.15 -25.83
N ALA C 328 13.23 -17.47 -25.83
CA ALA C 328 14.30 -17.76 -24.87
C ALA C 328 15.03 -16.49 -24.46
N SER C 329 15.59 -16.51 -23.25
CA SER C 329 16.46 -15.45 -22.82
C SER C 329 17.68 -15.96 -22.09
N VAL C 330 18.81 -15.30 -22.33
CA VAL C 330 20.03 -15.51 -21.60
C VAL C 330 20.22 -14.31 -20.65
N ILE C 331 20.29 -14.62 -19.36
CA ILE C 331 20.38 -13.59 -18.32
C ILE C 331 21.56 -13.87 -17.37
N ARG C 332 22.48 -12.91 -17.28
CA ARG C 332 23.48 -12.98 -16.25
C ARG C 332 22.81 -12.43 -15.02
N TYR C 333 22.60 -13.26 -14.01
CA TYR C 333 21.93 -12.81 -12.79
C TYR C 333 22.71 -11.70 -12.07
N THR D 9 24.34 6.83 11.91
CA THR D 9 25.49 7.58 12.51
C THR D 9 25.26 7.82 14.03
N ILE D 10 24.03 8.20 14.42
CA ILE D 10 23.69 8.48 15.84
C ILE D 10 22.91 7.33 16.42
N TYR D 11 23.32 6.86 17.60
CA TYR D 11 22.68 5.75 18.31
C TYR D 11 22.23 6.23 19.70
N SER D 12 21.40 5.44 20.36
CA SER D 12 20.96 5.73 21.74
C SER D 12 21.67 4.81 22.71
N ARG D 13 22.49 5.38 23.59
CA ARG D 13 23.19 4.56 24.61
C ARG D 13 22.57 4.76 25.98
N VAL D 14 22.48 3.68 26.75
CA VAL D 14 21.98 3.72 28.14
C VAL D 14 23.00 4.33 29.10
N LEU D 15 22.77 5.57 29.54
CA LEU D 15 23.72 6.22 30.46
C LEU D 15 23.48 5.74 31.87
N GLY D 16 22.25 5.36 32.20
CA GLY D 16 21.95 5.01 33.55
C GLY D 16 20.62 4.38 33.73
N THR D 17 20.49 3.59 34.79
CA THR D 17 19.21 2.96 35.13
C THR D 17 18.80 3.29 36.55
N GLY D 18 17.49 3.24 36.80
CA GLY D 18 16.97 3.43 38.14
C GLY D 18 15.62 2.82 38.31
N SER D 19 15.26 2.51 39.56
CA SER D 19 13.93 1.93 39.83
C SER D 19 13.43 2.21 41.23
N TYR D 20 12.16 1.87 41.46
CA TYR D 20 11.56 2.07 42.77
C TYR D 20 10.34 1.19 42.96
N LEU D 21 10.27 0.62 44.15
CA LEU D 21 9.07 -0.04 44.64
C LEU D 21 8.54 0.72 45.86
N PRO D 22 7.21 0.88 45.97
CA PRO D 22 6.70 1.52 47.17
C PRO D 22 6.96 0.63 48.38
N PRO D 23 6.89 1.19 49.58
CA PRO D 23 7.38 0.47 50.77
C PRO D 23 6.55 -0.73 51.22
N ASN D 24 5.24 -0.78 50.93
CA ASN D 24 4.41 -1.88 51.43
C ASN D 24 4.60 -3.16 50.60
N ARG D 25 5.48 -4.02 51.11
CA ARG D 25 5.67 -5.34 50.54
C ARG D 25 4.52 -6.21 50.98
N VAL D 26 3.76 -6.73 50.00
CA VAL D 26 2.59 -7.55 50.27
C VAL D 26 2.88 -8.98 49.85
N THR D 27 3.08 -9.85 50.86
CA THR D 27 3.36 -11.27 50.62
C THR D 27 2.10 -11.99 50.18
N ASN D 28 2.27 -13.22 49.69
CA ASN D 28 1.15 -14.04 49.29
C ASN D 28 0.24 -14.30 50.49
N GLN D 29 0.83 -14.54 51.65
CA GLN D 29 0.04 -14.80 52.86
C GLN D 29 -0.73 -13.53 53.27
N ASP D 30 -0.09 -12.35 53.20
CA ASP D 30 -0.79 -11.09 53.45
C ASP D 30 -2.04 -10.99 52.59
N LEU D 31 -1.90 -11.30 51.30
CA LEU D 31 -2.99 -11.14 50.34
C LEU D 31 -4.05 -12.20 50.56
N ALA D 32 -3.64 -13.45 50.79
CA ALA D 32 -4.58 -14.58 51.08
C ALA D 32 -5.45 -14.27 52.29
N LYS D 33 -4.80 -13.84 53.39
CA LYS D 33 -5.52 -13.38 54.59
C LYS D 33 -6.50 -12.26 54.23
N ARG D 34 -6.08 -11.29 53.41
CA ARG D 34 -6.98 -10.19 53.00
C ARG D 34 -8.30 -10.69 52.36
N LEU D 35 -8.18 -11.45 51.27
CA LEU D 35 -9.35 -12.01 50.54
C LEU D 35 -10.13 -13.09 51.35
N ALA D 36 -9.53 -13.65 52.41
CA ALA D 36 -10.21 -14.51 53.38
C ALA D 36 -11.24 -13.75 54.24
N GLU D 37 -11.11 -12.42 54.31
CA GLU D 37 -12.19 -11.61 54.88
C GLU D 37 -13.27 -11.29 53.79
N GLN D 38 -13.02 -11.62 52.52
CA GLN D 38 -14.04 -11.44 51.46
C GLN D 38 -15.15 -12.46 51.54
N GLU D 41 -10.22 -16.36 49.89
CA GLU D 41 -10.44 -17.65 49.23
C GLU D 41 -9.15 -18.42 48.66
N THR D 42 -7.95 -17.81 48.59
CA THR D 42 -6.76 -18.39 47.86
C THR D 42 -5.63 -18.79 48.82
N SER D 43 -4.45 -19.14 48.29
CA SER D 43 -3.30 -19.44 49.17
C SER D 43 -1.94 -19.23 48.52
N ASP D 44 -0.93 -19.16 49.37
CA ASP D 44 0.45 -19.02 48.93
C ASP D 44 0.80 -20.12 47.91
N GLU D 45 0.49 -21.37 48.27
CA GLU D 45 0.75 -22.52 47.39
C GLU D 45 0.09 -22.34 46.02
N TRP D 46 -1.19 -21.94 46.02
CA TRP D 46 -1.95 -21.84 44.74
C TRP D 46 -1.37 -20.79 43.85
N ILE D 47 -0.91 -19.69 44.46
CA ILE D 47 -0.36 -18.57 43.71
C ILE D 47 1.03 -18.86 43.14
N VAL D 48 1.88 -19.49 43.92
CA VAL D 48 3.21 -19.92 43.45
C VAL D 48 3.11 -20.98 42.33
N ALA D 49 2.22 -21.93 42.50
CA ALA D 49 2.03 -22.97 41.51
C ALA D 49 1.56 -22.35 40.19
N ARG D 50 0.61 -21.42 40.27
CA ARG D 50 0.07 -20.77 39.09
C ARG D 50 1.08 -19.84 38.40
N THR D 51 1.82 -19.04 39.18
CA THR D 51 2.42 -17.82 38.66
C THR D 51 3.90 -17.64 38.92
N GLY D 52 4.41 -18.30 39.97
CA GLY D 52 5.80 -18.11 40.39
C GLY D 52 5.97 -16.88 41.28
N ILE D 53 4.87 -16.25 41.67
CA ILE D 53 4.90 -15.02 42.50
C ILE D 53 4.86 -15.33 44.01
N HIS D 54 5.72 -14.69 44.77
CA HIS D 54 5.73 -14.79 46.26
C HIS D 54 5.34 -13.50 46.93
N ALA D 55 5.74 -12.38 46.32
CA ALA D 55 5.37 -11.04 46.82
C ALA D 55 5.04 -10.10 45.68
N ARG D 56 4.42 -8.97 46.05
CA ARG D 56 4.37 -7.80 45.20
C ARG D 56 4.25 -6.55 46.09
N TYR D 57 4.32 -5.37 45.48
CA TYR D 57 4.31 -4.12 46.23
C TYR D 57 3.13 -3.27 45.81
N PHE D 58 2.38 -2.79 46.80
CA PHE D 58 1.28 -1.86 46.60
C PHE D 58 1.57 -0.45 47.13
N ALA D 59 1.37 0.54 46.27
CA ALA D 59 1.38 1.95 46.66
C ALA D 59 0.22 2.24 47.63
N GLU D 60 0.43 3.17 48.56
CA GLU D 60 -0.70 3.76 49.28
C GLU D 60 -1.63 4.40 48.24
N PRO D 61 -2.96 4.35 48.48
CA PRO D 61 -3.90 4.81 47.46
C PRO D 61 -3.78 6.31 47.15
N ASP D 62 -3.09 7.05 48.01
CA ASP D 62 -2.82 8.49 47.76
C ASP D 62 -1.43 8.71 47.10
N VAL D 63 -0.71 7.62 46.76
CA VAL D 63 0.59 7.71 46.08
C VAL D 63 0.38 7.28 44.60
N THR D 64 0.85 8.12 43.69
CA THR D 64 0.50 8.01 42.30
C THR D 64 1.67 7.46 41.48
N THR D 65 1.38 7.17 40.21
CA THR D 65 2.39 6.68 39.28
C THR D 65 3.57 7.65 39.13
N SER D 66 3.29 8.96 39.13
CA SER D 66 4.33 9.94 38.93
C SER D 66 5.20 10.03 40.18
N ASP D 67 4.63 9.79 41.36
CA ASP D 67 5.41 9.68 42.61
C ASP D 67 6.44 8.57 42.48
N LEU D 68 5.98 7.39 42.03
CA LEU D 68 6.89 6.27 41.85
C LEU D 68 7.92 6.62 40.79
N ALA D 69 7.46 7.26 39.70
CA ALA D 69 8.31 7.60 38.56
C ALA D 69 9.42 8.56 38.98
N PHE D 70 9.07 9.52 39.82
CA PHE D 70 10.05 10.51 40.35
C PHE D 70 11.28 9.85 40.99
N ILE D 71 11.06 8.86 41.85
CA ILE D 71 12.16 8.25 42.56
C ILE D 71 13.02 7.42 41.62
N ALA D 72 12.39 6.67 40.74
CA ALA D 72 13.12 5.86 39.77
C ALA D 72 13.97 6.76 38.86
N SER D 73 13.40 7.88 38.44
CA SER D 73 14.08 8.82 37.56
C SER D 73 15.27 9.46 38.25
N GLN D 74 15.07 9.93 39.46
CA GLN D 74 16.17 10.48 40.22
C GLN D 74 17.33 9.49 40.27
N ARG D 75 17.03 8.22 40.55
CA ARG D 75 18.07 7.20 40.64
C ARG D 75 18.77 6.96 39.29
N ALA D 76 18.04 7.05 38.17
CA ALA D 76 18.67 6.98 36.87
C ALA D 76 19.57 8.19 36.64
N ILE D 77 19.06 9.36 36.98
CA ILE D 77 19.81 10.59 36.81
C ILE D 77 21.12 10.48 37.57
N GLU D 78 21.04 9.98 38.81
CA GLU D 78 22.24 9.77 39.65
C GLU D 78 23.23 8.82 38.98
N ALA D 79 22.75 7.68 38.50
CA ALA D 79 23.61 6.71 37.84
C ALA D 79 24.25 7.31 36.57
N ALA D 80 23.45 8.02 35.77
CA ALA D 80 23.94 8.69 34.56
C ALA D 80 24.99 9.74 34.89
N ASP D 81 24.87 10.34 36.08
CA ASP D 81 25.77 11.41 36.49
C ASP D 81 25.66 12.61 35.55
N ILE D 82 24.45 12.94 35.11
CA ILE D 82 24.25 14.11 34.24
C ILE D 82 23.55 15.28 34.94
N ASP D 83 23.60 16.44 34.31
CA ASP D 83 22.82 17.60 34.76
C ASP D 83 21.33 17.36 34.44
N PRO D 84 20.43 17.48 35.44
CA PRO D 84 19.01 17.23 35.11
C PRO D 84 18.52 18.13 33.96
N GLN D 85 19.06 19.34 33.86
CA GLN D 85 18.63 20.29 32.84
C GLN D 85 19.03 19.87 31.42
N SER D 86 19.80 18.79 31.28
CA SER D 86 20.23 18.32 29.97
C SER D 86 19.25 17.31 29.37
N ILE D 87 18.28 16.84 30.17
CA ILE D 87 17.27 15.88 29.69
C ILE D 87 16.23 16.63 28.82
N ASP D 88 16.25 16.44 27.50
CA ASP D 88 15.37 17.20 26.61
C ASP D 88 14.18 16.38 26.08
N LEU D 89 13.97 15.19 26.63
CA LEU D 89 12.82 14.37 26.26
C LEU D 89 12.44 13.46 27.39
N ILE D 90 11.16 13.42 27.73
CA ILE D 90 10.66 12.51 28.74
C ILE D 90 9.49 11.73 28.16
N ILE D 91 9.63 10.42 28.06
CA ILE D 91 8.49 9.56 27.66
C ILE D 91 8.15 8.59 28.81
N VAL D 92 6.92 8.66 29.30
CA VAL D 92 6.42 7.72 30.27
C VAL D 92 5.43 6.67 29.63
N ALA D 93 5.76 5.40 29.72
CA ALA D 93 4.82 4.31 29.44
C ALA D 93 4.05 4.00 30.75
N THR D 94 2.74 4.24 30.73
CA THR D 94 1.85 3.86 31.83
C THR D 94 0.40 3.68 31.34
N SER D 95 -0.36 2.89 32.08
CA SER D 95 -1.78 2.73 31.84
C SER D 95 -2.55 3.12 33.13
N THR D 96 -1.85 3.72 34.08
CA THR D 96 -2.41 4.23 35.31
C THR D 96 -1.84 5.63 35.59
N PRO D 97 -1.98 6.56 34.62
CA PRO D 97 -1.50 7.92 34.88
C PRO D 97 -2.19 8.58 36.08
N ASP D 98 -1.50 9.51 36.76
CA ASP D 98 -2.09 10.25 37.90
C ASP D 98 -3.47 10.80 37.55
N PHE D 99 -3.56 11.45 36.40
CA PHE D 99 -4.75 12.17 36.01
C PHE D 99 -5.22 11.80 34.60
N VAL D 100 -6.50 12.04 34.33
CA VAL D 100 -7.02 11.94 32.96
C VAL D 100 -6.10 12.77 32.07
N PHE D 101 -5.86 14.01 32.51
CA PHE D 101 -4.78 14.84 31.99
C PHE D 101 -4.48 15.93 32.98
N PRO D 102 -3.30 16.55 32.89
CA PRO D 102 -2.24 16.30 31.92
C PRO D 102 -1.45 15.00 32.16
N SER D 103 -0.50 14.75 31.26
CA SER D 103 0.31 13.54 31.25
C SER D 103 1.18 13.39 32.49
N THR D 104 1.45 12.14 32.83
CA THR D 104 2.42 11.79 33.85
C THR D 104 3.82 12.36 33.55
N ALA D 105 4.18 12.40 32.27
CA ALA D 105 5.52 12.85 31.90
C ALA D 105 5.66 14.31 32.28
N CYS D 106 4.57 15.08 32.11
CA CYS D 106 4.57 16.51 32.47
C CYS D 106 4.71 16.72 33.96
N LEU D 107 4.03 15.88 34.73
CA LEU D 107 4.12 15.95 36.19
C LEU D 107 5.51 15.58 36.65
N LEU D 108 6.06 14.54 36.03
CA LEU D 108 7.40 14.08 36.35
C LEU D 108 8.44 15.17 36.04
N GLN D 109 8.27 15.85 34.91
CA GLN D 109 9.15 16.96 34.52
C GLN D 109 9.27 17.99 35.64
N ASN D 110 8.11 18.39 36.17
CA ASN D 110 8.08 19.43 37.19
C ASN D 110 8.64 18.91 38.51
N LYS D 111 8.31 17.67 38.86
CA LYS D 111 8.88 17.07 40.06
C LYS D 111 10.40 17.06 40.01
N LEU D 112 10.97 16.80 38.83
CA LEU D 112 12.42 16.84 38.67
C LEU D 112 12.98 18.25 38.55
N GLY D 113 12.12 19.26 38.49
CA GLY D 113 12.59 20.64 38.41
C GLY D 113 13.27 20.97 37.08
N ILE D 114 12.85 20.31 36.00
CA ILE D 114 13.48 20.51 34.68
C ILE D 114 12.79 21.67 33.97
N ARG D 115 13.58 22.70 33.63
CA ARG D 115 13.07 24.01 33.24
C ARG D 115 13.37 24.32 31.79
N ASN D 116 13.85 23.33 31.05
CA ASN D 116 14.32 23.55 29.66
C ASN D 116 13.24 23.42 28.58
N HIS D 117 12.00 23.25 29.00
CA HIS D 117 10.87 23.19 28.07
C HIS D 117 10.90 22.01 27.12
N GLY D 118 11.64 20.96 27.46
CA GLY D 118 11.69 19.80 26.59
C GLY D 118 10.33 19.08 26.46
N ALA D 119 10.19 18.31 25.41
CA ALA D 119 8.94 17.59 25.16
C ALA D 119 8.74 16.53 26.25
N ALA D 120 7.49 16.38 26.68
CA ALA D 120 7.11 15.34 27.62
C ALA D 120 5.72 14.77 27.22
N PHE D 121 5.65 13.45 27.05
CA PHE D 121 4.37 12.75 26.82
C PHE D 121 4.30 11.29 27.29
N ASP D 122 3.08 10.77 27.39
CA ASP D 122 2.83 9.38 27.75
C ASP D 122 2.44 8.61 26.51
N VAL D 123 2.81 7.34 26.49
CA VAL D 123 2.38 6.39 25.47
C VAL D 123 1.66 5.23 26.13
N GLN D 124 0.68 4.69 25.42
CA GLN D 124 -0.14 3.58 25.93
C GLN D 124 0.04 2.34 25.06
N ALA D 125 0.79 1.38 25.58
CA ALA D 125 0.78 0.04 24.98
C ALA D 125 0.73 -1.03 26.09
N VAL D 126 0.26 -0.61 27.25
CA VAL D 126 0.05 -1.47 28.43
C VAL D 126 1.34 -2.22 28.79
N CSO D 127 1.28 -3.53 29.03
CA CSO D 127 2.49 -4.25 29.44
CB CSO D 127 2.20 -5.70 29.94
SG CSO D 127 0.95 -5.82 31.16
C CSO D 127 3.63 -4.20 28.39
O CSO D 127 4.78 -4.47 28.75
OD CSO D 127 -0.35 -5.85 30.33
N SER D 128 3.35 -3.83 27.11
CA SER D 128 4.42 -3.60 26.09
C SER D 128 4.91 -2.14 26.07
N GLY D 129 4.38 -1.33 26.97
CA GLY D 129 4.63 0.09 26.98
C GLY D 129 6.10 0.51 26.93
N PHE D 130 6.96 -0.17 27.71
CA PHE D 130 8.34 0.23 27.80
C PHE D 130 9.10 0.01 26.47
N ALA D 131 8.83 -1.10 25.80
CA ALA D 131 9.37 -1.34 24.43
C ALA D 131 8.92 -0.25 23.48
N TYR D 132 7.63 0.11 23.58
CA TYR D 132 7.08 1.15 22.73
C TYR D 132 7.80 2.48 22.98
N ALA D 133 8.01 2.78 24.29
CA ALA D 133 8.66 4.04 24.74
C ALA D 133 10.12 4.11 24.31
N VAL D 134 10.85 3.02 24.55
CA VAL D 134 12.24 2.90 24.10
C VAL D 134 12.36 3.07 22.60
N ALA D 135 11.49 2.44 21.83
CA ALA D 135 11.58 2.54 20.41
C ALA D 135 11.28 3.96 19.90
N THR D 136 10.33 4.67 20.54
CA THR D 136 10.00 6.04 20.20
C THR D 136 11.16 7.04 20.51
N ALA D 137 11.66 6.99 21.75
CA ALA D 137 12.84 7.75 22.14
C ALA D 137 14.01 7.46 21.20
N ASP D 138 14.32 6.19 21.01
CA ASP D 138 15.42 5.81 20.12
C ASP D 138 15.24 6.53 18.79
N SER D 139 14.03 6.50 18.26
CA SER D 139 13.82 7.10 16.92
C SER D 139 14.11 8.63 16.94
N PHE D 140 13.75 9.27 18.02
CA PHE D 140 13.99 10.69 18.20
C PHE D 140 15.44 11.04 18.36
N ILE D 141 16.19 10.21 19.09
CA ILE D 141 17.62 10.43 19.30
C ILE D 141 18.42 10.14 17.99
N ARG D 142 18.14 9.01 17.35
CA ARG D 142 18.86 8.64 16.11
C ARG D 142 18.81 9.75 15.04
N SER D 143 17.67 10.40 14.92
CA SER D 143 17.46 11.42 13.87
C SER D 143 18.14 12.74 14.16
N GLY D 144 18.59 12.95 15.40
CA GLY D 144 19.16 14.22 15.82
C GLY D 144 18.18 15.18 16.50
N GLN D 145 16.92 14.81 16.64
CA GLN D 145 15.92 15.75 17.17
C GLN D 145 15.99 15.95 18.66
N HIS D 146 16.41 14.91 19.35
CA HIS D 146 16.60 14.97 20.78
C HIS D 146 17.89 14.30 21.12
N ARG D 147 18.42 14.62 22.29
CA ARG D 147 19.77 14.26 22.61
C ARG D 147 19.81 13.34 23.83
N THR D 148 19.09 13.72 24.88
CA THR D 148 19.10 12.96 26.13
C THR D 148 17.64 12.75 26.55
N ALA D 149 17.22 11.47 26.59
CA ALA D 149 15.84 11.11 26.88
C ALA D 149 15.76 10.30 28.19
N LEU D 150 14.78 10.66 29.04
CA LEU D 150 14.36 9.87 30.21
C LEU D 150 13.19 9.03 29.81
N VAL D 151 13.34 7.72 29.90
CA VAL D 151 12.32 6.79 29.44
C VAL D 151 11.86 5.96 30.63
N ILE D 152 10.56 6.04 30.93
CA ILE D 152 9.98 5.47 32.13
C ILE D 152 8.92 4.42 31.83
N GLY D 153 8.93 3.34 32.62
CA GLY D 153 7.76 2.50 32.79
C GLY D 153 7.34 2.63 34.23
N ALA D 154 6.08 3.01 34.45
CA ALA D 154 5.58 3.26 35.81
C ALA D 154 4.08 2.89 35.94
N GLU D 155 3.72 2.13 36.99
CA GLU D 155 2.31 1.76 37.23
C GLU D 155 1.93 1.75 38.73
N THR D 156 0.70 2.17 38.99
CA THR D 156 -0.01 1.88 40.22
C THR D 156 -1.19 0.97 39.87
N PHE D 157 -0.89 -0.23 39.39
CA PHE D 157 -1.95 -1.20 38.96
C PHE D 157 -2.87 -1.67 40.10
N SER D 158 -2.47 -1.46 41.33
CA SER D 158 -3.41 -1.73 42.42
C SER D 158 -4.70 -0.92 42.31
N ARG D 159 -4.67 0.20 41.60
CA ARG D 159 -5.88 1.05 41.45
C ARG D 159 -6.98 0.44 40.54
N ILE D 160 -6.59 -0.56 39.74
CA ILE D 160 -7.49 -1.14 38.76
C ILE D 160 -7.64 -2.63 38.95
N LEU D 161 -7.25 -3.12 40.12
CA LEU D 161 -7.44 -4.50 40.48
C LEU D 161 -8.82 -4.71 41.16
N ASP D 162 -9.54 -5.74 40.74
CA ASP D 162 -10.71 -6.24 41.51
C ASP D 162 -10.27 -7.29 42.53
N PHE D 163 -10.27 -6.92 43.81
CA PHE D 163 -9.84 -7.87 44.84
C PHE D 163 -10.85 -9.00 45.18
N LYS D 164 -12.00 -9.02 44.51
CA LYS D 164 -12.86 -10.20 44.55
C LYS D 164 -12.52 -11.23 43.42
N ASP D 165 -11.52 -10.91 42.57
CA ASP D 165 -11.11 -11.81 41.45
C ASP D 165 -9.73 -12.40 41.62
N ARG D 166 -9.69 -13.66 42.08
CA ARG D 166 -8.43 -14.31 42.41
CA ARG D 166 -8.46 -14.38 42.40
C ARG D 166 -7.57 -14.63 41.18
N THR D 167 -8.17 -14.64 40.01
CA THR D 167 -7.43 -14.87 38.79
C THR D 167 -6.38 -13.79 38.52
N THR D 168 -6.71 -12.52 38.84
CA THR D 168 -5.93 -11.39 38.41
C THR D 168 -5.37 -10.57 39.59
N CYS D 169 -6.01 -10.58 40.75
CA CYS D 169 -5.66 -9.65 41.83
C CYS D 169 -4.45 -10.08 42.67
N VAL D 170 -4.00 -11.31 42.43
CA VAL D 170 -2.75 -11.85 43.01
C VAL D 170 -1.53 -11.68 42.08
N LEU D 171 -1.78 -11.13 40.91
CA LEU D 171 -0.89 -11.21 39.76
C LEU D 171 -0.14 -9.87 39.57
N PHE D 172 -0.84 -8.75 39.72
CA PHE D 172 -0.27 -7.44 39.37
C PHE D 172 0.19 -6.66 40.58
N GLY D 173 1.22 -5.84 40.36
CA GLY D 173 1.84 -5.01 41.43
C GLY D 173 2.14 -3.61 40.93
N ASP D 174 2.72 -2.79 41.79
CA ASP D 174 3.05 -1.41 41.49
C ASP D 174 4.55 -1.23 41.45
N GLY D 175 4.97 -0.16 40.80
CA GLY D 175 6.38 0.16 40.72
C GLY D 175 6.74 1.05 39.56
N ALA D 176 8.02 1.43 39.51
CA ALA D 176 8.55 2.27 38.47
C ALA D 176 10.02 1.92 38.17
N GLY D 177 10.37 2.03 36.89
CA GLY D 177 11.71 1.84 36.40
C GLY D 177 12.04 2.86 35.32
N ALA D 178 13.31 3.18 35.19
CA ALA D 178 13.69 4.29 34.35
C ALA D 178 15.04 4.08 33.74
N VAL D 179 15.19 4.59 32.51
CA VAL D 179 16.46 4.64 31.85
C VAL D 179 16.65 6.03 31.30
N ILE D 180 17.91 6.45 31.29
CA ILE D 180 18.35 7.57 30.50
C ILE D 180 19.06 7.06 29.26
N LEU D 181 18.57 7.50 28.10
CA LEU D 181 19.22 7.27 26.79
C LEU D 181 19.87 8.54 26.28
N GLN D 182 21.06 8.42 25.66
CA GLN D 182 21.77 9.55 25.08
C GLN D 182 22.42 9.24 23.73
N ALA D 183 22.36 10.21 22.82
CA ALA D 183 23.08 10.17 21.53
C ALA D 183 24.50 9.68 21.74
N SER D 184 24.96 8.79 20.87
CA SER D 184 26.27 8.11 21.04
C SER D 184 26.76 7.70 19.67
N ASP D 185 28.07 7.62 19.51
CA ASP D 185 28.62 7.20 18.24
C ASP D 185 28.65 5.68 18.18
N GLU D 186 28.38 5.05 19.33
CA GLU D 186 28.40 3.60 19.45
C GLU D 186 27.07 3.10 19.94
N PRO D 187 26.55 2.03 19.30
CA PRO D 187 25.28 1.46 19.66
C PRO D 187 25.20 0.86 21.06
N GLY D 188 24.21 1.36 21.79
CA GLY D 188 23.37 0.57 22.62
C GLY D 188 22.19 0.01 21.80
N VAL D 189 21.12 0.77 21.62
CA VAL D 189 19.93 0.23 21.00
C VAL D 189 20.17 -0.09 19.55
N LEU D 190 20.17 -1.37 19.23
CA LEU D 190 20.46 -1.85 17.89
C LEU D 190 19.21 -1.91 17.04
N ALA D 191 18.07 -2.32 17.64
CA ALA D 191 16.85 -2.50 16.91
C ALA D 191 15.63 -2.65 17.85
N SER D 192 14.44 -2.33 17.31
CA SER D 192 13.18 -2.59 17.96
C SER D 192 12.17 -3.08 16.91
N ALA D 193 11.22 -3.92 17.33
CA ALA D 193 10.08 -4.29 16.50
C ALA D 193 8.84 -4.25 17.37
N LEU D 194 7.84 -3.51 16.93
CA LEU D 194 6.62 -3.32 17.70
C LEU D 194 5.42 -3.89 16.87
N HIS D 195 4.40 -4.40 17.54
CA HIS D 195 3.23 -4.99 16.86
C HIS D 195 2.00 -4.79 17.68
N ALA D 196 0.84 -4.95 17.04
CA ALA D 196 -0.43 -4.89 17.75
C ALA D 196 -1.48 -5.73 17.01
N ASP D 197 -2.40 -6.34 17.74
CA ASP D 197 -3.57 -6.97 17.14
C ASP D 197 -4.83 -6.72 17.98
N GLY D 198 -5.59 -5.71 17.58
CA GLY D 198 -6.76 -5.29 18.31
C GLY D 198 -7.90 -6.28 18.31
N SER D 199 -7.85 -7.30 17.45
CA SER D 199 -8.90 -8.34 17.48
C SER D 199 -8.89 -9.13 18.80
N HIS D 200 -7.82 -9.03 19.57
CA HIS D 200 -7.73 -9.72 20.85
C HIS D 200 -7.83 -8.78 22.05
N SER D 201 -8.48 -7.62 21.85
CA SER D 201 -8.69 -6.64 22.93
C SER D 201 -9.55 -7.19 24.08
N ASN D 202 -10.48 -8.08 23.76
CA ASN D 202 -11.49 -8.47 24.74
C ASN D 202 -10.97 -9.43 25.83
N ILE D 203 -9.82 -10.08 25.55
CA ILE D 203 -9.26 -11.09 26.45
C ILE D 203 -8.34 -10.51 27.51
N LEU D 204 -7.98 -9.26 27.40
CA LEU D 204 -7.17 -8.61 28.42
C LEU D 204 -7.44 -7.13 28.35
N CYS D 205 -8.20 -6.62 29.31
CA CYS D 205 -8.76 -5.26 29.23
C CYS D 205 -9.22 -4.75 30.56
N THR D 206 -9.18 -3.43 30.75
CA THR D 206 -9.84 -2.78 31.85
C THR D 206 -10.95 -1.89 31.23
N PRO D 207 -12.12 -2.51 30.95
CA PRO D 207 -13.06 -1.94 29.97
C PRO D 207 -13.99 -0.87 30.56
N GLY D 208 -13.41 0.24 30.98
CA GLY D 208 -14.20 1.38 31.38
C GLY D 208 -13.37 2.65 31.38
N ASN D 209 -14.02 3.76 31.72
CA ASN D 209 -13.37 5.06 31.88
C ASN D 209 -14.35 6.01 32.52
N VAL D 210 -13.91 7.25 32.74
CA VAL D 210 -14.78 8.20 33.39
C VAL D 210 -15.69 8.90 32.37
N ASN D 211 -16.88 9.22 32.84
CA ASN D 211 -17.91 9.80 32.01
C ASN D 211 -18.87 10.57 32.90
N GLY D 212 -18.90 11.89 32.76
CA GLY D 212 -19.77 12.73 33.56
C GLY D 212 -19.55 12.55 35.06
N GLY D 213 -18.28 12.49 35.48
CA GLY D 213 -17.94 12.44 36.88
C GLY D 213 -17.88 11.05 37.50
N VAL D 214 -18.61 10.09 36.92
CA VAL D 214 -18.63 8.71 37.43
C VAL D 214 -17.92 7.73 36.49
N VAL D 215 -17.60 6.54 36.98
CA VAL D 215 -17.09 5.46 36.15
C VAL D 215 -18.20 4.82 35.34
N SER D 216 -18.01 4.65 34.05
CA SER D 216 -18.92 3.81 33.25
C SER D 216 -18.13 2.60 32.75
N GLY D 217 -18.83 1.51 32.48
CA GLY D 217 -18.19 0.20 32.22
C GLY D 217 -17.61 -0.38 33.51
N SER D 218 -16.51 -1.10 33.40
CA SER D 218 -15.76 -1.55 34.59
C SER D 218 -14.36 -1.03 34.55
N ALA D 219 -13.97 -0.36 35.64
CA ALA D 219 -12.60 0.15 35.78
C ALA D 219 -11.75 -0.85 36.53
N PHE D 220 -11.97 -2.14 36.26
CA PHE D 220 -11.21 -3.25 36.86
C PHE D 220 -10.67 -4.12 35.76
N LEU D 221 -9.46 -4.60 35.96
CA LEU D 221 -8.76 -5.40 34.97
C LEU D 221 -9.38 -6.81 34.88
N HIS D 222 -9.68 -7.28 33.68
CA HIS D 222 -10.19 -8.65 33.44
C HIS D 222 -9.31 -9.33 32.45
N MET D 223 -9.25 -10.65 32.51
CA MET D 223 -8.31 -11.37 31.74
C MET D 223 -8.78 -12.82 31.54
N ASP D 224 -8.61 -13.32 30.32
CA ASP D 224 -8.72 -14.72 30.02
C ASP D 224 -7.30 -15.26 29.96
N GLY D 225 -6.86 -15.82 31.09
CA GLY D 225 -5.48 -16.26 31.26
C GLY D 225 -5.04 -17.27 30.19
N GLN D 226 -5.96 -18.16 29.80
CA GLN D 226 -5.58 -19.23 28.92
C GLN D 226 -5.31 -18.67 27.54
N ALA D 227 -6.18 -17.78 27.09
CA ALA D 227 -6.02 -17.21 25.76
C ALA D 227 -4.77 -16.29 25.73
N VAL D 228 -4.53 -15.56 26.82
CA VAL D 228 -3.38 -14.66 26.87
C VAL D 228 -2.07 -15.44 26.78
N PHE D 229 -2.00 -16.55 27.49
CA PHE D 229 -0.80 -17.41 27.52
C PHE D 229 -0.44 -17.92 26.12
N LYS D 230 -1.41 -18.54 25.45
CA LYS D 230 -1.23 -19.13 24.14
C LYS D 230 -0.79 -18.05 23.14
N LEU D 231 -1.44 -16.90 23.17
CA LEU D 231 -1.05 -15.78 22.31
C LEU D 231 0.35 -15.32 22.63
N ALA D 232 0.63 -15.19 23.94
CA ALA D 232 1.89 -14.71 24.39
C ALA D 232 2.98 -15.55 23.81
N VAL D 233 2.97 -16.85 24.10
CA VAL D 233 4.08 -17.72 23.70
C VAL D 233 4.21 -17.76 22.19
N ASN D 234 3.08 -17.64 21.51
CA ASN D 234 3.10 -17.68 20.10
C ASN D 234 3.87 -16.48 19.48
N VAL D 235 3.55 -15.27 19.90
CA VAL D 235 4.17 -14.10 19.31
C VAL D 235 5.56 -13.77 19.86
N LEU D 236 5.84 -14.10 21.11
CA LEU D 236 7.11 -13.69 21.73
C LEU D 236 8.31 -14.29 21.04
N GLU D 237 8.19 -15.54 20.62
CA GLU D 237 9.23 -16.22 19.86
C GLU D 237 9.49 -15.43 18.56
N LYS D 238 8.44 -15.12 17.82
CA LYS D 238 8.56 -14.46 16.51
C LYS D 238 9.15 -13.05 16.60
N VAL D 239 8.67 -12.25 17.53
CA VAL D 239 9.11 -10.86 17.59
C VAL D 239 10.57 -10.74 18.06
N ALA D 240 10.99 -11.63 18.96
CA ALA D 240 12.39 -11.76 19.35
C ALA D 240 13.27 -11.97 18.13
N VAL D 241 12.89 -12.92 17.30
CA VAL D 241 13.68 -13.25 16.12
C VAL D 241 13.72 -12.06 15.18
N GLU D 242 12.55 -11.47 14.90
CA GLU D 242 12.48 -10.29 14.02
C GLU D 242 13.43 -9.18 14.54
N ALA D 243 13.35 -8.89 15.83
CA ALA D 243 14.17 -7.82 16.42
C ALA D 243 15.67 -8.16 16.32
N LEU D 244 16.01 -9.43 16.57
CA LEU D 244 17.37 -9.88 16.46
C LEU D 244 17.89 -9.79 15.04
N GLU D 245 17.10 -10.23 14.06
CA GLU D 245 17.45 -10.02 12.65
C GLU D 245 17.68 -8.53 12.33
N LYS D 246 16.77 -7.66 12.77
CA LYS D 246 16.88 -6.21 12.46
C LYS D 246 18.15 -5.57 13.09
N ALA D 247 18.65 -6.15 14.17
CA ALA D 247 19.92 -5.71 14.78
C ALA D 247 21.12 -6.46 14.25
N ASN D 248 20.93 -7.23 13.19
CA ASN D 248 21.99 -8.09 12.63
C ASN D 248 22.61 -8.98 13.67
N LEU D 249 21.77 -9.66 14.44
CA LEU D 249 22.24 -10.64 15.40
C LEU D 249 21.38 -11.90 15.37
N SER D 250 21.84 -12.92 16.05
CA SER D 250 21.09 -14.16 16.23
C SER D 250 20.80 -14.38 17.71
N ALA D 251 19.83 -15.27 17.99
CA ALA D 251 19.50 -15.67 19.38
C ALA D 251 20.70 -16.19 20.18
N GLU D 252 21.66 -16.86 19.52
CA GLU D 252 22.88 -17.31 20.23
C GLU D 252 23.86 -16.15 20.61
N GLN D 253 23.58 -14.93 20.16
CA GLN D 253 24.43 -13.80 20.52
C GLN D 253 23.83 -13.00 21.67
N ILE D 254 22.69 -13.45 22.19
CA ILE D 254 22.10 -12.79 23.36
C ILE D 254 22.86 -13.20 24.63
N ASP D 255 23.32 -12.23 25.41
CA ASP D 255 23.93 -12.47 26.73
C ASP D 255 22.88 -12.46 27.85
N TRP D 256 21.83 -11.65 27.70
CA TRP D 256 20.76 -11.59 28.69
C TRP D 256 19.42 -11.36 28.09
N LEU D 257 18.44 -12.15 28.53
CA LEU D 257 17.04 -12.01 28.15
C LEU D 257 16.26 -11.41 29.32
N ILE D 258 15.54 -10.30 29.08
CA ILE D 258 14.68 -9.66 30.08
C ILE D 258 13.25 -9.54 29.59
N PRO D 259 12.43 -10.54 29.89
CA PRO D 259 11.04 -10.45 29.47
C PRO D 259 10.23 -9.65 30.42
N HIS D 260 9.13 -9.12 29.91
CA HIS D 260 8.08 -8.67 30.75
C HIS D 260 7.77 -9.75 31.76
N GLN D 261 7.70 -9.36 33.04
CA GLN D 261 7.57 -10.33 34.17
C GLN D 261 6.10 -10.66 34.44
N ALA D 262 5.55 -11.50 33.59
CA ALA D 262 4.13 -11.83 33.62
C ALA D 262 3.90 -13.01 34.55
N ASN D 263 4.56 -14.11 34.25
CA ASN D 263 4.54 -15.28 35.11
C ASN D 263 5.63 -16.22 34.66
N ILE D 264 6.12 -17.02 35.61
CA ILE D 264 7.36 -17.73 35.38
C ILE D 264 7.29 -18.67 34.17
N ARG D 265 6.12 -19.26 33.92
CA ARG D 265 6.00 -20.27 32.87
C ARG D 265 6.00 -19.71 31.45
N ILE D 266 5.38 -18.55 31.22
CA ILE D 266 5.52 -17.88 29.93
C ILE D 266 6.97 -17.49 29.69
N MET D 267 7.64 -17.11 30.77
CA MET D 267 9.04 -16.64 30.69
C MET D 267 9.96 -17.79 30.35
N GLN D 268 9.81 -18.92 31.03
CA GLN D 268 10.62 -20.11 30.78
C GLN D 268 10.39 -20.66 29.39
N SER D 269 9.14 -20.72 28.97
CA SER D 269 8.79 -21.10 27.59
C SER D 269 9.56 -20.27 26.56
N THR D 270 9.43 -18.95 26.64
CA THR D 270 10.07 -18.09 25.68
C THR D 270 11.55 -18.36 25.65
N CYS D 271 12.16 -18.38 26.81
CA CYS D 271 13.58 -18.57 26.93
C CYS D 271 14.07 -19.87 26.28
N ARG D 272 13.32 -20.95 26.52
CA ARG D 272 13.64 -22.24 25.94
C ARG D 272 13.48 -22.20 24.41
N LYS D 273 12.35 -21.67 23.93
CA LYS D 273 12.11 -21.55 22.50
C LYS D 273 13.22 -20.74 21.75
N LEU D 274 13.89 -19.82 22.45
CA LEU D 274 15.04 -19.10 21.88
C LEU D 274 16.27 -19.98 21.88
N GLY D 275 16.21 -21.11 22.59
CA GLY D 275 17.36 -21.99 22.73
C GLY D 275 18.39 -21.54 23.75
N LEU D 276 18.03 -20.59 24.61
CA LEU D 276 18.93 -20.13 25.66
C LEU D 276 18.81 -20.96 26.93
N PRO D 277 19.88 -21.04 27.71
CA PRO D 277 19.70 -21.64 29.04
C PRO D 277 18.93 -20.69 29.96
N GLN D 278 18.19 -21.25 30.91
CA GLN D 278 17.40 -20.45 31.86
C GLN D 278 18.23 -19.43 32.67
N GLU D 279 19.52 -19.70 32.86
CA GLU D 279 20.41 -18.80 33.66
C GLU D 279 20.77 -17.50 32.95
N ARG D 280 20.42 -17.40 31.65
CA ARG D 280 20.63 -16.18 30.86
C ARG D 280 19.41 -15.24 30.86
N MET D 281 18.41 -15.55 31.69
CA MET D 281 17.18 -14.77 31.72
C MET D 281 17.11 -14.10 33.08
N ILE D 282 16.86 -12.79 33.11
CA ILE D 282 16.68 -12.09 34.41
C ILE D 282 15.26 -12.30 34.92
N VAL D 283 15.15 -12.72 36.17
CA VAL D 283 13.85 -13.06 36.72
C VAL D 283 13.63 -12.32 37.98
N THR D 284 12.60 -11.49 37.99
CA THR D 284 12.17 -10.70 39.15
C THR D 284 10.68 -10.93 39.51
N VAL D 285 9.95 -11.66 38.67
CA VAL D 285 8.48 -11.85 38.89
C VAL D 285 8.14 -12.34 40.28
N GLY D 286 9.03 -13.17 40.82
CA GLY D 286 8.82 -13.75 42.13
C GLY D 286 8.66 -12.72 43.24
N GLU D 287 9.39 -11.65 43.13
CA GLU D 287 9.40 -10.62 44.16
C GLU D 287 8.60 -9.37 43.73
N HIS D 288 8.51 -9.09 42.43
CA HIS D 288 7.90 -7.84 41.95
C HIS D 288 6.47 -8.03 41.54
N GLY D 289 6.14 -9.25 41.15
CA GLY D 289 4.89 -9.48 40.44
C GLY D 289 4.90 -8.83 39.08
N ASN D 290 3.73 -8.73 38.49
CA ASN D 290 3.58 -8.16 37.14
C ASN D 290 3.21 -6.70 37.31
N THR D 291 4.21 -5.83 37.08
CA THR D 291 4.02 -4.39 37.17
C THR D 291 3.86 -3.73 35.77
N SER D 292 3.30 -4.48 34.82
CA SER D 292 2.98 -3.96 33.48
C SER D 292 4.18 -3.21 32.93
N ALA D 293 4.02 -1.95 32.50
CA ALA D 293 5.08 -1.25 31.81
C ALA D 293 6.36 -1.08 32.64
N ALA D 294 6.23 -1.09 33.99
CA ALA D 294 7.38 -0.94 34.91
C ALA D 294 8.23 -2.21 34.97
N SER D 295 7.71 -3.29 34.44
CA SER D 295 8.30 -4.56 34.70
C SER D 295 9.74 -4.66 34.22
N ILE D 296 9.95 -4.41 32.93
CA ILE D 296 11.24 -4.64 32.27
C ILE D 296 12.33 -3.71 32.84
N PRO D 297 12.03 -2.41 33.02
CA PRO D 297 13.08 -1.53 33.54
C PRO D 297 13.40 -1.72 35.04
N LEU D 298 12.45 -2.24 35.80
CA LEU D 298 12.75 -2.77 37.14
C LEU D 298 13.80 -3.88 37.09
N ALA D 299 13.53 -4.90 36.29
CA ALA D 299 14.45 -6.02 36.11
C ALA D 299 15.79 -5.55 35.49
N LEU D 300 15.73 -4.68 34.49
CA LEU D 300 16.95 -4.10 33.95
C LEU D 300 17.84 -3.49 35.09
N ASP D 301 17.21 -2.72 35.96
CA ASP D 301 17.95 -1.94 36.98
C ASP D 301 18.60 -2.87 38.00
N VAL D 302 17.81 -3.85 38.47
CA VAL D 302 18.23 -4.85 39.42
C VAL D 302 19.47 -5.56 38.87
N ALA D 303 19.42 -5.94 37.60
CA ALA D 303 20.49 -6.77 37.02
C ALA D 303 21.73 -5.95 36.60
N VAL D 304 21.53 -4.69 36.24
CA VAL D 304 22.65 -3.81 36.04
C VAL D 304 23.38 -3.53 37.37
N ARG D 305 22.62 -3.19 38.40
CA ARG D 305 23.20 -2.79 39.65
C ARG D 305 23.73 -3.95 40.44
N ASP D 306 23.29 -5.19 40.20
CA ASP D 306 23.93 -6.33 40.90
C ASP D 306 25.06 -6.95 40.05
N GLY D 307 25.39 -6.30 38.93
CA GLY D 307 26.58 -6.63 38.17
C GLY D 307 26.42 -7.76 37.16
N ARG D 308 25.22 -8.24 36.96
CA ARG D 308 25.03 -9.27 35.94
C ARG D 308 25.21 -8.73 34.54
N ILE D 309 24.62 -7.58 34.26
CA ILE D 309 24.61 -7.04 32.92
C ILE D 309 25.81 -6.11 32.81
N LYS D 310 26.73 -6.42 31.91
CA LYS D 310 27.97 -5.69 31.81
C LYS D 310 28.06 -4.93 30.46
N ARG D 311 28.79 -3.82 30.47
CA ARG D 311 29.00 -3.05 29.24
C ARG D 311 29.45 -3.95 28.09
N GLY D 312 28.87 -3.75 26.91
CA GLY D 312 29.22 -4.50 25.73
C GLY D 312 28.34 -5.71 25.53
N GLN D 313 27.58 -6.10 26.55
CA GLN D 313 26.72 -7.26 26.41
C GLN D 313 25.41 -6.94 25.65
N ASN D 314 24.89 -7.93 24.95
CA ASN D 314 23.65 -7.80 24.21
C ASN D 314 22.45 -8.21 25.08
N VAL D 315 21.50 -7.30 25.24
CA VAL D 315 20.32 -7.56 26.03
C VAL D 315 19.09 -7.62 25.12
N LEU D 316 18.25 -8.65 25.29
CA LEU D 316 16.94 -8.70 24.59
C LEU D 316 15.84 -8.45 25.62
N ILE D 317 15.08 -7.36 25.43
CA ILE D 317 13.83 -7.11 26.18
C ILE D 317 12.64 -7.41 25.25
N GLU D 318 11.59 -8.04 25.80
CA GLU D 318 10.47 -8.59 24.99
C GLU D 318 9.26 -8.73 25.89
N GLY D 319 8.10 -8.32 25.43
CA GLY D 319 6.89 -8.55 26.20
C GLY D 319 5.65 -8.38 25.38
N VAL D 320 4.56 -8.83 25.95
CA VAL D 320 3.25 -8.67 25.37
C VAL D 320 2.36 -7.98 26.42
N GLY D 321 1.25 -7.42 25.98
CA GLY D 321 0.31 -6.78 26.89
C GLY D 321 -1.05 -6.60 26.27
N GLY D 322 -1.92 -5.88 26.99
CA GLY D 322 -3.25 -5.57 26.47
C GLY D 322 -3.24 -4.84 25.14
N GLY D 323 -4.19 -5.18 24.29
CA GLY D 323 -4.23 -4.61 22.98
C GLY D 323 -4.96 -5.50 22.01
N PHE D 324 -4.38 -6.64 21.63
CA PHE D 324 -3.09 -7.14 22.12
C PHE D 324 -1.96 -6.34 21.53
N THR D 325 -0.92 -6.10 22.32
CA THR D 325 0.31 -5.48 21.83
C THR D 325 1.48 -6.38 22.18
N TRP D 326 2.56 -6.27 21.43
CA TRP D 326 3.81 -6.87 21.80
C TRP D 326 4.95 -6.18 21.12
N GLY D 327 6.15 -6.37 21.64
CA GLY D 327 7.33 -5.72 21.05
C GLY D 327 8.61 -6.21 21.66
N ALA D 328 9.72 -5.92 21.01
CA ALA D 328 11.05 -6.30 21.54
C ALA D 328 12.07 -5.28 21.22
N SER D 329 13.12 -5.27 22.04
CA SER D 329 14.29 -4.45 21.71
C SER D 329 15.58 -5.18 22.00
N VAL D 330 16.56 -4.96 21.13
CA VAL D 330 17.89 -5.51 21.27
C VAL D 330 18.83 -4.31 21.61
N ILE D 331 19.43 -4.36 22.79
CA ILE D 331 20.20 -3.27 23.35
C ILE D 331 21.60 -3.77 23.73
N ARG D 332 22.64 -3.19 23.12
CA ARG D 332 24.00 -3.43 23.59
C ARG D 332 24.20 -2.48 24.74
N TYR D 333 24.34 -3.01 25.95
CA TYR D 333 24.41 -2.17 27.12
C TYR D 333 25.63 -1.28 27.09
C1 EDO E . 7.41 6.96 -20.83
O1 EDO E . 7.28 6.80 -22.25
C2 EDO E . 6.98 8.37 -20.44
O2 EDO E . 7.50 9.33 -21.38
#